data_7R3U
#
_entry.id   7R3U
#
_cell.length_a   137.401
_cell.length_b   68.704
_cell.length_c   144.151
_cell.angle_alpha   90.000
_cell.angle_beta   93.885
_cell.angle_gamma   90.000
#
_symmetry.space_group_name_H-M   'C 1 2 1'
#
loop_
_entity.id
_entity.type
_entity.pdbx_description
1 polymer 'Steroid C26-monooxygenase'
2 non-polymer 1-[4-(1,2,3-thiadiazol-4-yl)phenyl]methanamine
3 non-polymer 'PROTOPORPHYRIN IX CONTAINING FE'
4 non-polymer 'SULFATE ION'
5 non-polymer 'CHLORIDE ION'
6 water water
#
_entity_poly.entity_id   1
_entity_poly.type   'polypeptide(L)'
_entity_poly.pdbx_seq_one_letter_code
;NGPSPNLPPGFDFTDPAIYAERLPVAEFAELRSAAPIWWNGQDPGKGGGFHDGGFWAITKLNDVKEISRHSDVFSSYENG
VIPRFKNDIAREDIEVQRFVMLNMDAPHHTRLRKIISRGFTPRAVGRLHDELQERAQKIAAEAAAAGSGDFVEQVSCELP
LQAIAGLLGVPQEDRGKLFHWSNEMTGNEDPEYAHIDPKASSAELIGYAMKMAEEKAKNPADDIVTQLIQADIDGEKLSD
DEFGFFVVMLAVAGNETTRNSITQGMMAFAEHPDQWELYKKVRPETAADEIVRWATPVTAFQRTALRDYELSGVQIKKGQ
RVVMFYRSANFDEEVFQDPFTFNILRNPNPHVGFGGTGAHYCIGANLARMTINLIFNAVADHMPDLKPISAPERLRSGWL
NGIKHWQVDYTGRCPVAH
;
_entity_poly.pdbx_strand_id   A,B,C
#
loop_
_chem_comp.id
_chem_comp.type
_chem_comp.name
_chem_comp.formula
2QC non-polymer 1-[4-(1,2,3-thiadiazol-4-yl)phenyl]methanamine 'C9 H9 N3 S'
CL non-polymer 'CHLORIDE ION' 'Cl -1'
HEM non-polymer 'PROTOPORPHYRIN IX CONTAINING FE' 'C34 H32 Fe N4 O4'
SO4 non-polymer 'SULFATE ION' 'O4 S -2'
#
# COMPACT_ATOMS: atom_id res chain seq x y z
N PRO A 3 -5.89 -60.62 -20.48
CA PRO A 3 -7.16 -60.63 -19.73
C PRO A 3 -7.40 -59.30 -19.01
N SER A 4 -8.45 -58.58 -19.40
CA SER A 4 -8.73 -57.28 -18.80
C SER A 4 -9.13 -57.44 -17.33
N PRO A 5 -8.92 -56.41 -16.52
CA PRO A 5 -9.30 -56.51 -15.11
C PRO A 5 -10.81 -56.57 -14.95
N ASN A 6 -11.24 -57.32 -13.93
CA ASN A 6 -12.66 -57.51 -13.66
C ASN A 6 -13.17 -56.29 -12.89
N LEU A 7 -13.51 -55.26 -13.64
CA LEU A 7 -14.04 -54.02 -13.10
C LEU A 7 -15.29 -53.64 -13.88
N PRO A 8 -16.23 -52.94 -13.25
CA PRO A 8 -17.42 -52.50 -13.98
C PRO A 8 -17.02 -51.60 -15.14
N PRO A 9 -17.75 -51.65 -16.25
CA PRO A 9 -17.41 -50.81 -17.40
C PRO A 9 -17.42 -49.33 -17.01
N GLY A 10 -16.37 -48.62 -17.39
CA GLY A 10 -16.28 -47.20 -17.12
C GLY A 10 -15.87 -46.84 -15.72
N PHE A 11 -15.55 -47.82 -14.88
CA PHE A 11 -15.03 -47.56 -13.54
C PHE A 11 -13.89 -46.56 -13.60
N ASP A 12 -13.91 -45.58 -12.70
CA ASP A 12 -12.91 -44.52 -12.62
C ASP A 12 -12.41 -44.48 -11.18
N PHE A 13 -11.14 -44.81 -10.98
CA PHE A 13 -10.64 -44.87 -9.62
C PHE A 13 -10.51 -43.50 -8.96
N THR A 14 -10.77 -42.41 -9.67
CA THR A 14 -10.83 -41.08 -9.04
C THR A 14 -12.26 -40.59 -8.86
N ASP A 15 -13.25 -41.43 -9.08
CA ASP A 15 -14.65 -41.04 -8.96
C ASP A 15 -15.00 -40.71 -7.51
N PRO A 16 -15.32 -39.46 -7.18
CA PRO A 16 -15.65 -39.14 -5.78
C PRO A 16 -16.83 -39.92 -5.25
N ALA A 17 -17.76 -40.34 -6.11
CA ALA A 17 -18.92 -41.08 -5.63
C ALA A 17 -18.54 -42.41 -5.02
N ILE A 18 -17.41 -42.99 -5.45
CA ILE A 18 -16.93 -44.20 -4.81
C ILE A 18 -16.55 -43.90 -3.37
N TYR A 19 -15.64 -42.94 -3.18
CA TYR A 19 -15.05 -42.68 -1.87
C TYR A 19 -16.04 -42.14 -0.87
N ALA A 20 -17.14 -41.51 -1.33
CA ALA A 20 -18.19 -41.11 -0.40
C ALA A 20 -18.79 -42.30 0.34
N GLU A 21 -18.63 -43.49 -0.19
CA GLU A 21 -19.21 -44.69 0.39
C GLU A 21 -18.20 -45.69 0.89
N ARG A 22 -17.05 -45.81 0.23
CA ARG A 22 -16.14 -46.90 0.52
C ARG A 22 -14.79 -46.65 -0.14
N LEU A 23 -13.80 -47.37 0.34
CA LEU A 23 -12.53 -47.47 -0.37
C LEU A 23 -12.58 -48.64 -1.34
N PRO A 24 -12.21 -48.45 -2.62
CA PRO A 24 -12.34 -49.56 -3.59
C PRO A 24 -11.21 -50.57 -3.48
N VAL A 25 -11.19 -51.26 -2.33
CA VAL A 25 -10.05 -52.10 -1.98
C VAL A 25 -9.98 -53.33 -2.89
N ALA A 26 -11.12 -53.99 -3.11
CA ALA A 26 -11.12 -55.14 -4.01
C ALA A 26 -10.71 -54.73 -5.41
N GLU A 27 -11.14 -53.55 -5.85
CA GLU A 27 -10.82 -53.11 -7.20
C GLU A 27 -9.34 -52.82 -7.36
N PHE A 28 -8.70 -52.20 -6.36
CA PHE A 28 -7.26 -52.02 -6.41
C PHE A 28 -6.54 -53.36 -6.43
N ALA A 29 -7.00 -54.30 -5.60
CA ALA A 29 -6.36 -55.62 -5.56
C ALA A 29 -6.46 -56.31 -6.92
N GLU A 30 -7.59 -56.13 -7.61
CA GLU A 30 -7.74 -56.72 -8.94
C GLU A 30 -6.75 -56.11 -9.92
N LEU A 31 -6.52 -54.80 -9.86
CA LEU A 31 -5.52 -54.20 -10.74
C LEU A 31 -4.13 -54.74 -10.43
N ARG A 32 -3.77 -54.82 -9.14
CA ARG A 32 -2.44 -55.32 -8.78
C ARG A 32 -2.21 -56.71 -9.35
N SER A 33 -3.26 -57.54 -9.37
CA SER A 33 -3.12 -58.91 -9.87
C SER A 33 -3.18 -58.98 -11.40
N ALA A 34 -4.15 -58.29 -12.02
CA ALA A 34 -4.43 -58.50 -13.43
C ALA A 34 -3.97 -57.38 -14.36
N ALA A 35 -3.73 -56.18 -13.85
CA ALA A 35 -3.32 -55.07 -14.72
C ALA A 35 -2.66 -53.99 -13.87
N PRO A 36 -1.45 -54.24 -13.36
CA PRO A 36 -0.89 -53.33 -12.33
C PRO A 36 -0.65 -51.92 -12.82
N ILE A 37 -0.48 -51.71 -14.13
CA ILE A 37 -0.52 -50.40 -14.76
C ILE A 37 -1.63 -50.48 -15.80
N TRP A 38 -2.69 -49.70 -15.59
CA TRP A 38 -3.94 -49.87 -16.34
C TRP A 38 -4.47 -48.52 -16.78
N TRP A 39 -4.90 -48.45 -18.04
CA TRP A 39 -5.48 -47.21 -18.56
C TRP A 39 -6.89 -47.08 -18.01
N ASN A 40 -7.07 -46.08 -17.15
CA ASN A 40 -8.35 -45.61 -16.61
C ASN A 40 -8.94 -44.59 -17.57
N GLY A 41 -9.80 -45.04 -18.48
CA GLY A 41 -10.46 -44.11 -19.39
C GLY A 41 -11.44 -43.21 -18.66
N GLN A 42 -11.64 -42.00 -19.21
CA GLN A 42 -12.61 -41.05 -18.68
C GLN A 42 -13.44 -40.49 -19.82
N ASP A 43 -14.76 -40.50 -19.65
CA ASP A 43 -15.64 -40.03 -20.70
C ASP A 43 -15.54 -38.52 -20.85
N PRO A 44 -15.96 -37.98 -21.99
CA PRO A 44 -15.83 -36.53 -22.21
C PRO A 44 -16.52 -35.75 -21.10
N GLY A 45 -15.80 -34.79 -20.53
CA GLY A 45 -16.33 -33.97 -19.47
C GLY A 45 -16.36 -34.59 -18.10
N LYS A 46 -15.92 -35.85 -17.96
CA LYS A 46 -15.99 -36.56 -16.68
C LYS A 46 -14.60 -36.85 -16.11
N GLY A 47 -13.62 -36.04 -16.46
CA GLY A 47 -12.25 -36.27 -16.01
C GLY A 47 -11.80 -35.41 -14.84
N GLY A 48 -12.74 -34.81 -14.12
CA GLY A 48 -12.39 -34.05 -12.93
C GLY A 48 -11.49 -32.87 -13.17
N GLY A 49 -11.66 -32.19 -14.30
CA GLY A 49 -10.86 -31.04 -14.63
C GLY A 49 -9.81 -31.28 -15.68
N PHE A 50 -9.55 -32.54 -16.02
CA PHE A 50 -8.61 -32.92 -17.06
C PHE A 50 -9.38 -33.53 -18.22
N HIS A 51 -8.96 -33.16 -19.42
CA HIS A 51 -9.72 -33.39 -20.65
C HIS A 51 -8.86 -34.12 -21.66
N ASP A 52 -8.18 -35.17 -21.20
CA ASP A 52 -7.19 -35.86 -22.02
C ASP A 52 -7.52 -37.32 -22.25
N GLY A 53 -8.73 -37.75 -21.89
CA GLY A 53 -9.19 -39.09 -22.19
C GLY A 53 -8.96 -40.11 -21.12
N GLY A 54 -8.19 -39.80 -20.08
CA GLY A 54 -7.95 -40.74 -19.00
C GLY A 54 -6.53 -40.63 -18.50
N PHE A 55 -6.11 -41.67 -17.77
CA PHE A 55 -4.79 -41.65 -17.14
C PHE A 55 -4.36 -43.09 -16.89
N TRP A 56 -3.08 -43.26 -16.60
CA TRP A 56 -2.54 -44.55 -16.19
C TRP A 56 -2.71 -44.70 -14.68
N ALA A 57 -3.45 -45.73 -14.26
CA ALA A 57 -3.55 -46.08 -12.85
C ALA A 57 -2.30 -46.84 -12.45
N ILE A 58 -1.61 -46.35 -11.41
CA ILE A 58 -0.38 -46.97 -10.93
C ILE A 58 -0.69 -47.58 -9.57
N THR A 59 -0.54 -48.91 -9.47
CA THR A 59 -1.05 -49.63 -8.31
C THR A 59 0.01 -50.33 -7.48
N LYS A 60 1.22 -50.49 -7.99
CA LYS A 60 2.29 -51.20 -7.30
C LYS A 60 3.25 -50.21 -6.67
N LEU A 61 3.75 -50.55 -5.48
CA LEU A 61 4.59 -49.61 -4.72
C LEU A 61 5.90 -49.31 -5.46
N ASN A 62 6.51 -50.30 -6.11
CA ASN A 62 7.78 -50.03 -6.78
C ASN A 62 7.59 -49.05 -7.95
N ASP A 63 6.46 -49.12 -8.64
CA ASP A 63 6.19 -48.17 -9.72
C ASP A 63 5.93 -46.78 -9.15
N VAL A 64 5.25 -46.70 -8.01
CA VAL A 64 5.05 -45.41 -7.34
C VAL A 64 6.38 -44.79 -6.97
N LYS A 65 7.30 -45.59 -6.43
CA LYS A 65 8.63 -45.06 -6.11
C LYS A 65 9.39 -44.65 -7.37
N GLU A 66 9.28 -45.45 -8.43
CA GLU A 66 10.01 -45.12 -9.65
C GLU A 66 9.53 -43.80 -10.23
N ILE A 67 8.22 -43.62 -10.31
CA ILE A 67 7.67 -42.36 -10.80
C ILE A 67 8.14 -41.21 -9.93
N SER A 68 8.05 -41.39 -8.60
CA SER A 68 8.36 -40.32 -7.67
C SER A 68 9.82 -39.91 -7.73
N ARG A 69 10.72 -40.87 -7.97
CA ARG A 69 12.14 -40.55 -8.01
C ARG A 69 12.56 -39.98 -9.36
N HIS A 70 11.84 -40.29 -10.43
CA HIS A 70 12.14 -39.75 -11.75
C HIS A 70 11.32 -38.49 -12.01
N SER A 71 11.50 -37.51 -11.13
CA SER A 71 10.77 -36.25 -11.27
C SER A 71 11.27 -35.42 -12.45
N ASP A 72 12.44 -35.76 -13.01
CA ASP A 72 12.88 -35.14 -14.25
C ASP A 72 11.94 -35.47 -15.40
N VAL A 73 11.33 -36.66 -15.36
CA VAL A 73 10.39 -37.10 -16.38
C VAL A 73 8.94 -36.86 -15.96
N PHE A 74 8.60 -37.20 -14.72
CA PHE A 74 7.21 -37.19 -14.27
C PHE A 74 6.98 -35.91 -13.49
N SER A 75 6.32 -34.96 -14.13
CA SER A 75 6.24 -33.58 -13.68
C SER A 75 5.05 -33.37 -12.75
N SER A 76 5.26 -32.57 -11.72
CA SER A 76 4.19 -32.07 -10.88
C SER A 76 3.57 -30.81 -11.45
N TYR A 77 4.38 -29.98 -12.11
CA TYR A 77 3.95 -28.66 -12.53
C TYR A 77 2.96 -28.73 -13.70
N GLU A 78 3.16 -29.68 -14.61
CA GLU A 78 2.48 -29.60 -15.90
C GLU A 78 0.97 -29.62 -15.76
N ASN A 79 0.44 -30.47 -14.86
CA ASN A 79 -1.00 -30.51 -14.61
C ASN A 79 -1.33 -30.48 -13.12
N GLY A 80 -0.38 -30.12 -12.27
CA GLY A 80 -0.57 -30.25 -10.84
C GLY A 80 -0.61 -31.69 -10.41
N VAL A 81 -0.68 -31.94 -9.09
CA VAL A 81 -0.65 -33.30 -8.58
C VAL A 81 -2.00 -33.79 -8.08
N ILE A 82 -2.98 -32.91 -7.91
CA ILE A 82 -4.33 -33.34 -7.53
C ILE A 82 -4.97 -33.93 -8.77
N PRO A 83 -5.49 -35.17 -8.72
CA PRO A 83 -6.02 -35.82 -9.93
C PRO A 83 -7.51 -35.64 -10.15
N ARG A 84 -8.21 -34.92 -9.29
CA ARG A 84 -9.65 -34.81 -9.41
C ARG A 84 -10.13 -33.51 -8.79
N PHE A 85 -10.77 -32.68 -9.59
CA PHE A 85 -11.54 -31.51 -9.18
C PHE A 85 -12.98 -31.68 -9.66
N LYS A 86 -13.83 -30.69 -9.38
CA LYS A 86 -15.13 -30.65 -10.03
C LYS A 86 -14.93 -30.69 -11.54
N ASN A 87 -15.84 -31.38 -12.24
CA ASN A 87 -15.65 -31.58 -13.66
C ASN A 87 -15.57 -30.24 -14.43
N ASP A 88 -16.14 -29.17 -13.88
CA ASP A 88 -16.24 -27.90 -14.60
C ASP A 88 -15.17 -26.90 -14.18
N ILE A 89 -14.16 -27.32 -13.43
CA ILE A 89 -13.14 -26.38 -12.98
C ILE A 89 -12.44 -25.77 -14.19
N ALA A 90 -12.22 -24.46 -14.13
CA ALA A 90 -11.52 -23.77 -15.20
C ALA A 90 -10.04 -24.12 -15.20
N ARG A 91 -9.46 -24.26 -16.39
CA ARG A 91 -8.04 -24.59 -16.47
C ARG A 91 -7.20 -23.59 -15.69
N GLU A 92 -7.59 -22.31 -15.71
CA GLU A 92 -6.80 -21.31 -15.01
C GLU A 92 -6.78 -21.56 -13.51
N ASP A 93 -7.86 -22.13 -12.97
CA ASP A 93 -7.91 -22.44 -11.54
C ASP A 93 -7.07 -23.66 -11.19
N ILE A 94 -6.76 -24.52 -12.15
CA ILE A 94 -5.75 -25.55 -11.91
C ILE A 94 -4.36 -24.93 -11.95
N GLU A 95 -4.10 -24.06 -12.92
CA GLU A 95 -2.74 -23.56 -13.12
C GLU A 95 -2.31 -22.62 -12.01
N VAL A 96 -3.25 -21.90 -11.39
CA VAL A 96 -2.87 -21.04 -10.28
C VAL A 96 -2.32 -21.85 -9.12
N GLN A 97 -2.58 -23.16 -9.08
CA GLN A 97 -2.02 -23.99 -8.02
C GLN A 97 -0.54 -24.26 -8.21
N ARG A 98 0.01 -23.90 -9.37
CA ARG A 98 1.45 -23.99 -9.58
C ARG A 98 2.24 -23.04 -8.69
N PHE A 99 1.56 -22.12 -7.99
CA PHE A 99 2.29 -21.20 -7.12
C PHE A 99 2.59 -21.81 -5.74
N VAL A 100 2.13 -23.04 -5.44
CA VAL A 100 2.55 -23.73 -4.21
C VAL A 100 3.64 -24.73 -4.57
N MET A 101 4.52 -24.98 -3.61
CA MET A 101 5.70 -25.80 -3.84
CA MET A 101 5.71 -25.79 -3.88
C MET A 101 5.34 -27.20 -4.33
N LEU A 102 4.21 -27.72 -3.88
CA LEU A 102 3.79 -29.07 -4.26
C LEU A 102 3.66 -29.22 -5.77
N ASN A 103 3.28 -28.15 -6.48
CA ASN A 103 2.99 -28.20 -7.91
C ASN A 103 4.08 -27.57 -8.75
N MET A 104 5.32 -27.60 -8.25
CA MET A 104 6.47 -26.97 -8.87
C MET A 104 7.46 -28.05 -9.26
N ASP A 105 8.18 -27.83 -10.35
CA ASP A 105 9.27 -28.68 -10.76
C ASP A 105 10.60 -27.97 -10.51
N ALA A 106 11.68 -28.75 -10.50
CA ALA A 106 13.01 -28.15 -10.47
C ALA A 106 13.21 -27.30 -11.73
N PRO A 107 14.00 -26.22 -11.63
CA PRO A 107 14.76 -25.77 -10.45
C PRO A 107 13.97 -24.92 -9.46
N HIS A 108 12.81 -24.40 -9.86
CA HIS A 108 12.03 -23.56 -8.95
CA HIS A 108 12.02 -23.57 -8.94
C HIS A 108 11.72 -24.32 -7.65
N HIS A 109 11.26 -25.56 -7.77
CA HIS A 109 10.96 -26.36 -6.58
C HIS A 109 12.19 -26.54 -5.71
N THR A 110 13.35 -26.75 -6.34
CA THR A 110 14.58 -26.99 -5.59
C THR A 110 14.93 -25.78 -4.71
N ARG A 111 14.89 -24.58 -5.28
CA ARG A 111 15.18 -23.38 -4.51
C ARG A 111 14.20 -23.21 -3.37
N LEU A 112 12.90 -23.34 -3.66
CA LEU A 112 11.89 -23.10 -2.64
C LEU A 112 11.99 -24.13 -1.52
N ARG A 113 12.19 -25.41 -1.88
CA ARG A 113 12.30 -26.45 -0.87
C ARG A 113 13.51 -26.22 0.03
N LYS A 114 14.62 -25.78 -0.56
CA LYS A 114 15.80 -25.49 0.26
C LYS A 114 15.49 -24.41 1.28
N ILE A 115 14.77 -23.36 0.88
CA ILE A 115 14.41 -22.31 1.83
C ILE A 115 13.47 -22.88 2.89
N ILE A 116 12.43 -23.60 2.46
CA ILE A 116 11.45 -24.11 3.42
C ILE A 116 12.11 -25.05 4.43
N SER A 117 13.17 -25.74 4.03
N SER A 117 13.14 -25.78 4.02
CA SER A 117 13.79 -26.77 4.86
CA SER A 117 13.76 -26.77 4.90
C SER A 117 14.86 -26.23 5.81
C SER A 117 13.97 -26.23 6.31
N ARG A 118 15.37 -25.01 5.59
N ARG A 118 14.54 -25.03 6.43
CA ARG A 118 16.31 -24.44 6.56
CA ARG A 118 14.83 -24.48 7.74
C ARG A 118 15.61 -24.04 7.85
C ARG A 118 13.58 -24.30 8.59
N GLY A 119 14.30 -23.79 7.81
N GLY A 119 12.39 -24.37 7.99
CA GLY A 119 13.56 -23.49 9.01
CA GLY A 119 11.16 -24.38 8.74
C GLY A 119 12.72 -24.66 9.48
C GLY A 119 10.73 -25.74 9.22
N PHE A 120 12.40 -25.56 8.56
N PHE A 120 11.35 -26.80 8.72
CA PHE A 120 11.54 -26.73 8.83
CA PHE A 120 11.04 -28.16 9.11
C PHE A 120 12.43 -27.95 9.08
C PHE A 120 12.29 -28.88 9.60
N THR A 121 13.06 -27.95 10.24
N THR A 121 13.23 -28.14 10.15
CA THR A 121 14.10 -28.90 10.60
CA THR A 121 14.36 -28.76 10.79
C THR A 121 13.66 -29.83 11.73
C THR A 121 13.85 -29.70 11.88
N PRO A 122 14.44 -30.87 12.04
CA PRO A 122 14.10 -31.71 13.20
C PRO A 122 14.09 -30.93 14.50
N ARG A 123 15.04 -30.01 14.67
CA ARG A 123 15.05 -29.15 15.85
C ARG A 123 13.76 -28.35 15.95
N ALA A 124 13.35 -27.70 14.86
CA ALA A 124 12.14 -26.87 14.89
C ALA A 124 10.92 -27.71 15.26
N VAL A 125 10.79 -28.90 14.67
CA VAL A 125 9.65 -29.76 14.98
C VAL A 125 9.71 -30.23 16.43
N GLY A 126 10.90 -30.63 16.89
CA GLY A 126 11.02 -31.09 18.26
C GLY A 126 10.67 -30.02 19.27
N ARG A 127 10.88 -28.75 18.91
CA ARG A 127 10.53 -27.66 19.80
CA ARG A 127 10.52 -27.64 19.78
C ARG A 127 9.02 -27.51 20.00
N LEU A 128 8.22 -28.18 19.16
CA LEU A 128 6.77 -28.20 19.33
C LEU A 128 6.31 -29.36 20.19
N HIS A 129 7.21 -30.27 20.55
CA HIS A 129 6.80 -31.49 21.24
C HIS A 129 6.01 -31.19 22.51
N ASP A 130 6.57 -30.35 23.38
CA ASP A 130 5.97 -30.17 24.69
C ASP A 130 4.62 -29.49 24.60
N GLU A 131 4.49 -28.46 23.77
CA GLU A 131 3.20 -27.77 23.66
C GLU A 131 2.15 -28.66 23.01
N LEU A 132 2.53 -29.42 21.97
CA LEU A 132 1.56 -30.31 21.35
C LEU A 132 1.18 -31.46 22.27
N GLN A 133 2.09 -31.89 23.14
CA GLN A 133 1.76 -32.92 24.11
C GLN A 133 0.74 -32.42 25.12
N GLU A 134 0.97 -31.23 25.66
CA GLU A 134 -0.01 -30.61 26.55
C GLU A 134 -1.37 -30.44 25.88
N ARG A 135 -1.36 -30.04 24.61
CA ARG A 135 -2.62 -29.82 23.89
C ARG A 135 -3.35 -31.13 23.65
N ALA A 136 -2.61 -32.19 23.32
CA ALA A 136 -3.24 -33.48 23.08
C ALA A 136 -3.92 -34.00 24.34
N GLN A 137 -3.27 -33.85 25.49
CA GLN A 137 -3.85 -34.28 26.75
C GLN A 137 -5.12 -33.48 27.07
N LYS A 138 -5.08 -32.17 26.80
CA LYS A 138 -6.27 -31.34 27.02
C LYS A 138 -7.39 -31.76 26.08
N ILE A 139 -7.07 -32.02 24.82
CA ILE A 139 -8.10 -32.42 23.85
C ILE A 139 -8.78 -33.71 24.30
N ALA A 140 -7.99 -34.72 24.68
CA ALA A 140 -8.58 -36.00 25.04
C ALA A 140 -9.37 -35.91 26.33
N ALA A 141 -8.88 -35.15 27.31
CA ALA A 141 -9.60 -35.01 28.57
C ALA A 141 -10.95 -34.32 28.36
N GLU A 142 -10.98 -33.27 27.55
CA GLU A 142 -12.23 -32.56 27.29
C GLU A 142 -13.20 -33.43 26.51
N ALA A 143 -12.70 -34.21 25.55
CA ALA A 143 -13.57 -35.14 24.84
C ALA A 143 -14.20 -36.15 25.80
N ALA A 144 -13.36 -36.78 26.63
CA ALA A 144 -13.87 -37.78 27.57
C ALA A 144 -14.90 -37.16 28.50
N ALA A 145 -14.64 -35.95 28.99
CA ALA A 145 -15.60 -35.26 29.84
C ALA A 145 -16.97 -35.16 29.16
N ALA A 146 -16.99 -35.08 27.83
CA ALA A 146 -18.26 -34.96 27.11
C ALA A 146 -19.04 -36.27 27.07
N GLY A 147 -18.42 -37.39 27.41
CA GLY A 147 -19.11 -38.67 27.45
C GLY A 147 -19.20 -39.35 26.11
N SER A 148 -19.83 -38.69 25.14
CA SER A 148 -19.96 -39.22 23.79
C SER A 148 -19.94 -38.05 22.83
N GLY A 149 -19.63 -38.34 21.56
CA GLY A 149 -19.67 -37.30 20.56
C GLY A 149 -18.98 -37.73 19.28
N ASP A 150 -18.66 -36.72 18.47
CA ASP A 150 -18.06 -36.92 17.16
C ASP A 150 -16.54 -36.95 17.32
N PHE A 151 -15.97 -38.16 17.22
CA PHE A 151 -14.53 -38.33 17.39
C PHE A 151 -13.75 -37.45 16.43
N VAL A 152 -14.24 -37.29 15.20
CA VAL A 152 -13.53 -36.47 14.22
C VAL A 152 -13.35 -35.06 14.74
N GLU A 153 -14.42 -34.50 15.30
CA GLU A 153 -14.43 -33.10 15.69
C GLU A 153 -13.82 -32.86 17.05
N GLN A 154 -14.03 -33.78 17.99
CA GLN A 154 -13.59 -33.58 19.36
C GLN A 154 -12.23 -34.18 19.67
N VAL A 155 -11.71 -35.07 18.82
CA VAL A 155 -10.39 -35.66 19.03
C VAL A 155 -9.46 -35.42 17.84
N SER A 156 -9.95 -35.64 16.62
CA SER A 156 -9.04 -35.67 15.48
C SER A 156 -8.68 -34.29 14.95
N CYS A 157 -9.58 -33.31 15.06
CA CYS A 157 -9.42 -32.10 14.26
C CYS A 157 -8.35 -31.16 14.81
N GLU A 158 -8.29 -30.98 16.13
CA GLU A 158 -7.62 -29.78 16.63
C GLU A 158 -6.09 -29.90 16.64
N LEU A 159 -5.55 -31.09 16.93
CA LEU A 159 -4.11 -31.10 17.14
C LEU A 159 -3.36 -30.80 15.84
N PRO A 160 -3.78 -31.32 14.68
CA PRO A 160 -3.08 -30.95 13.44
C PRO A 160 -3.10 -29.45 13.17
N LEU A 161 -4.21 -28.79 13.47
CA LEU A 161 -4.27 -27.35 13.28
C LEU A 161 -3.35 -26.62 14.26
N GLN A 162 -3.30 -27.08 15.51
CA GLN A 162 -2.41 -26.44 16.47
C GLN A 162 -0.94 -26.67 16.13
N ALA A 163 -0.63 -27.77 15.45
CA ALA A 163 0.72 -27.99 14.97
C ALA A 163 1.11 -26.96 13.91
N ILE A 164 0.21 -26.66 12.99
CA ILE A 164 0.48 -25.64 11.99
C ILE A 164 0.62 -24.28 12.64
N ALA A 165 -0.25 -23.97 13.61
CA ALA A 165 -0.20 -22.68 14.27
C ALA A 165 1.09 -22.52 15.06
N GLY A 166 1.50 -23.56 15.78
CA GLY A 166 2.72 -23.47 16.58
C GLY A 166 3.97 -23.39 15.71
N LEU A 167 4.00 -24.16 14.63
CA LEU A 167 5.13 -24.09 13.71
C LEU A 167 5.31 -22.67 13.18
N LEU A 168 4.20 -22.01 12.84
CA LEU A 168 4.25 -20.68 12.27
C LEU A 168 4.24 -19.57 13.32
N GLY A 169 4.01 -19.90 14.59
CA GLY A 169 3.89 -18.89 15.61
C GLY A 169 2.68 -17.99 15.44
N VAL A 170 1.54 -18.57 15.08
CA VAL A 170 0.33 -17.77 14.87
C VAL A 170 -0.23 -17.36 16.23
N PRO A 171 -0.53 -16.08 16.45
CA PRO A 171 -1.12 -15.69 17.74
C PRO A 171 -2.40 -16.46 18.03
N GLN A 172 -2.63 -16.69 19.32
CA GLN A 172 -3.78 -17.49 19.73
C GLN A 172 -5.08 -16.84 19.30
N GLU A 173 -5.14 -15.51 19.28
CA GLU A 173 -6.36 -14.82 18.87
C GLU A 173 -6.65 -15.03 17.39
N ASP A 174 -5.66 -15.43 16.59
CA ASP A 174 -5.84 -15.60 15.15
C ASP A 174 -6.03 -17.06 14.75
N ARG A 175 -5.84 -18.01 15.67
CA ARG A 175 -5.89 -19.41 15.28
C ARG A 175 -7.29 -19.81 14.82
N GLY A 176 -8.33 -19.16 15.36
CA GLY A 176 -9.68 -19.44 14.90
C GLY A 176 -9.84 -19.21 13.41
N LYS A 177 -9.44 -18.03 12.93
CA LYS A 177 -9.61 -17.76 11.51
C LYS A 177 -8.63 -18.57 10.67
N LEU A 178 -7.41 -18.80 11.17
CA LEU A 178 -6.50 -19.68 10.46
C LEU A 178 -7.11 -21.06 10.27
N PHE A 179 -7.72 -21.60 11.34
CA PHE A 179 -8.33 -22.93 11.23
C PHE A 179 -9.52 -22.89 10.28
N HIS A 180 -10.30 -21.81 10.31
CA HIS A 180 -11.40 -21.67 9.38
C HIS A 180 -10.92 -21.71 7.94
N TRP A 181 -9.88 -20.93 7.63
CA TRP A 181 -9.39 -20.90 6.24
C TRP A 181 -8.87 -22.27 5.82
N SER A 182 -8.10 -22.92 6.68
CA SER A 182 -7.60 -24.25 6.32
C SER A 182 -8.76 -25.20 6.01
N ASN A 183 -9.79 -25.20 6.84
CA ASN A 183 -10.91 -26.12 6.62
C ASN A 183 -11.69 -25.81 5.35
N GLU A 184 -11.64 -24.57 4.88
CA GLU A 184 -12.39 -24.13 3.71
C GLU A 184 -11.74 -24.51 2.40
N MET A 185 -10.57 -25.13 2.42
CA MET A 185 -9.80 -25.39 1.22
C MET A 185 -9.78 -26.86 0.84
N THR A 186 -10.69 -27.66 1.38
N THR A 186 -10.70 -27.66 1.38
CA THR A 186 -10.74 -29.08 1.10
CA THR A 186 -10.74 -29.08 1.10
C THR A 186 -12.17 -29.58 1.29
C THR A 186 -12.17 -29.58 1.28
N GLY A 187 -12.60 -30.49 0.42
CA GLY A 187 -13.88 -31.14 0.53
C GLY A 187 -15.01 -30.55 -0.28
N ASN A 188 -14.73 -29.62 -1.20
CA ASN A 188 -15.79 -28.86 -1.84
C ASN A 188 -16.67 -29.68 -2.78
N GLU A 189 -16.33 -30.95 -3.05
CA GLU A 189 -17.19 -31.82 -3.84
C GLU A 189 -18.16 -32.64 -2.99
N ASP A 190 -18.12 -32.49 -1.67
CA ASP A 190 -19.06 -33.15 -0.78
C ASP A 190 -20.26 -32.24 -0.51
N PRO A 191 -21.49 -32.73 -0.60
CA PRO A 191 -22.65 -31.85 -0.38
C PRO A 191 -22.57 -31.08 0.93
N GLU A 192 -21.96 -31.66 1.95
CA GLU A 192 -21.88 -30.99 3.25
C GLU A 192 -21.06 -29.71 3.17
N TYR A 193 -20.14 -29.64 2.21
CA TYR A 193 -19.25 -28.50 2.05
C TYR A 193 -19.46 -27.79 0.71
N ALA A 194 -20.63 -27.96 0.09
CA ALA A 194 -20.86 -27.41 -1.23
C ALA A 194 -20.66 -25.90 -1.28
N HIS A 195 -20.75 -25.22 -0.14
CA HIS A 195 -20.70 -23.77 -0.13
C HIS A 195 -19.33 -23.21 0.21
N ILE A 196 -18.32 -24.05 0.48
CA ILE A 196 -17.00 -23.50 0.70
C ILE A 196 -16.46 -22.96 -0.62
N ASP A 197 -15.55 -21.99 -0.52
CA ASP A 197 -14.91 -21.34 -1.67
C ASP A 197 -13.42 -21.39 -1.44
N PRO A 198 -12.73 -22.43 -1.92
CA PRO A 198 -11.30 -22.56 -1.61
C PRO A 198 -10.46 -21.46 -2.21
N LYS A 199 -10.82 -20.95 -3.40
CA LYS A 199 -10.08 -19.85 -4.00
C LYS A 199 -10.20 -18.59 -3.14
N ALA A 200 -11.42 -18.26 -2.73
CA ALA A 200 -11.62 -17.09 -1.87
C ALA A 200 -10.91 -17.27 -0.54
N SER A 201 -10.95 -18.47 0.03
CA SER A 201 -10.25 -18.71 1.28
C SER A 201 -8.75 -18.61 1.10
N SER A 202 -8.21 -19.17 0.01
CA SER A 202 -6.78 -19.08 -0.21
C SER A 202 -6.35 -17.62 -0.32
N ALA A 203 -7.16 -16.79 -0.97
CA ALA A 203 -6.81 -15.37 -1.10
C ALA A 203 -6.81 -14.67 0.26
N GLU A 204 -7.78 -15.00 1.12
CA GLU A 204 -7.80 -14.41 2.45
C GLU A 204 -6.57 -14.84 3.26
N LEU A 205 -6.16 -16.10 3.11
CA LEU A 205 -5.02 -16.61 3.86
C LEU A 205 -3.72 -16.00 3.35
N ILE A 206 -3.61 -15.78 2.05
CA ILE A 206 -2.43 -15.10 1.52
C ILE A 206 -2.35 -13.69 2.09
N GLY A 207 -3.46 -12.98 2.08
CA GLY A 207 -3.48 -11.64 2.65
C GLY A 207 -3.06 -11.63 4.10
N TYR A 208 -3.60 -12.56 4.88
CA TYR A 208 -3.20 -12.67 6.28
C TYR A 208 -1.72 -12.99 6.40
N ALA A 209 -1.25 -13.95 5.61
CA ALA A 209 0.13 -14.41 5.72
C ALA A 209 1.12 -13.31 5.33
N MET A 210 0.78 -12.51 4.32
CA MET A 210 1.69 -11.43 3.93
C MET A 210 1.80 -10.39 5.03
N LYS A 211 0.71 -10.10 5.75
CA LYS A 211 0.80 -9.22 6.90
C LYS A 211 1.64 -9.85 8.01
N MET A 212 1.52 -11.17 8.19
CA MET A 212 2.36 -11.85 9.17
C MET A 212 3.84 -11.71 8.80
N ALA A 213 4.17 -11.94 7.53
CA ALA A 213 5.56 -11.81 7.11
C ALA A 213 6.12 -10.44 7.43
N GLU A 214 5.34 -9.39 7.13
CA GLU A 214 5.80 -8.03 7.41
C GLU A 214 5.97 -7.81 8.91
N GLU A 215 5.06 -8.36 9.72
CA GLU A 215 5.14 -8.19 11.17
C GLU A 215 6.33 -8.94 11.74
N LYS A 216 6.48 -10.23 11.40
CA LYS A 216 7.53 -11.03 12.01
C LYS A 216 8.92 -10.65 11.50
N ALA A 217 9.01 -9.91 10.39
CA ALA A 217 10.29 -9.36 9.99
C ALA A 217 10.77 -8.31 10.98
N LYS A 218 9.84 -7.60 11.62
CA LYS A 218 10.19 -6.59 12.60
C LYS A 218 10.49 -7.20 13.96
N ASN A 219 9.85 -8.32 14.30
CA ASN A 219 10.00 -8.97 15.60
C ASN A 219 10.25 -10.45 15.41
N PRO A 220 11.49 -10.85 15.18
CA PRO A 220 11.81 -12.28 15.14
C PRO A 220 11.37 -12.98 16.41
N ALA A 221 10.87 -14.21 16.26
CA ALA A 221 10.35 -14.98 17.39
C ALA A 221 10.73 -16.45 17.22
N ASP A 222 10.38 -17.25 18.24
CA ASP A 222 10.73 -18.67 18.29
C ASP A 222 9.80 -19.47 17.39
N ASP A 223 9.96 -19.25 16.08
CA ASP A 223 9.22 -20.01 15.10
C ASP A 223 10.08 -20.14 13.85
N ILE A 224 9.48 -20.66 12.78
CA ILE A 224 10.20 -20.87 11.54
C ILE A 224 10.11 -19.68 10.61
N VAL A 225 9.17 -18.76 10.83
CA VAL A 225 8.94 -17.67 9.89
C VAL A 225 10.21 -16.85 9.70
N THR A 226 10.87 -16.51 10.81
CA THR A 226 12.06 -15.69 10.74
C THR A 226 13.13 -16.35 9.89
N GLN A 227 13.29 -17.66 10.04
CA GLN A 227 14.26 -18.36 9.19
C GLN A 227 13.86 -18.33 7.72
N LEU A 228 12.55 -18.26 7.44
CA LEU A 228 12.09 -18.33 6.07
C LEU A 228 12.24 -16.97 5.34
N ILE A 229 11.92 -15.89 6.05
CA ILE A 229 11.87 -14.55 5.46
C ILE A 229 13.18 -13.76 5.63
N GLN A 230 14.26 -14.42 6.02
CA GLN A 230 15.56 -13.78 6.18
C GLN A 230 16.53 -14.32 5.14
N ALA A 231 17.16 -13.40 4.40
CA ALA A 231 18.11 -13.78 3.35
C ALA A 231 19.31 -14.53 3.93
N ASP A 232 19.77 -15.56 3.22
CA ASP A 232 20.96 -16.32 3.66
C ASP A 232 22.20 -15.68 3.01
N ILE A 233 23.27 -16.45 2.81
CA ILE A 233 24.50 -15.90 2.19
C ILE A 233 24.24 -15.46 0.75
N ASP A 234 23.44 -16.23 0.03
CA ASP A 234 23.09 -15.95 -1.36
C ASP A 234 21.89 -15.03 -1.49
N GLY A 235 21.41 -14.47 -0.38
CA GLY A 235 20.26 -13.62 -0.38
C GLY A 235 18.96 -14.32 -0.68
N GLU A 236 18.93 -15.62 -0.49
CA GLU A 236 17.76 -16.45 -0.76
C GLU A 236 16.81 -16.37 0.43
N LYS A 237 15.54 -16.13 0.14
CA LYS A 237 14.52 -16.01 1.17
C LYS A 237 13.17 -16.01 0.47
N LEU A 238 12.13 -16.33 1.24
CA LEU A 238 10.77 -16.21 0.75
C LEU A 238 10.38 -14.74 0.73
N SER A 239 9.96 -14.24 -0.43
CA SER A 239 9.26 -12.97 -0.46
C SER A 239 7.99 -13.07 0.37
N ASP A 240 7.36 -11.93 0.61
CA ASP A 240 6.12 -11.95 1.40
C ASP A 240 5.05 -12.80 0.73
N ASP A 241 4.91 -12.69 -0.59
CA ASP A 241 3.87 -13.48 -1.26
C ASP A 241 4.26 -14.95 -1.32
N GLU A 242 5.56 -15.25 -1.43
CA GLU A 242 6.00 -16.64 -1.36
C GLU A 242 5.70 -17.24 0.01
N PHE A 243 5.93 -16.48 1.08
CA PHE A 243 5.50 -16.94 2.40
C PHE A 243 4.01 -17.19 2.42
N GLY A 244 3.24 -16.32 1.76
CA GLY A 244 1.81 -16.53 1.70
C GLY A 244 1.45 -17.85 1.04
N PHE A 245 2.07 -18.15 -0.10
CA PHE A 245 1.77 -19.42 -0.76
C PHE A 245 2.28 -20.60 0.05
N PHE A 246 3.33 -20.41 0.85
CA PHE A 246 3.76 -21.48 1.75
C PHE A 246 2.72 -21.72 2.83
N VAL A 247 2.16 -20.65 3.41
CA VAL A 247 1.14 -20.83 4.42
C VAL A 247 -0.05 -21.57 3.83
N VAL A 248 -0.49 -21.16 2.63
CA VAL A 248 -1.55 -21.90 1.95
C VAL A 248 -1.17 -23.36 1.81
N MET A 249 0.08 -23.60 1.41
CA MET A 249 0.58 -24.97 1.27
CA MET A 249 0.56 -24.97 1.27
C MET A 249 0.39 -25.74 2.58
N LEU A 250 0.89 -25.18 3.68
CA LEU A 250 0.79 -25.88 4.95
C LEU A 250 -0.66 -26.08 5.35
N ALA A 251 -1.45 -25.01 5.26
CA ALA A 251 -2.86 -25.09 5.62
C ALA A 251 -3.57 -26.22 4.89
N VAL A 252 -3.19 -26.49 3.65
CA VAL A 252 -3.86 -27.57 2.91
C VAL A 252 -3.16 -28.92 3.05
N ALA A 253 -1.89 -28.94 3.42
CA ALA A 253 -1.13 -30.18 3.44
C ALA A 253 -1.14 -30.87 4.78
N GLY A 254 -1.17 -30.12 5.87
CA GLY A 254 -0.98 -30.68 7.19
C GLY A 254 -2.20 -30.63 8.07
N ASN A 255 -3.37 -30.42 7.49
CA ASN A 255 -4.58 -30.30 8.31
C ASN A 255 -5.38 -31.59 8.21
N GLU A 256 -6.22 -31.71 7.18
CA GLU A 256 -7.12 -32.86 7.11
C GLU A 256 -6.40 -34.18 6.85
N THR A 257 -5.18 -34.16 6.28
CA THR A 257 -4.42 -35.40 6.13
C THR A 257 -4.16 -36.04 7.50
N THR A 258 -3.60 -35.27 8.43
CA THR A 258 -3.31 -35.82 9.75
C THR A 258 -4.59 -36.14 10.51
N ARG A 259 -5.60 -35.27 10.38
CA ARG A 259 -6.90 -35.53 10.98
C ARG A 259 -7.44 -36.89 10.56
N ASN A 260 -7.40 -37.17 9.26
CA ASN A 260 -7.98 -38.42 8.77
C ASN A 260 -7.12 -39.61 9.16
N SER A 261 -5.81 -39.42 9.34
CA SER A 261 -4.98 -40.48 9.87
CA SER A 261 -5.00 -40.51 9.86
C SER A 261 -5.40 -40.83 11.29
N ILE A 262 -5.74 -39.83 12.09
CA ILE A 262 -6.14 -40.08 13.46
C ILE A 262 -7.49 -40.78 13.51
N THR A 263 -8.46 -40.29 12.74
CA THR A 263 -9.77 -40.92 12.76
C THR A 263 -9.70 -42.37 12.31
N GLN A 264 -9.01 -42.63 11.19
CA GLN A 264 -8.94 -43.98 10.67
C GLN A 264 -7.99 -44.85 11.48
N GLY A 265 -7.02 -44.25 12.16
CA GLY A 265 -6.23 -45.01 13.12
C GLY A 265 -7.08 -45.55 14.24
N MET A 266 -8.00 -44.73 14.77
CA MET A 266 -8.85 -45.21 15.85
C MET A 266 -9.94 -46.14 15.34
N MET A 267 -10.41 -45.91 14.11
CA MET A 267 -11.28 -46.90 13.48
C MET A 267 -10.59 -48.25 13.41
N ALA A 268 -9.30 -48.26 13.04
CA ALA A 268 -8.57 -49.53 12.95
C ALA A 268 -8.45 -50.18 14.33
N PHE A 269 -8.17 -49.38 15.36
CA PHE A 269 -8.09 -49.93 16.71
C PHE A 269 -9.43 -50.51 17.16
N ALA A 270 -10.53 -49.84 16.78
CA ALA A 270 -11.85 -50.37 17.13
C ALA A 270 -12.09 -51.72 16.48
N GLU A 271 -11.55 -51.93 15.29
CA GLU A 271 -11.73 -53.18 14.56
C GLU A 271 -10.74 -54.26 14.97
N HIS A 272 -9.63 -53.87 15.60
CA HIS A 272 -8.57 -54.81 16.00
C HIS A 272 -8.29 -54.63 17.48
N PRO A 273 -9.19 -55.11 18.34
CA PRO A 273 -9.03 -54.86 19.78
C PRO A 273 -7.69 -55.33 20.34
N ASP A 274 -7.12 -56.41 19.81
CA ASP A 274 -5.83 -56.88 20.32
C ASP A 274 -4.72 -55.88 20.07
N GLN A 275 -4.77 -55.18 18.93
CA GLN A 275 -3.78 -54.13 18.68
C GLN A 275 -3.99 -52.93 19.60
N TRP A 276 -5.24 -52.62 19.94
CA TRP A 276 -5.50 -51.53 20.88
C TRP A 276 -4.99 -51.88 22.27
N GLU A 277 -5.23 -53.11 22.74
CA GLU A 277 -4.68 -53.51 24.03
C GLU A 277 -3.17 -53.42 24.03
N LEU A 278 -2.52 -53.91 22.97
CA LEU A 278 -1.06 -53.82 22.88
C LEU A 278 -0.61 -52.36 22.88
N TYR A 279 -1.34 -51.50 22.18
CA TYR A 279 -0.94 -50.11 22.13
C TYR A 279 -0.99 -49.48 23.51
N LYS A 280 -2.10 -49.64 24.21
CA LYS A 280 -2.25 -49.02 25.52
C LYS A 280 -1.14 -49.43 26.47
N LYS A 281 -0.61 -50.64 26.32
CA LYS A 281 0.40 -51.14 27.26
C LYS A 281 1.80 -50.68 26.88
N VAL A 282 2.14 -50.74 25.59
CA VAL A 282 3.51 -50.50 25.14
C VAL A 282 3.65 -49.10 24.56
N ARG A 283 2.56 -48.58 23.99
CA ARG A 283 2.56 -47.27 23.35
C ARG A 283 3.63 -47.20 22.27
N PRO A 284 3.70 -48.18 21.36
CA PRO A 284 4.80 -48.20 20.38
C PRO A 284 4.64 -47.10 19.35
N GLU A 285 5.71 -46.32 19.14
CA GLU A 285 5.61 -45.26 18.15
C GLU A 285 5.61 -45.77 16.73
N THR A 286 5.97 -47.04 16.50
CA THR A 286 5.75 -47.65 15.20
C THR A 286 4.28 -47.62 14.81
N ALA A 287 3.38 -47.46 15.80
CA ALA A 287 1.96 -47.37 15.51
C ALA A 287 1.63 -46.23 14.56
N ALA A 288 2.34 -45.10 14.65
CA ALA A 288 2.03 -43.97 13.79
C ALA A 288 2.20 -44.35 12.32
N ASP A 289 3.26 -45.08 11.99
CA ASP A 289 3.47 -45.43 10.59
C ASP A 289 2.46 -46.46 10.11
N GLU A 290 2.09 -47.43 10.96
CA GLU A 290 1.05 -48.35 10.55
C GLU A 290 -0.29 -47.64 10.42
N ILE A 291 -0.54 -46.63 11.24
CA ILE A 291 -1.77 -45.85 11.11
C ILE A 291 -1.79 -45.08 9.80
N VAL A 292 -0.65 -44.51 9.40
CA VAL A 292 -0.61 -43.77 8.13
C VAL A 292 -0.72 -44.73 6.96
N ARG A 293 -0.05 -45.89 7.03
CA ARG A 293 -0.22 -46.89 5.98
C ARG A 293 -1.69 -47.31 5.86
N TRP A 294 -2.31 -47.59 7.00
CA TRP A 294 -3.69 -48.07 7.00
C TRP A 294 -4.64 -46.98 6.55
N ALA A 295 -4.39 -45.73 6.96
CA ALA A 295 -5.30 -44.64 6.65
C ALA A 295 -5.11 -44.07 5.25
N THR A 296 -3.88 -44.13 4.74
CA THR A 296 -3.48 -43.51 3.46
C THR A 296 -4.34 -42.29 3.16
N PRO A 297 -4.16 -41.21 3.92
CA PRO A 297 -5.06 -40.05 3.81
C PRO A 297 -5.08 -39.41 2.44
N VAL A 298 -3.96 -39.38 1.74
CA VAL A 298 -3.94 -39.01 0.33
C VAL A 298 -4.03 -40.30 -0.46
N THR A 299 -5.20 -40.54 -1.06
CA THR A 299 -5.38 -41.76 -1.84
C THR A 299 -4.45 -41.78 -3.04
N ALA A 300 -4.29 -40.64 -3.69
CA ALA A 300 -3.53 -40.59 -4.92
C ALA A 300 -3.07 -39.16 -5.23
N PHE A 301 -1.87 -39.06 -5.77
CA PHE A 301 -1.38 -37.87 -6.46
C PHE A 301 -0.93 -38.29 -7.86
N GLN A 302 -0.95 -37.34 -8.80
CA GLN A 302 -0.58 -37.64 -10.17
C GLN A 302 0.71 -36.93 -10.57
N ARG A 303 1.24 -37.36 -11.71
CA ARG A 303 2.31 -36.70 -12.43
C ARG A 303 1.97 -36.72 -13.91
N THR A 304 2.71 -35.94 -14.69
CA THR A 304 2.55 -35.90 -16.14
C THR A 304 3.89 -36.20 -16.81
N ALA A 305 3.89 -37.15 -17.74
CA ALA A 305 5.13 -37.48 -18.43
C ALA A 305 5.54 -36.34 -19.35
N LEU A 306 6.78 -35.87 -19.17
CA LEU A 306 7.38 -34.86 -20.03
C LEU A 306 8.02 -35.46 -21.27
N ARG A 307 8.18 -36.78 -21.31
CA ARG A 307 8.68 -37.48 -22.49
C ARG A 307 8.16 -38.90 -22.41
N ASP A 308 8.27 -39.61 -23.53
CA ASP A 308 7.99 -41.04 -23.53
C ASP A 308 8.85 -41.73 -22.48
N TYR A 309 8.26 -42.71 -21.80
CA TYR A 309 8.94 -43.41 -20.71
C TYR A 309 8.31 -44.79 -20.56
N GLU A 310 9.14 -45.82 -20.53
CA GLU A 310 8.69 -47.20 -20.35
C GLU A 310 8.75 -47.57 -18.86
N LEU A 311 7.59 -47.89 -18.29
CA LEU A 311 7.48 -48.18 -16.87
C LEU A 311 6.96 -49.60 -16.69
N SER A 312 7.80 -50.47 -16.14
CA SER A 312 7.42 -51.85 -15.91
C SER A 312 6.77 -52.45 -17.16
N GLY A 313 7.38 -52.16 -18.31
CA GLY A 313 6.95 -52.75 -19.56
C GLY A 313 5.81 -52.03 -20.25
N VAL A 314 5.28 -50.95 -19.67
CA VAL A 314 4.19 -50.19 -20.27
C VAL A 314 4.75 -48.89 -20.82
N GLN A 315 4.41 -48.58 -22.07
CA GLN A 315 4.89 -47.37 -22.72
C GLN A 315 4.00 -46.20 -22.30
N ILE A 316 4.51 -45.37 -21.39
CA ILE A 316 3.89 -44.09 -21.08
C ILE A 316 4.28 -43.09 -22.14
N LYS A 317 3.32 -42.33 -22.64
CA LYS A 317 3.55 -41.36 -23.71
C LYS A 317 3.67 -39.95 -23.15
N LYS A 318 4.56 -39.16 -23.74
CA LYS A 318 4.67 -37.74 -23.41
C LYS A 318 3.28 -37.11 -23.34
N GLY A 319 3.05 -36.35 -22.27
CA GLY A 319 1.79 -35.67 -22.08
C GLY A 319 0.77 -36.44 -21.28
N GLN A 320 0.94 -37.75 -21.12
CA GLN A 320 -0.03 -38.55 -20.41
C GLN A 320 0.14 -38.39 -18.90
N ARG A 321 -0.98 -38.49 -18.19
CA ARG A 321 -0.94 -38.46 -16.74
C ARG A 321 -0.80 -39.87 -16.20
N VAL A 322 -0.02 -39.99 -15.13
CA VAL A 322 0.04 -41.20 -14.33
C VAL A 322 -0.48 -40.85 -12.94
N VAL A 323 -1.37 -41.69 -12.41
CA VAL A 323 -1.94 -41.45 -11.09
C VAL A 323 -1.41 -42.52 -10.14
N MET A 324 -0.74 -42.07 -9.09
CA MET A 324 -0.06 -42.94 -8.13
C MET A 324 -1.05 -43.23 -7.01
N PHE A 325 -1.59 -44.44 -6.98
CA PHE A 325 -2.57 -44.79 -5.97
C PHE A 325 -1.85 -45.34 -4.74
N TYR A 326 -1.53 -44.42 -3.81
CA TYR A 326 -0.86 -44.82 -2.58
C TYR A 326 -1.70 -45.84 -1.83
N ARG A 327 -3.03 -45.73 -1.91
CA ARG A 327 -3.91 -46.68 -1.22
C ARG A 327 -3.71 -48.09 -1.73
N SER A 328 -3.38 -48.25 -3.02
CA SER A 328 -3.05 -49.58 -3.52
C SER A 328 -1.63 -49.99 -3.12
N ALA A 329 -0.67 -49.10 -3.31
CA ALA A 329 0.73 -49.43 -3.03
C ALA A 329 0.94 -49.80 -1.57
N ASN A 330 0.17 -49.19 -0.66
CA ASN A 330 0.38 -49.47 0.75
C ASN A 330 -0.14 -50.82 1.17
N PHE A 331 -0.75 -51.56 0.25
CA PHE A 331 -1.24 -52.91 0.50
C PHE A 331 -0.68 -53.86 -0.54
N ASP A 332 0.48 -53.51 -1.10
CA ASP A 332 1.14 -54.29 -2.15
C ASP A 332 1.73 -55.55 -1.54
N GLU A 333 1.18 -56.70 -1.95
CA GLU A 333 1.59 -57.99 -1.41
C GLU A 333 3.06 -58.29 -1.64
N GLU A 334 3.67 -57.69 -2.67
CA GLU A 334 5.07 -57.96 -2.95
C GLU A 334 6.02 -57.18 -2.04
N VAL A 335 5.51 -56.23 -1.26
CA VAL A 335 6.34 -55.43 -0.38
C VAL A 335 6.07 -55.73 1.09
N PHE A 336 4.80 -55.94 1.44
CA PHE A 336 4.39 -56.09 2.83
C PHE A 336 4.03 -57.54 3.12
N GLN A 337 4.41 -57.99 4.32
CA GLN A 337 3.98 -59.27 4.86
C GLN A 337 2.61 -59.09 5.50
N ASP A 338 1.60 -59.73 4.94
CA ASP A 338 0.25 -59.61 5.48
C ASP A 338 -0.19 -58.15 5.42
N PRO A 339 -0.29 -57.57 4.22
CA PRO A 339 -0.66 -56.15 4.13
C PRO A 339 -1.99 -55.82 4.75
N PHE A 340 -2.92 -56.78 4.77
CA PHE A 340 -4.25 -56.54 5.32
C PHE A 340 -4.36 -56.94 6.78
N THR A 341 -3.23 -57.17 7.44
CA THR A 341 -3.16 -57.22 8.89
C THR A 341 -2.74 -55.84 9.41
N PHE A 342 -3.51 -55.30 10.34
CA PHE A 342 -3.15 -54.08 11.06
C PHE A 342 -2.17 -54.46 12.16
N ASN A 343 -0.89 -54.07 12.01
CA ASN A 343 0.19 -54.49 12.91
C ASN A 343 0.97 -53.26 13.36
N ILE A 344 0.69 -52.78 14.58
CA ILE A 344 1.31 -51.53 15.01
C ILE A 344 2.80 -51.66 15.29
N LEU A 345 3.34 -52.88 15.30
CA LEU A 345 4.77 -53.08 15.47
C LEU A 345 5.50 -53.29 14.15
N ARG A 346 4.81 -53.18 13.02
CA ARG A 346 5.44 -53.38 11.73
C ARG A 346 6.70 -52.52 11.60
N ASN A 347 7.81 -53.17 11.24
CA ASN A 347 9.13 -52.54 11.28
C ASN A 347 10.17 -53.38 10.55
N PRO A 348 10.78 -52.86 9.47
CA PRO A 348 10.55 -51.55 8.84
C PRO A 348 9.15 -51.47 8.24
N ASN A 349 8.68 -50.25 7.98
CA ASN A 349 7.36 -50.04 7.41
C ASN A 349 7.54 -49.11 6.21
N PRO A 350 7.83 -49.66 5.04
CA PRO A 350 8.16 -48.80 3.89
C PRO A 350 6.93 -48.30 3.13
N HIS A 351 5.88 -47.90 3.85
CA HIS A 351 4.69 -47.40 3.17
C HIS A 351 5.00 -46.09 2.43
N VAL A 352 4.08 -45.73 1.54
CA VAL A 352 4.20 -44.51 0.73
C VAL A 352 3.05 -43.57 1.05
N GLY A 353 2.55 -43.62 2.29
CA GLY A 353 1.53 -42.67 2.71
C GLY A 353 2.01 -41.24 2.64
N PHE A 354 3.31 -41.01 2.83
CA PHE A 354 3.93 -39.70 2.68
C PHE A 354 4.51 -39.51 1.28
N GLY A 355 4.13 -40.36 0.34
CA GLY A 355 4.59 -40.31 -1.03
C GLY A 355 5.68 -41.32 -1.28
N GLY A 356 6.05 -41.42 -2.56
CA GLY A 356 7.27 -42.11 -2.89
C GLY A 356 8.47 -41.23 -2.56
N THR A 357 9.55 -41.87 -2.14
CA THR A 357 10.79 -41.16 -1.94
C THR A 357 11.07 -40.26 -3.13
N GLY A 358 11.75 -39.15 -2.89
CA GLY A 358 12.13 -38.26 -3.97
C GLY A 358 11.95 -36.81 -3.58
N ALA A 359 11.92 -35.95 -4.60
CA ALA A 359 12.11 -34.53 -4.37
C ALA A 359 10.97 -33.91 -3.58
N HIS A 360 9.76 -34.43 -3.73
CA HIS A 360 8.59 -33.84 -3.08
C HIS A 360 8.16 -34.59 -1.81
N TYR A 361 8.97 -35.52 -1.32
CA TYR A 361 8.61 -36.28 -0.13
C TYR A 361 8.13 -35.37 0.99
N CYS A 362 7.03 -35.77 1.63
CA CYS A 362 6.33 -34.92 2.58
C CYS A 362 7.30 -34.33 3.59
N ILE A 363 7.41 -33.00 3.63
CA ILE A 363 8.33 -32.38 4.57
CA ILE A 363 8.33 -32.38 4.57
C ILE A 363 7.79 -32.44 5.99
N GLY A 364 6.49 -32.67 6.17
CA GLY A 364 5.93 -32.73 7.50
C GLY A 364 5.78 -34.15 8.04
N ALA A 365 6.46 -35.12 7.45
CA ALA A 365 6.22 -36.51 7.81
C ALA A 365 6.45 -36.73 9.30
N ASN A 366 7.57 -36.24 9.82
CA ASN A 366 7.88 -36.49 11.24
C ASN A 366 7.03 -35.64 12.16
N LEU A 367 6.62 -34.44 11.74
CA LEU A 367 5.65 -33.69 12.52
C LEU A 367 4.31 -34.42 12.58
N ALA A 368 3.92 -35.05 11.47
CA ALA A 368 2.68 -35.82 11.44
C ALA A 368 2.76 -37.02 12.36
N ARG A 369 3.86 -37.78 12.29
CA ARG A 369 4.01 -38.94 13.15
C ARG A 369 3.98 -38.54 14.62
N MET A 370 4.63 -37.43 14.97
CA MET A 370 4.64 -36.98 16.36
C MET A 370 3.26 -36.55 16.80
N THR A 371 2.52 -35.83 15.95
CA THR A 371 1.15 -35.48 16.26
C THR A 371 0.31 -36.72 16.53
N ILE A 372 0.47 -37.74 15.69
CA ILE A 372 -0.31 -38.97 15.83
C ILE A 372 0.06 -39.68 17.13
N ASN A 373 1.36 -39.80 17.41
CA ASN A 373 1.77 -40.51 18.62
C ASN A 373 1.30 -39.76 19.86
N LEU A 374 1.31 -38.44 19.82
CA LEU A 374 0.90 -37.67 20.99
C LEU A 374 -0.61 -37.80 21.22
N ILE A 375 -1.42 -37.75 20.15
CA ILE A 375 -2.86 -37.80 20.37
C ILE A 375 -3.30 -39.20 20.79
N PHE A 376 -2.67 -40.25 20.24
CA PHE A 376 -3.10 -41.59 20.64
C PHE A 376 -2.64 -41.93 22.05
N ASN A 377 -1.49 -41.42 22.49
CA ASN A 377 -1.16 -41.53 23.91
C ASN A 377 -2.23 -40.85 24.77
N ALA A 378 -2.69 -39.68 24.34
CA ALA A 378 -3.71 -38.97 25.11
C ALA A 378 -5.03 -39.73 25.11
N VAL A 379 -5.41 -40.29 23.96
CA VAL A 379 -6.60 -41.13 23.89
C VAL A 379 -6.46 -42.33 24.82
N ALA A 380 -5.29 -42.98 24.77
CA ALA A 380 -5.04 -44.11 25.67
C ALA A 380 -5.11 -43.67 27.12
N ASP A 381 -4.66 -42.45 27.42
CA ASP A 381 -4.61 -42.00 28.80
C ASP A 381 -5.99 -41.67 29.34
N HIS A 382 -6.87 -41.13 28.49
CA HIS A 382 -8.10 -40.50 28.97
C HIS A 382 -9.39 -41.21 28.56
N MET A 383 -9.38 -41.98 27.49
CA MET A 383 -10.56 -42.71 27.04
CA MET A 383 -10.56 -42.71 27.04
C MET A 383 -10.13 -44.09 26.56
N PRO A 384 -9.43 -44.86 27.39
CA PRO A 384 -8.94 -46.16 26.91
C PRO A 384 -10.03 -47.13 26.49
N ASP A 385 -11.28 -46.92 26.91
CA ASP A 385 -12.36 -47.87 26.66
C ASP A 385 -13.37 -47.35 25.63
N LEU A 386 -12.99 -46.36 24.83
CA LEU A 386 -13.88 -45.80 23.81
CA LEU A 386 -13.93 -45.81 23.85
C LEU A 386 -14.42 -46.91 22.91
N LYS A 387 -15.67 -46.76 22.48
CA LYS A 387 -16.32 -47.73 21.60
C LYS A 387 -17.14 -46.95 20.57
N PRO A 388 -17.08 -47.32 19.28
CA PRO A 388 -17.90 -46.62 18.29
C PRO A 388 -19.38 -46.80 18.56
N ILE A 389 -20.16 -45.79 18.18
CA ILE A 389 -21.61 -45.84 18.30
C ILE A 389 -22.26 -46.11 16.96
N SER A 390 -21.74 -45.52 15.89
CA SER A 390 -22.33 -45.66 14.57
C SER A 390 -21.22 -45.56 13.53
N ALA A 391 -21.53 -45.97 12.31
CA ALA A 391 -20.53 -46.08 11.26
C ALA A 391 -19.99 -44.71 10.87
N PRO A 392 -18.72 -44.63 10.45
CA PRO A 392 -18.18 -43.35 9.97
C PRO A 392 -18.93 -42.85 8.74
N GLU A 393 -18.97 -41.53 8.60
CA GLU A 393 -19.45 -40.88 7.38
C GLU A 393 -18.23 -40.47 6.57
N ARG A 394 -18.12 -40.99 5.35
CA ARG A 394 -16.95 -40.75 4.52
C ARG A 394 -17.12 -39.50 3.65
N LEU A 395 -16.00 -38.96 3.21
CA LEU A 395 -15.96 -37.72 2.43
C LEU A 395 -16.05 -38.02 0.94
N ARG A 396 -16.89 -37.28 0.25
CA ARG A 396 -16.97 -37.35 -1.22
C ARG A 396 -15.77 -36.59 -1.78
N SER A 397 -14.72 -37.33 -2.10
CA SER A 397 -13.53 -36.78 -2.72
C SER A 397 -12.93 -37.85 -3.64
N GLY A 398 -12.32 -37.41 -4.73
CA GLY A 398 -11.67 -38.34 -5.63
C GLY A 398 -10.21 -38.62 -5.35
N TRP A 399 -9.63 -37.96 -4.34
CA TRP A 399 -8.20 -38.19 -4.08
C TRP A 399 -7.85 -38.15 -2.61
N LEU A 400 -8.70 -37.54 -1.79
CA LEU A 400 -8.53 -37.55 -0.35
C LEU A 400 -9.43 -38.63 0.25
N ASN A 401 -8.89 -39.36 1.23
CA ASN A 401 -9.63 -40.38 1.96
C ASN A 401 -10.00 -39.77 3.31
N GLY A 402 -11.21 -39.25 3.41
CA GLY A 402 -11.61 -38.46 4.56
C GLY A 402 -12.78 -39.07 5.30
N ILE A 403 -12.83 -38.79 6.60
CA ILE A 403 -13.96 -39.15 7.46
C ILE A 403 -14.54 -37.84 8.00
N LYS A 404 -15.79 -37.56 7.67
CA LYS A 404 -16.39 -36.30 8.10
C LYS A 404 -16.85 -36.38 9.56
N HIS A 405 -17.45 -37.50 9.93
CA HIS A 405 -18.07 -37.67 11.24
C HIS A 405 -17.94 -39.11 11.68
N TRP A 406 -17.80 -39.31 12.99
CA TRP A 406 -17.79 -40.66 13.57
C TRP A 406 -18.25 -40.57 15.01
N GLN A 407 -19.43 -41.08 15.31
CA GLN A 407 -19.98 -41.02 16.65
C GLN A 407 -19.39 -42.13 17.50
N VAL A 408 -18.84 -41.76 18.66
CA VAL A 408 -18.25 -42.74 19.56
C VAL A 408 -18.67 -42.43 20.99
N ASP A 409 -18.72 -43.47 21.81
CA ASP A 409 -18.95 -43.38 23.25
C ASP A 409 -17.58 -43.40 23.91
N TYR A 410 -17.14 -42.25 24.44
CA TYR A 410 -15.78 -42.16 24.96
C TYR A 410 -15.61 -42.96 26.24
N THR A 411 -16.68 -43.12 27.01
CA THR A 411 -16.62 -43.84 28.29
C THR A 411 -16.84 -45.33 28.14
N GLY A 412 -17.20 -45.80 26.95
CA GLY A 412 -17.37 -47.22 26.73
C GLY A 412 -18.53 -47.85 27.47
N ARG A 413 -19.66 -47.15 27.52
CA ARG A 413 -20.84 -47.68 28.23
C ARG A 413 -20.49 -47.96 29.68
N SER B 4 -17.25 19.41 18.15
CA SER B 4 -16.89 19.83 16.80
C SER B 4 -15.53 19.27 16.40
N PRO B 5 -15.36 18.96 15.11
CA PRO B 5 -14.14 18.27 14.68
C PRO B 5 -12.93 19.17 14.80
N ASN B 6 -11.77 18.55 14.94
CA ASN B 6 -10.51 19.26 15.15
C ASN B 6 -9.93 19.66 13.81
N LEU B 7 -10.45 20.74 13.26
CA LEU B 7 -10.05 21.27 11.96
C LEU B 7 -9.71 22.75 12.07
N PRO B 8 -8.87 23.27 11.17
CA PRO B 8 -8.61 24.70 11.17
C PRO B 8 -9.86 25.48 10.89
N PRO B 9 -9.97 26.71 11.41
CA PRO B 9 -11.17 27.51 11.13
C PRO B 9 -11.36 27.75 9.64
N GLY B 10 -12.60 27.65 9.19
CA GLY B 10 -12.96 27.91 7.81
C GLY B 10 -12.59 26.82 6.83
N PHE B 11 -12.09 25.69 7.31
CA PHE B 11 -11.69 24.59 6.43
C PHE B 11 -12.84 24.17 5.52
N ASP B 12 -12.53 23.95 4.25
CA ASP B 12 -13.53 23.60 3.24
C ASP B 12 -13.05 22.38 2.46
N PHE B 13 -13.82 21.29 2.56
CA PHE B 13 -13.41 20.04 1.94
C PHE B 13 -13.55 20.04 0.42
N THR B 14 -14.18 21.06 -0.16
CA THR B 14 -14.23 21.20 -1.61
C THR B 14 -13.23 22.22 -2.14
N ASP B 15 -12.32 22.67 -1.29
CA ASP B 15 -11.33 23.68 -1.67
C ASP B 15 -10.38 23.11 -2.73
N PRO B 16 -10.39 23.63 -3.96
CA PRO B 16 -9.48 23.05 -4.97
C PRO B 16 -8.02 23.19 -4.59
N ALA B 17 -7.66 24.20 -3.80
CA ALA B 17 -6.27 24.37 -3.42
C ALA B 17 -5.79 23.23 -2.54
N ILE B 18 -6.70 22.58 -1.81
CA ILE B 18 -6.33 21.41 -1.04
C ILE B 18 -5.88 20.29 -1.97
N TYR B 19 -6.71 19.97 -2.96
CA TYR B 19 -6.44 18.82 -3.81
C TYR B 19 -5.32 19.08 -4.80
N ALA B 20 -5.00 20.34 -5.09
CA ALA B 20 -3.80 20.63 -5.87
C ALA B 20 -2.54 20.16 -5.15
N GLU B 21 -2.60 20.00 -3.84
CA GLU B 21 -1.46 19.60 -3.01
C GLU B 21 -1.54 18.16 -2.54
N ARG B 22 -2.72 17.70 -2.13
CA ARG B 22 -2.83 16.46 -1.37
C ARG B 22 -4.28 16.01 -1.31
N LEU B 23 -4.46 14.74 -1.02
CA LEU B 23 -5.76 14.26 -0.56
C LEU B 23 -5.85 14.46 0.95
N PRO B 24 -6.90 15.10 1.46
CA PRO B 24 -6.97 15.43 2.90
C PRO B 24 -7.40 14.23 3.74
N VAL B 25 -6.58 13.18 3.71
CA VAL B 25 -6.93 11.91 4.33
C VAL B 25 -7.16 12.08 5.83
N ALA B 26 -6.23 12.75 6.50
CA ALA B 26 -6.36 12.89 7.95
C ALA B 26 -7.58 13.72 8.32
N GLU B 27 -7.90 14.75 7.53
CA GLU B 27 -9.06 15.56 7.85
C GLU B 27 -10.35 14.76 7.70
N PHE B 28 -10.47 13.97 6.64
CA PHE B 28 -11.61 13.07 6.50
C PHE B 28 -11.69 12.10 7.67
N ALA B 29 -10.54 11.55 8.09
CA ALA B 29 -10.53 10.64 9.23
C ALA B 29 -11.02 11.32 10.49
N GLU B 30 -10.67 12.60 10.67
CA GLU B 30 -11.17 13.33 11.84
C GLU B 30 -12.68 13.52 11.80
N LEU B 31 -13.24 13.71 10.60
CA LEU B 31 -14.70 13.85 10.51
C LEU B 31 -15.40 12.53 10.80
N ARG B 32 -14.93 11.44 10.18
CA ARG B 32 -15.50 10.12 10.49
C ARG B 32 -15.49 9.85 11.99
N SER B 33 -14.43 10.29 12.67
CA SER B 33 -14.29 10.03 14.10
C SER B 33 -15.18 10.95 14.93
N ALA B 34 -15.17 12.25 14.63
CA ALA B 34 -15.75 13.24 15.51
C ALA B 34 -17.02 13.90 14.99
N ALA B 35 -17.25 13.89 13.67
CA ALA B 35 -18.45 14.51 13.12
C ALA B 35 -18.76 13.93 11.74
N PRO B 36 -19.23 12.69 11.67
CA PRO B 36 -19.35 12.03 10.36
C PRO B 36 -20.28 12.73 9.40
N ILE B 37 -21.28 13.45 9.89
CA ILE B 37 -22.07 14.39 9.09
C ILE B 37 -21.83 15.76 9.71
N TRP B 38 -21.17 16.65 8.95
CA TRP B 38 -20.67 17.92 9.48
C TRP B 38 -21.02 19.04 8.52
N TRP B 39 -21.55 20.13 9.07
CA TRP B 39 -21.89 21.28 8.24
C TRP B 39 -20.61 21.98 7.81
N ASN B 40 -20.38 22.00 6.49
CA ASN B 40 -19.19 22.62 5.89
C ASN B 40 -19.58 24.04 5.49
N GLY B 41 -19.32 24.99 6.39
CA GLY B 41 -19.64 26.37 6.10
C GLY B 41 -18.74 26.95 5.03
N GLN B 42 -19.31 27.84 4.21
CA GLN B 42 -18.59 28.51 3.14
C GLN B 42 -18.94 29.98 3.16
N ASP B 43 -17.93 30.83 3.14
CA ASP B 43 -18.17 32.27 3.18
C ASP B 43 -18.80 32.73 1.87
N PRO B 44 -19.45 33.90 1.87
CA PRO B 44 -19.99 34.45 0.63
C PRO B 44 -18.92 34.50 -0.45
N GLY B 45 -19.27 34.04 -1.65
CA GLY B 45 -18.38 34.09 -2.79
C GLY B 45 -17.31 33.02 -2.82
N LYS B 46 -17.32 32.08 -1.87
CA LYS B 46 -16.31 31.03 -1.82
C LYS B 46 -16.95 29.65 -1.83
N GLY B 47 -18.13 29.54 -2.46
CA GLY B 47 -18.85 28.28 -2.50
C GLY B 47 -18.74 27.56 -3.82
N GLY B 48 -17.74 27.93 -4.62
CA GLY B 48 -17.54 27.28 -5.90
C GLY B 48 -18.75 27.32 -6.80
N GLY B 49 -19.48 28.44 -6.80
CA GLY B 49 -20.63 28.63 -7.66
C GLY B 49 -21.96 28.56 -6.95
N PHE B 50 -22.00 28.02 -5.74
CA PHE B 50 -23.22 27.92 -4.95
C PHE B 50 -23.16 28.95 -3.82
N HIS B 51 -24.31 29.56 -3.54
CA HIS B 51 -24.40 30.67 -2.59
C HIS B 51 -25.44 30.38 -1.53
N ASP B 52 -25.37 29.19 -0.95
CA ASP B 52 -26.28 28.77 0.10
C ASP B 52 -25.62 28.70 1.47
N GLY B 53 -24.37 29.14 1.60
CA GLY B 53 -23.69 29.19 2.87
C GLY B 53 -22.84 27.98 3.18
N GLY B 54 -23.09 26.84 2.54
CA GLY B 54 -22.30 25.66 2.78
C GLY B 54 -23.09 24.41 2.45
N PHE B 55 -22.63 23.29 3.01
CA PHE B 55 -23.19 21.98 2.67
C PHE B 55 -22.88 21.02 3.80
N TRP B 56 -23.57 19.87 3.78
CA TRP B 56 -23.32 18.80 4.73
C TRP B 56 -22.24 17.88 4.16
N ALA B 57 -21.11 17.79 4.85
CA ALA B 57 -20.06 16.86 4.47
C ALA B 57 -20.47 15.45 4.91
N ILE B 58 -20.58 14.53 3.95
CA ILE B 58 -20.93 13.14 4.23
C ILE B 58 -19.67 12.30 4.07
N THR B 59 -19.25 11.67 5.17
CA THR B 59 -17.97 10.98 5.21
C THR B 59 -18.05 9.48 5.44
N LYS B 60 -19.21 8.95 5.83
CA LYS B 60 -19.34 7.53 6.13
C LYS B 60 -19.99 6.79 4.97
N LEU B 61 -19.52 5.57 4.72
CA LEU B 61 -19.95 4.84 3.53
C LEU B 61 -21.45 4.56 3.57
N ASN B 62 -21.97 4.13 4.71
CA ASN B 62 -23.39 3.80 4.78
C ASN B 62 -24.25 5.02 4.50
N ASP B 63 -23.81 6.20 4.96
CA ASP B 63 -24.56 7.42 4.67
C ASP B 63 -24.53 7.75 3.19
N VAL B 64 -23.39 7.49 2.54
CA VAL B 64 -23.29 7.67 1.09
C VAL B 64 -24.27 6.75 0.38
N LYS B 65 -24.33 5.48 0.81
CA LYS B 65 -25.24 4.54 0.17
C LYS B 65 -26.69 4.97 0.38
N GLU B 66 -27.03 5.42 1.60
CA GLU B 66 -28.41 5.80 1.88
C GLU B 66 -28.84 6.99 1.02
N ILE B 67 -27.99 8.00 0.89
CA ILE B 67 -28.31 9.14 0.04
C ILE B 67 -28.45 8.70 -1.41
N SER B 68 -27.54 7.85 -1.88
CA SER B 68 -27.56 7.44 -3.28
C SER B 68 -28.82 6.63 -3.60
N ARG B 69 -29.27 5.80 -2.66
CA ARG B 69 -30.44 4.98 -2.90
C ARG B 69 -31.74 5.77 -2.85
N HIS B 70 -31.75 6.90 -2.13
CA HIS B 70 -32.95 7.70 -1.96
C HIS B 70 -32.96 8.88 -2.92
N SER B 71 -32.87 8.56 -4.22
CA SER B 71 -32.87 9.60 -5.23
C SER B 71 -34.20 10.35 -5.29
N ASP B 72 -35.28 9.75 -4.79
CA ASP B 72 -36.56 10.44 -4.74
CA ASP B 72 -36.55 10.46 -4.76
C ASP B 72 -36.51 11.65 -3.80
N VAL B 73 -35.52 11.70 -2.92
CA VAL B 73 -35.37 12.79 -1.95
C VAL B 73 -34.13 13.63 -2.26
N PHE B 74 -33.01 12.98 -2.51
CA PHE B 74 -31.72 13.67 -2.75
C PHE B 74 -31.53 13.78 -4.25
N SER B 75 -31.73 14.98 -4.77
CA SER B 75 -31.82 15.22 -6.20
C SER B 75 -30.47 15.53 -6.82
N SER B 76 -30.25 14.99 -8.01
CA SER B 76 -29.13 15.37 -8.85
C SER B 76 -29.44 16.55 -9.76
N TYR B 77 -30.72 16.79 -10.04
CA TYR B 77 -31.10 17.83 -10.99
C TYR B 77 -31.07 19.22 -10.34
N GLU B 78 -31.49 19.32 -9.08
CA GLU B 78 -31.68 20.63 -8.45
C GLU B 78 -30.46 21.52 -8.64
N ASN B 79 -29.29 21.06 -8.18
CA ASN B 79 -28.08 21.85 -8.25
C ASN B 79 -26.95 21.14 -8.99
N GLY B 80 -27.23 20.03 -9.65
CA GLY B 80 -26.19 19.24 -10.27
C GLY B 80 -25.43 18.47 -9.21
N VAL B 81 -24.52 17.62 -9.64
CA VAL B 81 -23.77 16.74 -8.75
C VAL B 81 -22.32 17.16 -8.56
N ILE B 82 -21.81 18.08 -9.39
CA ILE B 82 -20.47 18.62 -9.20
C ILE B 82 -20.55 19.63 -8.07
N PRO B 83 -19.76 19.48 -7.00
CA PRO B 83 -19.88 20.38 -5.84
C PRO B 83 -18.96 21.58 -5.87
N ARG B 84 -18.18 21.78 -6.93
CA ARG B 84 -17.23 22.89 -6.97
C ARG B 84 -16.99 23.31 -8.41
N PHE B 85 -17.21 24.59 -8.68
CA PHE B 85 -16.80 25.22 -9.93
C PHE B 85 -15.98 26.46 -9.61
N LYS B 86 -15.61 27.22 -10.62
CA LYS B 86 -15.07 28.56 -10.38
C LYS B 86 -16.07 29.34 -9.55
N ASN B 87 -15.57 30.13 -8.59
CA ASN B 87 -16.45 30.81 -7.65
C ASN B 87 -17.39 31.78 -8.36
N ASP B 88 -16.99 32.29 -9.52
CA ASP B 88 -17.78 33.29 -10.24
C ASP B 88 -18.56 32.69 -11.40
N ILE B 89 -18.66 31.36 -11.49
CA ILE B 89 -19.41 30.75 -12.58
C ILE B 89 -20.85 31.23 -12.52
N ALA B 90 -21.45 31.44 -13.69
CA ALA B 90 -22.85 31.85 -13.76
C ALA B 90 -23.76 30.67 -13.46
N ARG B 91 -24.89 30.98 -12.82
CA ARG B 91 -25.88 29.94 -12.54
C ARG B 91 -26.32 29.25 -13.82
N GLU B 92 -26.46 30.01 -14.91
CA GLU B 92 -26.83 29.42 -16.19
C GLU B 92 -25.85 28.33 -16.61
N ASP B 93 -24.55 28.56 -16.37
CA ASP B 93 -23.55 27.56 -16.71
C ASP B 93 -23.64 26.32 -15.82
N ILE B 94 -24.24 26.43 -14.64
CA ILE B 94 -24.45 25.25 -13.81
C ILE B 94 -25.67 24.47 -14.29
N GLU B 95 -26.76 25.18 -14.57
CA GLU B 95 -28.00 24.52 -14.97
C GLU B 95 -27.89 23.86 -16.33
N VAL B 96 -26.94 24.28 -17.18
CA VAL B 96 -26.78 23.64 -18.47
C VAL B 96 -26.33 22.20 -18.33
N GLN B 97 -25.71 21.85 -17.20
CA GLN B 97 -25.33 20.46 -16.97
C GLN B 97 -26.55 19.55 -16.88
N ARG B 98 -27.73 20.11 -16.62
CA ARG B 98 -28.94 19.30 -16.55
C ARG B 98 -29.25 18.60 -17.86
N PHE B 99 -28.60 18.99 -18.95
CA PHE B 99 -28.85 18.38 -20.25
C PHE B 99 -28.21 17.00 -20.40
N VAL B 100 -27.41 16.55 -19.43
CA VAL B 100 -26.84 15.20 -19.46
C VAL B 100 -27.52 14.37 -18.38
N MET B 101 -27.55 13.06 -18.61
CA MET B 101 -28.28 12.14 -17.73
CA MET B 101 -28.32 12.18 -17.72
C MET B 101 -27.78 12.19 -16.30
N LEU B 102 -26.49 12.49 -16.10
CA LEU B 102 -25.93 12.50 -14.76
C LEU B 102 -26.67 13.48 -13.84
N ASN B 103 -27.18 14.58 -14.40
CA ASN B 103 -27.82 15.63 -13.61
C ASN B 103 -29.33 15.70 -13.86
N MET B 104 -29.95 14.56 -14.15
CA MET B 104 -31.39 14.45 -14.30
C MET B 104 -31.97 13.60 -13.20
N ASP B 105 -33.23 13.89 -12.86
CA ASP B 105 -33.99 13.09 -11.92
C ASP B 105 -35.08 12.30 -12.66
N ALA B 106 -35.58 11.27 -11.99
CA ALA B 106 -36.74 10.56 -12.52
C ALA B 106 -37.93 11.52 -12.62
N PRO B 107 -38.82 11.34 -13.61
CA PRO B 107 -38.82 10.25 -14.60
C PRO B 107 -37.90 10.49 -15.79
N HIS B 108 -37.51 11.74 -16.02
CA HIS B 108 -36.64 12.06 -17.14
C HIS B 108 -35.41 11.14 -17.17
N HIS B 109 -34.73 11.02 -16.03
CA HIS B 109 -33.53 10.19 -15.98
C HIS B 109 -33.84 8.73 -16.27
N THR B 110 -35.00 8.26 -15.82
CA THR B 110 -35.30 6.84 -15.94
C THR B 110 -35.44 6.42 -17.40
N ARG B 111 -36.17 7.20 -18.19
CA ARG B 111 -36.32 6.88 -19.61
C ARG B 111 -34.98 6.91 -20.32
N LEU B 112 -34.16 7.93 -20.03
CA LEU B 112 -32.88 8.07 -20.72
C LEU B 112 -31.93 6.95 -20.34
N ARG B 113 -31.83 6.65 -19.05
CA ARG B 113 -30.97 5.54 -18.62
C ARG B 113 -31.38 4.23 -19.28
N LYS B 114 -32.69 3.98 -19.36
CA LYS B 114 -33.15 2.74 -19.98
C LYS B 114 -32.69 2.65 -21.43
N ILE B 115 -32.81 3.75 -22.17
CA ILE B 115 -32.34 3.75 -23.55
C ILE B 115 -30.83 3.55 -23.60
N ILE B 116 -30.10 4.31 -22.78
CA ILE B 116 -28.64 4.30 -22.84
C ILE B 116 -28.08 2.90 -22.56
N SER B 117 -28.80 2.10 -21.76
CA SER B 117 -28.28 0.79 -21.36
C SER B 117 -27.95 -0.09 -22.56
N ARG B 118 -28.56 0.15 -23.72
CA ARG B 118 -28.26 -0.64 -24.90
C ARG B 118 -26.76 -0.61 -25.23
N GLY B 119 -26.10 0.51 -24.95
CA GLY B 119 -24.70 0.67 -25.28
C GLY B 119 -23.73 0.09 -24.28
N PHE B 120 -24.21 -0.48 -23.17
CA PHE B 120 -23.34 -1.02 -22.13
C PHE B 120 -23.71 -2.44 -21.77
N THR B 121 -24.33 -3.16 -22.70
CA THR B 121 -24.61 -4.58 -22.46
C THR B 121 -23.30 -5.36 -22.47
N PRO B 122 -23.24 -6.49 -21.75
CA PRO B 122 -22.06 -7.36 -21.88
C PRO B 122 -21.66 -7.61 -23.32
N ARG B 123 -22.62 -7.67 -24.25
CA ARG B 123 -22.28 -7.79 -25.66
C ARG B 123 -21.47 -6.58 -26.13
N ALA B 124 -21.94 -5.38 -25.78
CA ALA B 124 -21.24 -4.17 -26.21
C ALA B 124 -19.86 -4.06 -25.56
N VAL B 125 -19.81 -4.26 -24.24
CA VAL B 125 -18.54 -4.13 -23.53
C VAL B 125 -17.59 -5.26 -23.93
N GLY B 126 -18.08 -6.50 -23.92
CA GLY B 126 -17.23 -7.62 -24.26
C GLY B 126 -16.70 -7.56 -25.68
N ARG B 127 -17.50 -7.02 -26.60
CA ARG B 127 -17.05 -6.90 -27.99
C ARG B 127 -15.77 -6.08 -28.08
N LEU B 128 -15.54 -5.19 -27.14
CA LEU B 128 -14.37 -4.31 -27.17
C LEU B 128 -13.12 -4.96 -26.58
N HIS B 129 -13.26 -6.11 -25.91
CA HIS B 129 -12.12 -6.67 -25.17
C HIS B 129 -10.92 -6.86 -26.08
N ASP B 130 -11.10 -7.52 -27.21
CA ASP B 130 -9.96 -7.90 -28.05
C ASP B 130 -9.21 -6.67 -28.55
N GLU B 131 -9.93 -5.67 -29.05
CA GLU B 131 -9.26 -4.49 -29.57
C GLU B 131 -8.57 -3.71 -28.46
N LEU B 132 -9.21 -3.59 -27.29
CA LEU B 132 -8.59 -2.85 -26.19
C LEU B 132 -7.39 -3.61 -25.63
N GLN B 133 -7.41 -4.95 -25.68
CA GLN B 133 -6.25 -5.71 -25.23
C GLN B 133 -5.06 -5.51 -26.17
N GLU B 134 -5.30 -5.53 -27.48
CA GLU B 134 -4.23 -5.21 -28.42
C GLU B 134 -3.71 -3.79 -28.19
N ARG B 135 -4.62 -2.84 -28.00
CA ARG B 135 -4.22 -1.46 -27.77
C ARG B 135 -3.39 -1.33 -26.49
N ALA B 136 -3.85 -1.98 -25.41
CA ALA B 136 -3.12 -1.93 -24.15
C ALA B 136 -1.71 -2.48 -24.32
N GLN B 137 -1.57 -3.62 -24.99
CA GLN B 137 -0.25 -4.20 -25.21
C GLN B 137 0.62 -3.28 -26.05
N LYS B 138 0.02 -2.62 -27.06
CA LYS B 138 0.76 -1.66 -27.86
C LYS B 138 1.22 -0.48 -27.02
N ILE B 139 0.32 0.07 -26.22
CA ILE B 139 0.65 1.22 -25.38
C ILE B 139 1.81 0.86 -24.45
N ALA B 140 1.69 -0.27 -23.74
CA ALA B 140 2.72 -0.64 -22.78
C ALA B 140 4.04 -0.93 -23.49
N ALA B 141 3.98 -1.60 -24.64
CA ALA B 141 5.20 -1.88 -25.40
C ALA B 141 5.87 -0.58 -25.84
N GLU B 142 5.09 0.38 -26.35
CA GLU B 142 5.69 1.64 -26.81
C GLU B 142 6.32 2.39 -25.64
N ALA B 143 5.65 2.39 -24.48
CA ALA B 143 6.22 3.04 -23.31
C ALA B 143 7.54 2.38 -22.91
N ALA B 144 7.56 1.05 -22.86
CA ALA B 144 8.80 0.35 -22.51
C ALA B 144 9.92 0.72 -23.48
N ALA B 145 9.60 0.82 -24.78
CA ALA B 145 10.60 1.19 -25.77
C ALA B 145 11.11 2.60 -25.55
N ALA B 146 10.29 3.48 -24.98
CA ALA B 146 10.71 4.84 -24.69
C ALA B 146 11.63 4.92 -23.48
N GLY B 147 11.65 3.90 -22.64
CA GLY B 147 12.54 3.86 -21.48
C GLY B 147 12.02 4.57 -20.26
N SER B 148 11.58 5.82 -20.41
CA SER B 148 11.06 6.62 -19.32
C SER B 148 10.22 7.73 -19.92
N GLY B 149 9.40 8.35 -19.09
CA GLY B 149 8.59 9.45 -19.54
C GLY B 149 7.45 9.69 -18.57
N ASP B 150 6.48 10.46 -19.03
CA ASP B 150 5.31 10.83 -18.24
C ASP B 150 4.31 9.69 -18.30
N PHE B 151 4.23 8.90 -17.22
CA PHE B 151 3.33 7.77 -17.15
C PHE B 151 1.89 8.16 -17.48
N VAL B 152 1.46 9.34 -17.01
CA VAL B 152 0.08 9.75 -17.25
C VAL B 152 -0.20 9.82 -18.74
N GLU B 153 0.69 10.47 -19.49
CA GLU B 153 0.45 10.64 -20.92
C GLU B 153 0.74 9.38 -21.72
N GLN B 154 1.72 8.59 -21.30
CA GLN B 154 2.18 7.46 -22.12
C GLN B 154 1.53 6.13 -21.78
N VAL B 155 0.90 6.00 -20.61
CA VAL B 155 0.31 4.74 -20.19
C VAL B 155 -1.16 4.90 -19.81
N SER B 156 -1.49 5.98 -19.10
CA SER B 156 -2.83 6.09 -18.54
C SER B 156 -3.86 6.71 -19.48
N CYS B 157 -3.43 7.60 -20.38
CA CYS B 157 -4.38 8.46 -21.07
CA CYS B 157 -4.37 8.47 -21.07
C CYS B 157 -5.10 7.75 -22.21
N GLU B 158 -4.39 6.97 -23.01
CA GLU B 158 -4.97 6.56 -24.30
C GLU B 158 -6.08 5.54 -24.14
N LEU B 159 -5.86 4.48 -23.35
CA LEU B 159 -6.79 3.36 -23.38
C LEU B 159 -8.21 3.77 -23.01
N PRO B 160 -8.46 4.54 -21.94
CA PRO B 160 -9.84 4.98 -21.67
C PRO B 160 -10.46 5.71 -22.85
N LEU B 161 -9.67 6.50 -23.58
CA LEU B 161 -10.22 7.22 -24.73
C LEU B 161 -10.50 6.27 -25.88
N GLN B 162 -9.63 5.27 -26.10
CA GLN B 162 -9.89 4.28 -27.14
C GLN B 162 -11.11 3.44 -26.80
N ALA B 163 -11.40 3.24 -25.51
CA ALA B 163 -12.63 2.55 -25.14
C ALA B 163 -13.86 3.36 -25.53
N ILE B 164 -13.84 4.67 -25.30
CA ILE B 164 -14.95 5.51 -25.72
C ILE B 164 -15.09 5.49 -27.24
N ALA B 165 -13.96 5.61 -27.95
CA ALA B 165 -13.99 5.60 -29.41
C ALA B 165 -14.50 4.26 -29.93
N GLY B 166 -13.96 3.17 -29.40
CA GLY B 166 -14.42 1.85 -29.83
C GLY B 166 -15.88 1.63 -29.51
N LEU B 167 -16.34 2.10 -28.36
CA LEU B 167 -17.75 1.96 -28.00
C LEU B 167 -18.65 2.69 -28.99
N LEU B 168 -18.26 3.90 -29.39
CA LEU B 168 -19.06 4.71 -30.31
C LEU B 168 -18.75 4.44 -31.78
N GLY B 169 -17.82 3.55 -32.07
CA GLY B 169 -17.46 3.28 -33.45
C GLY B 169 -16.87 4.48 -34.18
N VAL B 170 -16.10 5.30 -33.48
CA VAL B 170 -15.52 6.49 -34.12
C VAL B 170 -14.40 6.05 -35.07
N PRO B 171 -14.40 6.45 -36.33
CA PRO B 171 -13.32 6.03 -37.24
C PRO B 171 -11.98 6.56 -36.81
N GLN B 172 -10.91 5.84 -37.20
CA GLN B 172 -9.58 6.16 -36.72
C GLN B 172 -9.18 7.60 -37.03
N GLU B 173 -9.58 8.11 -38.20
CA GLU B 173 -9.10 9.43 -38.62
C GLU B 173 -9.71 10.56 -37.80
N ASP B 174 -10.78 10.30 -37.05
CA ASP B 174 -11.42 11.30 -36.22
C ASP B 174 -11.07 11.18 -34.75
N ARG B 175 -10.31 10.16 -34.35
CA ARG B 175 -10.05 9.94 -32.93
C ARG B 175 -9.10 10.97 -32.37
N GLY B 176 -8.13 11.43 -33.16
CA GLY B 176 -7.23 12.47 -32.69
C GLY B 176 -7.99 13.69 -32.20
N LYS B 177 -8.88 14.23 -33.04
CA LYS B 177 -9.61 15.43 -32.63
C LYS B 177 -10.65 15.13 -31.57
N LEU B 178 -11.29 13.96 -31.62
CA LEU B 178 -12.24 13.60 -30.58
C LEU B 178 -11.56 13.54 -29.22
N PHE B 179 -10.38 12.91 -29.16
CA PHE B 179 -9.63 12.87 -27.91
C PHE B 179 -9.27 14.28 -27.46
N HIS B 180 -8.90 15.15 -28.39
CA HIS B 180 -8.55 16.52 -28.04
C HIS B 180 -9.72 17.23 -27.36
N TRP B 181 -10.89 17.21 -28.00
CA TRP B 181 -12.06 17.85 -27.41
C TRP B 181 -12.38 17.28 -26.03
N SER B 182 -12.32 15.95 -25.89
CA SER B 182 -12.68 15.33 -24.62
C SER B 182 -11.72 15.75 -23.51
N ASN B 183 -10.43 15.83 -23.80
CA ASN B 183 -9.45 16.18 -22.78
C ASN B 183 -9.62 17.63 -22.34
N GLU B 184 -9.96 18.50 -23.28
CA GLU B 184 -10.11 19.92 -22.96
C GLU B 184 -11.37 20.23 -22.20
N MET B 185 -12.25 19.25 -21.98
CA MET B 185 -13.48 19.46 -21.24
C MET B 185 -13.27 19.45 -19.73
N THR B 186 -12.06 19.20 -19.25
N THR B 186 -12.05 19.21 -19.24
CA THR B 186 -11.77 19.10 -17.83
CA THR B 186 -11.80 19.15 -17.81
C THR B 186 -10.46 19.80 -17.52
C THR B 186 -10.47 19.84 -17.52
N GLY B 187 -10.11 19.85 -16.23
CA GLY B 187 -8.89 20.50 -15.80
C GLY B 187 -8.92 22.01 -15.86
N ASN B 188 -10.08 22.59 -16.16
CA ASN B 188 -10.14 24.02 -16.48
C ASN B 188 -9.75 24.89 -15.29
N GLU B 189 -9.91 24.38 -14.07
CA GLU B 189 -9.62 25.16 -12.88
C GLU B 189 -8.19 24.98 -12.37
N ASP B 190 -7.33 24.40 -13.17
CA ASP B 190 -5.92 24.21 -12.87
C ASP B 190 -5.08 25.17 -13.71
N PRO B 191 -4.09 25.86 -13.12
CA PRO B 191 -3.37 26.87 -13.90
C PRO B 191 -2.77 26.34 -15.19
N GLU B 192 -2.48 25.04 -15.25
CA GLU B 192 -1.89 24.49 -16.48
C GLU B 192 -2.85 24.54 -17.65
N TYR B 193 -4.17 24.59 -17.40
CA TYR B 193 -5.17 24.59 -18.45
C TYR B 193 -6.06 25.83 -18.42
N ALA B 194 -5.71 26.85 -17.64
CA ALA B 194 -6.58 28.00 -17.48
C ALA B 194 -6.83 28.75 -18.79
N HIS B 195 -5.99 28.53 -19.80
CA HIS B 195 -6.16 29.19 -21.08
C HIS B 195 -7.20 28.50 -21.96
N ILE B 196 -7.51 27.23 -21.68
CA ILE B 196 -8.37 26.46 -22.57
C ILE B 196 -9.82 26.89 -22.42
N ASP B 197 -10.53 26.94 -23.55
CA ASP B 197 -11.97 27.18 -23.58
C ASP B 197 -12.71 25.85 -23.61
N PRO B 198 -13.22 25.37 -22.47
CA PRO B 198 -13.96 24.09 -22.51
C PRO B 198 -15.24 24.17 -23.33
N LYS B 199 -15.93 25.31 -23.29
CA LYS B 199 -17.18 25.44 -24.03
CA LYS B 199 -17.18 25.44 -24.02
C LYS B 199 -16.98 25.22 -25.52
N ALA B 200 -15.87 25.73 -26.06
CA ALA B 200 -15.60 25.54 -27.48
C ALA B 200 -15.51 24.07 -27.84
N SER B 201 -14.87 23.27 -26.97
CA SER B 201 -14.67 21.87 -27.28
C SER B 201 -15.96 21.07 -27.14
N SER B 202 -16.81 21.42 -26.17
CA SER B 202 -18.10 20.72 -26.04
C SER B 202 -18.97 20.98 -27.26
N ALA B 203 -19.00 22.22 -27.74
CA ALA B 203 -19.74 22.52 -28.96
C ALA B 203 -19.20 21.70 -30.13
N GLU B 204 -17.89 21.52 -30.18
CA GLU B 204 -17.30 20.71 -31.26
C GLU B 204 -17.72 19.25 -31.12
N LEU B 205 -17.75 18.74 -29.90
CA LEU B 205 -18.12 17.35 -29.68
C LEU B 205 -19.60 17.11 -30.02
N ILE B 206 -20.47 18.02 -29.61
CA ILE B 206 -21.89 17.89 -29.94
C ILE B 206 -22.10 17.97 -31.44
N GLY B 207 -21.42 18.93 -32.10
CA GLY B 207 -21.50 19.00 -33.54
C GLY B 207 -21.13 17.70 -34.20
N TYR B 208 -19.97 17.14 -33.82
CA TYR B 208 -19.54 15.86 -34.38
C TYR B 208 -20.54 14.75 -34.07
N ALA B 209 -21.14 14.79 -32.89
CA ALA B 209 -22.14 13.79 -32.54
C ALA B 209 -23.34 13.85 -33.47
N MET B 210 -23.87 15.07 -33.69
CA MET B 210 -25.02 15.21 -34.56
C MET B 210 -24.75 14.58 -35.93
N LYS B 211 -23.56 14.85 -36.47
CA LYS B 211 -23.17 14.27 -37.75
C LYS B 211 -23.26 12.74 -37.71
N MET B 212 -22.69 12.14 -36.67
CA MET B 212 -22.68 10.69 -36.53
C MET B 212 -24.10 10.13 -36.57
N ALA B 213 -24.97 10.69 -35.75
CA ALA B 213 -26.37 10.25 -35.69
C ALA B 213 -27.05 10.35 -37.05
N GLU B 214 -26.78 11.43 -37.76
CA GLU B 214 -27.38 11.65 -39.07
C GLU B 214 -26.88 10.61 -40.07
N GLU B 215 -25.59 10.32 -40.04
CA GLU B 215 -25.01 9.33 -40.95
C GLU B 215 -25.50 7.92 -40.64
N LYS B 216 -25.69 7.63 -39.35
CA LYS B 216 -26.11 6.29 -38.93
C LYS B 216 -27.58 6.04 -39.25
N ALA B 217 -28.39 7.09 -39.16
CA ALA B 217 -29.80 6.98 -39.56
C ALA B 217 -29.94 6.68 -41.05
N LYS B 218 -29.00 7.15 -41.85
CA LYS B 218 -28.96 6.88 -43.28
C LYS B 218 -28.25 5.56 -43.61
N ASN B 219 -27.31 5.16 -42.78
CA ASN B 219 -26.60 3.88 -42.92
C ASN B 219 -26.59 3.18 -41.56
N PRO B 220 -27.78 2.73 -41.09
CA PRO B 220 -27.86 1.95 -39.84
C PRO B 220 -26.96 0.73 -39.87
N ASP B 223 -24.02 -1.57 -34.53
CA ASP B 223 -23.22 -0.76 -33.63
C ASP B 223 -24.10 -0.01 -32.63
N ILE B 224 -23.46 0.53 -31.59
CA ILE B 224 -24.21 1.13 -30.49
C ILE B 224 -24.91 2.41 -30.93
N VAL B 225 -24.34 3.14 -31.90
CA VAL B 225 -24.96 4.38 -32.34
C VAL B 225 -26.31 4.10 -32.98
N THR B 226 -26.38 3.05 -33.80
CA THR B 226 -27.64 2.71 -34.45
C THR B 226 -28.71 2.35 -33.41
N GLN B 227 -28.32 1.58 -32.39
CA GLN B 227 -29.30 1.12 -31.41
C GLN B 227 -29.86 2.25 -30.56
N LEU B 228 -29.14 3.37 -30.45
CA LEU B 228 -29.59 4.48 -29.61
C LEU B 228 -30.55 5.41 -30.32
N ILE B 229 -30.40 5.57 -31.64
CA ILE B 229 -31.23 6.50 -32.40
C ILE B 229 -32.38 5.81 -33.14
N GLN B 230 -32.55 4.51 -32.94
CA GLN B 230 -33.64 3.76 -33.55
C GLN B 230 -34.60 3.30 -32.46
N ALA B 231 -35.89 3.32 -32.76
CA ALA B 231 -36.91 2.86 -31.82
C ALA B 231 -36.80 1.36 -31.60
N ASP B 232 -37.11 0.93 -30.38
CA ASP B 232 -37.05 -0.49 -30.02
C ASP B 232 -38.37 -1.20 -30.32
N GLY B 235 -41.38 1.84 -28.26
CA GLY B 235 -40.72 2.61 -29.30
C GLY B 235 -39.99 3.84 -28.78
N GLU B 236 -38.90 3.62 -28.05
CA GLU B 236 -38.13 4.69 -27.44
C GLU B 236 -36.76 4.80 -28.09
N LYS B 237 -36.28 6.02 -28.23
CA LYS B 237 -35.00 6.30 -28.88
C LYS B 237 -34.50 7.65 -28.41
N LEU B 238 -33.19 7.85 -28.52
CA LEU B 238 -32.61 9.17 -28.29
C LEU B 238 -32.87 10.08 -29.48
N SER B 239 -33.15 11.35 -29.20
CA SER B 239 -33.16 12.36 -30.23
C SER B 239 -31.71 12.74 -30.59
N ASP B 240 -31.55 13.36 -31.75
CA ASP B 240 -30.22 13.80 -32.16
C ASP B 240 -29.58 14.66 -31.07
N ASP B 241 -30.38 15.49 -30.41
CA ASP B 241 -29.87 16.28 -29.29
C ASP B 241 -29.45 15.38 -28.13
N GLU B 242 -30.36 14.52 -27.67
CA GLU B 242 -30.02 13.64 -26.55
C GLU B 242 -28.80 12.80 -26.85
N PHE B 243 -28.57 12.46 -28.12
CA PHE B 243 -27.38 11.68 -28.46
C PHE B 243 -26.13 12.53 -28.35
N GLY B 244 -26.21 13.79 -28.78
CA GLY B 244 -25.08 14.69 -28.57
C GLY B 244 -24.71 14.81 -27.11
N PHE B 245 -25.70 15.05 -26.25
CA PHE B 245 -25.46 15.13 -24.82
C PHE B 245 -25.01 13.80 -24.23
N PHE B 246 -25.34 12.68 -24.89
CA PHE B 246 -24.81 11.39 -24.46
C PHE B 246 -23.33 11.29 -24.79
N VAL B 247 -22.94 11.71 -26.00
CA VAL B 247 -21.52 11.70 -26.36
C VAL B 247 -20.74 12.63 -25.43
N VAL B 248 -21.28 13.82 -25.16
CA VAL B 248 -20.66 14.70 -24.18
C VAL B 248 -20.54 14.00 -22.83
N MET B 249 -21.60 13.29 -22.41
CA MET B 249 -21.57 12.58 -21.15
CA MET B 249 -21.57 12.58 -21.15
C MET B 249 -20.39 11.59 -21.12
N LEU B 250 -20.25 10.78 -22.16
CA LEU B 250 -19.18 9.79 -22.17
C LEU B 250 -17.81 10.46 -22.11
N ALA B 251 -17.64 11.56 -22.83
CA ALA B 251 -16.32 12.17 -22.95
C ALA B 251 -15.82 12.69 -21.60
N VAL B 252 -16.72 13.23 -20.78
CA VAL B 252 -16.32 13.71 -19.47
C VAL B 252 -16.38 12.63 -18.40
N ALA B 253 -17.20 11.59 -18.59
CA ALA B 253 -17.42 10.60 -17.55
C ALA B 253 -16.40 9.47 -17.60
N GLY B 254 -16.03 9.01 -18.80
CA GLY B 254 -15.18 7.85 -18.94
C GLY B 254 -13.74 8.14 -19.32
N ASN B 255 -13.30 9.39 -19.21
CA ASN B 255 -11.97 9.79 -19.63
C ASN B 255 -11.06 9.90 -18.41
N GLU B 256 -11.06 11.06 -17.77
CA GLU B 256 -10.13 11.31 -16.67
C GLU B 256 -10.31 10.32 -15.53
N THR B 257 -11.54 9.84 -15.31
CA THR B 257 -11.80 8.94 -14.19
C THR B 257 -10.98 7.66 -14.32
N THR B 258 -11.10 6.97 -15.45
CA THR B 258 -10.31 5.75 -15.65
C THR B 258 -8.83 6.07 -15.75
N ARG B 259 -8.47 7.14 -16.45
CA ARG B 259 -7.08 7.57 -16.49
C ARG B 259 -6.50 7.64 -15.09
N ASN B 260 -7.19 8.36 -14.20
CA ASN B 260 -6.65 8.58 -12.87
C ASN B 260 -6.65 7.32 -12.03
N SER B 261 -7.54 6.36 -12.32
CA SER B 261 -7.45 5.07 -11.65
CA SER B 261 -7.45 5.07 -11.66
C SER B 261 -6.16 4.35 -12.05
N ILE B 262 -5.78 4.45 -13.32
CA ILE B 262 -4.55 3.79 -13.77
C ILE B 262 -3.34 4.44 -13.13
N THR B 263 -3.26 5.77 -13.14
CA THR B 263 -2.11 6.44 -12.57
C THR B 263 -1.96 6.12 -11.09
N GLN B 264 -3.03 6.28 -10.32
CA GLN B 264 -2.97 6.09 -8.88
C GLN B 264 -2.93 4.62 -8.50
N GLY B 265 -3.45 3.73 -9.34
CA GLY B 265 -3.20 2.31 -9.13
C GLY B 265 -1.73 1.98 -9.24
N MET B 266 -1.05 2.59 -10.23
CA MET B 266 0.39 2.37 -10.36
C MET B 266 1.18 3.06 -9.26
N MET B 267 0.75 4.26 -8.82
CA MET B 267 1.41 4.82 -7.65
C MET B 267 1.29 3.88 -6.47
N ALA B 268 0.11 3.27 -6.26
CA ALA B 268 -0.06 2.36 -5.15
C ALA B 268 0.87 1.17 -5.26
N PHE B 269 1.02 0.62 -6.46
CA PHE B 269 1.93 -0.50 -6.65
C PHE B 269 3.37 -0.08 -6.37
N ALA B 270 3.76 1.12 -6.81
CA ALA B 270 5.10 1.61 -6.52
C ALA B 270 5.31 1.71 -5.02
N GLU B 271 4.30 2.19 -4.29
CA GLU B 271 4.42 2.35 -2.84
C GLU B 271 4.33 1.02 -2.09
N HIS B 272 3.78 -0.02 -2.73
CA HIS B 272 3.58 -1.32 -2.11
C HIS B 272 4.14 -2.39 -3.03
N PRO B 273 5.47 -2.45 -3.17
CA PRO B 273 6.06 -3.39 -4.14
C PRO B 273 5.69 -4.83 -3.88
N ASP B 274 5.38 -5.19 -2.62
CA ASP B 274 4.93 -6.55 -2.33
CA ASP B 274 4.94 -6.55 -2.34
C ASP B 274 3.65 -6.88 -3.10
N GLN B 275 2.75 -5.90 -3.19
CA GLN B 275 1.50 -6.10 -3.92
C GLN B 275 1.75 -6.18 -5.43
N TRP B 276 2.69 -5.38 -5.92
CA TRP B 276 3.05 -5.45 -7.34
C TRP B 276 3.63 -6.82 -7.68
N GLU B 277 4.52 -7.34 -6.84
CA GLU B 277 5.08 -8.66 -7.09
C GLU B 277 3.98 -9.73 -7.08
N LEU B 278 3.04 -9.62 -6.15
CA LEU B 278 1.88 -10.52 -6.14
C LEU B 278 1.04 -10.33 -7.39
N TYR B 279 0.81 -9.09 -7.81
CA TYR B 279 -0.02 -8.86 -8.99
C TYR B 279 0.61 -9.49 -10.23
N LYS B 280 1.91 -9.26 -10.42
CA LYS B 280 2.57 -9.77 -11.62
C LYS B 280 2.45 -11.29 -11.71
N LYS B 281 2.48 -11.98 -10.57
CA LYS B 281 2.36 -13.43 -10.58
C LYS B 281 0.93 -13.87 -10.86
N VAL B 282 -0.03 -13.32 -10.11
CA VAL B 282 -1.36 -13.89 -10.02
C VAL B 282 -2.37 -13.21 -10.94
N ARG B 283 -2.12 -11.94 -11.27
CA ARG B 283 -3.03 -11.14 -12.07
C ARG B 283 -4.48 -11.26 -11.58
N PRO B 284 -4.73 -11.03 -10.29
CA PRO B 284 -6.07 -11.30 -9.75
C PRO B 284 -7.11 -10.36 -10.31
N GLU B 285 -8.30 -10.89 -10.58
CA GLU B 285 -9.41 -10.10 -11.08
C GLU B 285 -9.95 -9.12 -10.05
N THR B 286 -9.61 -9.32 -8.77
CA THR B 286 -10.01 -8.38 -7.73
C THR B 286 -9.14 -7.12 -7.70
N ALA B 287 -8.07 -7.08 -8.50
CA ALA B 287 -7.17 -5.94 -8.48
C ALA B 287 -7.88 -4.66 -8.90
N ALA B 288 -8.70 -4.73 -9.95
CA ALA B 288 -9.32 -3.52 -10.50
C ALA B 288 -10.14 -2.77 -9.45
N ASP B 289 -10.94 -3.51 -8.67
CA ASP B 289 -11.80 -2.85 -7.69
C ASP B 289 -10.98 -2.24 -6.55
N GLU B 290 -9.90 -2.90 -6.15
CA GLU B 290 -9.06 -2.30 -5.12
C GLU B 290 -8.30 -1.09 -5.66
N ILE B 291 -7.94 -1.11 -6.95
CA ILE B 291 -7.33 0.07 -7.55
C ILE B 291 -8.33 1.22 -7.59
N VAL B 292 -9.60 0.92 -7.89
CA VAL B 292 -10.59 1.98 -7.91
C VAL B 292 -10.86 2.50 -6.50
N ARG B 293 -10.93 1.60 -5.51
CA ARG B 293 -11.09 2.05 -4.13
C ARG B 293 -9.95 2.97 -3.73
N TRP B 294 -8.72 2.56 -4.02
CA TRP B 294 -7.54 3.34 -3.63
C TRP B 294 -7.47 4.65 -4.40
N ALA B 295 -7.82 4.63 -5.68
CA ALA B 295 -7.69 5.81 -6.51
C ALA B 295 -8.85 6.79 -6.32
N THR B 296 -10.05 6.28 -6.00
CA THR B 296 -11.28 7.06 -5.92
C THR B 296 -11.23 8.28 -6.83
N PRO B 297 -11.24 8.08 -8.15
CA PRO B 297 -11.02 9.22 -9.07
C PRO B 297 -12.00 10.36 -8.90
N VAL B 298 -13.25 10.07 -8.53
CA VAL B 298 -14.22 11.10 -8.19
C VAL B 298 -14.21 11.23 -6.68
N THR B 299 -13.65 12.34 -6.18
CA THR B 299 -13.58 12.55 -4.74
C THR B 299 -14.96 12.70 -4.13
N ALA B 300 -15.88 13.37 -4.83
CA ALA B 300 -17.17 13.66 -4.27
C ALA B 300 -18.16 14.07 -5.35
N PHE B 301 -19.41 13.63 -5.19
CA PHE B 301 -20.57 14.15 -5.91
C PHE B 301 -21.59 14.61 -4.87
N GLN B 302 -22.40 15.59 -5.23
CA GLN B 302 -23.38 16.14 -4.29
C GLN B 302 -24.81 15.80 -4.71
N ARG B 303 -25.73 16.09 -3.80
CA ARG B 303 -27.16 15.98 -4.04
C ARG B 303 -27.84 17.12 -3.31
N THR B 304 -29.11 17.35 -3.65
CA THR B 304 -29.90 18.41 -3.04
C THR B 304 -31.17 17.79 -2.48
N ALA B 305 -31.47 18.08 -1.21
CA ALA B 305 -32.62 17.49 -0.53
C ALA B 305 -33.90 18.15 -1.01
N LEU B 306 -34.80 17.36 -1.60
CA LEU B 306 -36.09 17.89 -2.04
C LEU B 306 -37.09 18.01 -0.88
N ARG B 307 -36.76 17.47 0.29
CA ARG B 307 -37.61 17.64 1.47
C ARG B 307 -36.75 17.37 2.70
N ASP B 308 -37.26 17.80 3.85
CA ASP B 308 -36.61 17.48 5.12
C ASP B 308 -36.36 15.98 5.21
N TYR B 309 -35.17 15.61 5.69
CA TYR B 309 -34.79 14.20 5.78
C TYR B 309 -33.80 14.05 6.92
N GLU B 310 -34.05 13.07 7.80
CA GLU B 310 -33.16 12.77 8.91
C GLU B 310 -32.19 11.67 8.48
N LEU B 311 -30.89 11.95 8.58
CA LEU B 311 -29.84 11.03 8.15
C LEU B 311 -28.88 10.85 9.31
N SER B 312 -28.83 9.64 9.86
CA SER B 312 -27.95 9.32 10.97
C SER B 312 -28.02 10.40 12.05
N GLY B 313 -29.25 10.77 12.42
CA GLY B 313 -29.47 11.67 13.53
C GLY B 313 -29.37 13.14 13.22
N VAL B 314 -28.99 13.51 12.00
CA VAL B 314 -28.90 14.91 11.59
C VAL B 314 -30.10 15.23 10.71
N GLN B 315 -30.74 16.37 10.97
CA GLN B 315 -31.90 16.81 10.20
C GLN B 315 -31.41 17.58 8.98
N ILE B 316 -31.51 16.97 7.80
CA ILE B 316 -31.25 17.67 6.54
C ILE B 316 -32.50 18.44 6.15
N LYS B 317 -32.33 19.70 5.77
CA LYS B 317 -33.45 20.57 5.47
C LYS B 317 -33.71 20.64 3.96
N LYS B 318 -34.97 20.91 3.61
CA LYS B 318 -35.35 21.13 2.21
C LYS B 318 -34.41 22.11 1.55
N GLY B 319 -33.92 21.74 0.37
CA GLY B 319 -33.09 22.62 -0.43
C GLY B 319 -31.61 22.59 -0.11
N GLN B 320 -31.20 21.94 0.98
CA GLN B 320 -29.80 21.93 1.36
C GLN B 320 -29.02 20.90 0.53
N ARG B 321 -27.73 21.18 0.37
CA ARG B 321 -26.84 20.29 -0.36
C ARG B 321 -26.16 19.33 0.61
N VAL B 322 -25.97 18.09 0.15
CA VAL B 322 -25.14 17.11 0.83
C VAL B 322 -24.07 16.68 -0.15
N VAL B 323 -22.82 16.62 0.31
CA VAL B 323 -21.68 16.26 -0.53
C VAL B 323 -21.20 14.89 -0.07
N MET B 324 -21.33 13.90 -0.95
CA MET B 324 -20.88 12.54 -0.67
C MET B 324 -19.40 12.45 -0.99
N PHE B 325 -18.57 12.31 0.06
CA PHE B 325 -17.11 12.23 -0.13
C PHE B 325 -16.72 10.76 -0.24
N TYR B 326 -16.76 10.25 -1.48
CA TYR B 326 -16.34 8.87 -1.72
C TYR B 326 -14.93 8.61 -1.21
N ARG B 327 -14.06 9.62 -1.27
CA ARG B 327 -12.68 9.45 -0.80
C ARG B 327 -12.65 9.12 0.69
N SER B 328 -13.58 9.66 1.47
CA SER B 328 -13.66 9.27 2.88
C SER B 328 -14.36 7.92 3.02
N ALA B 329 -15.47 7.73 2.31
CA ALA B 329 -16.25 6.50 2.45
C ALA B 329 -15.43 5.26 2.12
N ASN B 330 -14.55 5.37 1.13
CA ASN B 330 -13.78 4.21 0.71
C ASN B 330 -12.67 3.83 1.69
N PHE B 331 -12.48 4.60 2.75
CA PHE B 331 -11.54 4.24 3.80
C PHE B 331 -12.25 4.20 5.16
N ASP B 332 -13.56 3.93 5.11
CA ASP B 332 -14.39 3.84 6.31
C ASP B 332 -13.94 2.66 7.17
N GLU B 333 -13.49 2.96 8.38
CA GLU B 333 -12.93 1.94 9.27
C GLU B 333 -13.98 0.92 9.72
N GLU B 334 -15.26 1.22 9.58
CA GLU B 334 -16.31 0.29 9.98
C GLU B 334 -16.73 -0.65 8.86
N VAL B 335 -16.30 -0.39 7.63
CA VAL B 335 -16.64 -1.22 6.47
C VAL B 335 -15.46 -2.06 6.04
N PHE B 336 -14.27 -1.49 6.03
CA PHE B 336 -13.03 -2.19 5.73
C PHE B 336 -12.22 -2.29 7.01
N GLN B 337 -11.80 -3.51 7.38
N GLN B 337 -11.76 -3.50 7.32
CA GLN B 337 -11.12 -3.65 8.66
CA GLN B 337 -10.65 -3.69 8.24
C GLN B 337 -9.70 -3.10 8.62
C GLN B 337 -9.35 -3.44 7.49
N ASP B 338 -9.11 -3.00 7.42
N ASP B 338 -8.47 -2.64 8.08
CA ASP B 338 -7.74 -2.53 7.23
CA ASP B 338 -7.24 -2.21 7.41
C ASP B 338 -7.72 -1.52 6.09
C ASP B 338 -7.60 -1.43 6.14
N PRO B 339 -8.44 -0.41 6.23
CA PRO B 339 -8.70 0.44 5.05
C PRO B 339 -7.46 1.02 4.42
N PHE B 340 -6.43 1.30 5.20
CA PHE B 340 -5.22 1.92 4.69
C PHE B 340 -4.21 0.90 4.17
N THR B 341 -4.60 -0.36 4.05
CA THR B 341 -3.81 -1.38 3.38
C THR B 341 -4.27 -1.50 1.93
N PHE B 342 -3.32 -1.44 1.00
CA PHE B 342 -3.59 -1.70 -0.40
C PHE B 342 -3.46 -3.20 -0.62
N ASN B 343 -4.59 -3.87 -0.88
CA ASN B 343 -4.63 -5.33 -0.98
C ASN B 343 -5.41 -5.69 -2.23
N ILE B 344 -4.70 -6.11 -3.28
CA ILE B 344 -5.35 -6.43 -4.54
C ILE B 344 -6.20 -7.68 -4.47
N LEU B 345 -6.11 -8.44 -3.39
CA LEU B 345 -6.94 -9.63 -3.19
C LEU B 345 -8.21 -9.32 -2.41
N ARG B 346 -8.40 -8.08 -1.97
CA ARG B 346 -9.55 -7.72 -1.15
C ARG B 346 -10.84 -8.22 -1.79
N ASN B 347 -11.61 -8.99 -1.04
CA ASN B 347 -12.86 -9.54 -1.56
C ASN B 347 -13.76 -10.07 -0.45
N PRO B 348 -15.02 -9.62 -0.36
CA PRO B 348 -15.65 -8.60 -1.21
C PRO B 348 -14.99 -7.23 -1.03
N ASN B 349 -15.32 -6.30 -1.93
CA ASN B 349 -14.77 -4.94 -1.89
C ASN B 349 -15.94 -4.00 -2.08
N PRO B 350 -16.63 -3.61 -1.01
CA PRO B 350 -17.86 -2.81 -1.16
C PRO B 350 -17.58 -1.32 -1.28
N HIS B 351 -16.59 -0.95 -2.08
CA HIS B 351 -16.22 0.45 -2.23
C HIS B 351 -17.28 1.19 -3.04
N VAL B 352 -17.29 2.51 -2.89
CA VAL B 352 -18.25 3.36 -3.58
C VAL B 352 -17.53 4.27 -4.57
N GLY B 353 -16.38 3.83 -5.06
CA GLY B 353 -15.69 4.58 -6.11
C GLY B 353 -16.56 4.80 -7.33
N PHE B 354 -17.43 3.84 -7.64
CA PHE B 354 -18.41 4.00 -8.71
C PHE B 354 -19.73 4.57 -8.20
N GLY B 355 -19.72 5.14 -7.00
CA GLY B 355 -20.93 5.67 -6.39
C GLY B 355 -21.60 4.64 -5.50
N GLY B 356 -22.61 5.12 -4.77
CA GLY B 356 -23.45 4.21 -4.00
C GLY B 356 -24.46 3.53 -4.92
N THR B 357 -24.76 2.27 -4.61
CA THR B 357 -25.74 1.54 -5.40
C THR B 357 -27.04 2.34 -5.47
N GLY B 358 -27.47 2.66 -6.69
CA GLY B 358 -28.69 3.43 -6.85
C GLY B 358 -28.96 3.75 -8.29
N ALA B 359 -29.85 4.73 -8.49
CA ALA B 359 -30.32 5.03 -9.84
C ALA B 359 -29.19 5.48 -10.75
N HIS B 360 -28.21 6.21 -10.20
CA HIS B 360 -27.15 6.81 -11.00
C HIS B 360 -25.85 6.01 -10.98
N TYR B 361 -25.86 4.80 -10.42
CA TYR B 361 -24.65 4.00 -10.34
C TYR B 361 -23.95 3.95 -11.68
N CYS B 362 -22.61 4.02 -11.65
CA CYS B 362 -21.83 4.19 -12.87
C CYS B 362 -22.12 3.13 -13.92
N ILE B 363 -22.72 3.54 -15.03
CA ILE B 363 -23.06 2.60 -16.10
C ILE B 363 -21.80 2.06 -16.76
N GLY B 364 -20.66 2.74 -16.61
CA GLY B 364 -19.43 2.30 -17.22
C GLY B 364 -18.49 1.55 -16.28
N ALA B 365 -19.00 1.10 -15.13
CA ALA B 365 -18.13 0.46 -14.14
C ALA B 365 -17.42 -0.76 -14.72
N ASN B 366 -18.13 -1.59 -15.48
CA ASN B 366 -17.53 -2.81 -16.00
C ASN B 366 -16.55 -2.51 -17.13
N LEU B 367 -16.88 -1.52 -17.97
CA LEU B 367 -15.92 -1.08 -18.99
C LEU B 367 -14.65 -0.54 -18.34
N ALA B 368 -14.80 0.18 -17.23
CA ALA B 368 -13.64 0.71 -16.52
C ALA B 368 -12.79 -0.43 -15.95
N ARG B 369 -13.44 -1.40 -15.29
CA ARG B 369 -12.69 -2.53 -14.75
C ARG B 369 -11.91 -3.25 -15.83
N MET B 370 -12.54 -3.45 -17.00
CA MET B 370 -11.85 -4.13 -18.10
C MET B 370 -10.69 -3.30 -18.61
N THR B 371 -10.91 -1.99 -18.79
CA THR B 371 -9.80 -1.11 -19.16
C THR B 371 -8.66 -1.21 -18.15
N ILE B 372 -8.99 -1.14 -16.86
CA ILE B 372 -7.97 -1.20 -15.82
C ILE B 372 -7.22 -2.52 -15.89
N ASN B 373 -7.94 -3.63 -15.98
CA ASN B 373 -7.29 -4.94 -15.95
C ASN B 373 -6.39 -5.12 -17.17
N LEU B 374 -6.83 -4.65 -18.33
CA LEU B 374 -6.05 -4.82 -19.55
C LEU B 374 -4.74 -4.02 -19.51
N ILE B 375 -4.79 -2.78 -19.02
CA ILE B 375 -3.57 -1.98 -19.05
C ILE B 375 -2.57 -2.48 -18.02
N PHE B 376 -3.05 -2.89 -16.85
CA PHE B 376 -2.12 -3.39 -15.83
C PHE B 376 -1.55 -4.75 -16.20
N ASN B 377 -2.31 -5.57 -16.93
CA ASN B 377 -1.71 -6.78 -17.48
C ASN B 377 -0.63 -6.42 -18.50
N ALA B 378 -0.89 -5.41 -19.32
CA ALA B 378 0.11 -4.96 -20.30
C ALA B 378 1.35 -4.40 -19.62
N VAL B 379 1.16 -3.59 -18.58
CA VAL B 379 2.29 -3.04 -17.84
C VAL B 379 3.12 -4.16 -17.24
N ALA B 380 2.46 -5.13 -16.60
CA ALA B 380 3.19 -6.24 -16.01
C ALA B 380 3.92 -7.05 -17.07
N ASP B 381 3.35 -7.14 -18.29
CA ASP B 381 3.99 -7.93 -19.34
C ASP B 381 5.23 -7.24 -19.90
N HIS B 382 5.20 -5.91 -20.02
CA HIS B 382 6.22 -5.19 -20.75
C HIS B 382 7.15 -4.36 -19.89
N MET B 383 6.73 -3.96 -18.68
CA MET B 383 7.53 -3.11 -17.81
CA MET B 383 7.54 -3.11 -17.82
C MET B 383 7.43 -3.60 -16.37
N PRO B 384 7.80 -4.85 -16.11
CA PRO B 384 7.65 -5.39 -14.75
C PRO B 384 8.51 -4.69 -13.71
N ASP B 385 9.61 -4.05 -14.12
CA ASP B 385 10.54 -3.40 -13.19
C ASP B 385 10.32 -1.90 -13.10
N LEU B 386 9.19 -1.41 -13.59
CA LEU B 386 8.85 0.01 -13.54
C LEU B 386 9.10 0.59 -12.15
N LYS B 387 9.66 1.80 -12.13
CA LYS B 387 9.87 2.53 -10.88
C LYS B 387 9.71 4.02 -11.10
N PRO B 388 9.12 4.75 -10.15
CA PRO B 388 8.96 6.20 -10.34
C PRO B 388 10.30 6.93 -10.30
N ILE B 389 10.34 8.07 -10.99
CA ILE B 389 11.49 8.96 -10.94
C ILE B 389 11.27 10.10 -9.96
N SER B 390 10.07 10.70 -9.97
CA SER B 390 9.79 11.87 -9.16
C SER B 390 8.32 11.86 -8.75
N ALA B 391 7.96 12.79 -7.87
CA ALA B 391 6.64 12.80 -7.29
C ALA B 391 5.60 13.19 -8.34
N PRO B 392 4.37 12.68 -8.21
CA PRO B 392 3.31 13.08 -9.14
C PRO B 392 2.85 14.51 -8.89
N GLU B 393 2.41 15.17 -9.97
CA GLU B 393 1.82 16.50 -9.89
C GLU B 393 0.30 16.36 -9.93
N ARG B 394 -0.37 16.86 -8.90
CA ARG B 394 -1.80 16.68 -8.73
C ARG B 394 -2.58 17.79 -9.44
N LEU B 395 -3.85 17.49 -9.72
CA LEU B 395 -4.73 18.42 -10.40
C LEU B 395 -5.46 19.31 -9.40
N ARG B 396 -5.52 20.60 -9.70
CA ARG B 396 -6.31 21.53 -8.91
C ARG B 396 -7.77 21.36 -9.28
N SER B 397 -8.55 20.75 -8.38
CA SER B 397 -9.97 20.52 -8.59
C SER B 397 -10.59 20.32 -7.23
N GLY B 398 -11.81 20.81 -7.06
CA GLY B 398 -12.52 20.61 -5.81
C GLY B 398 -13.29 19.32 -5.68
N TRP B 399 -13.27 18.45 -6.70
CA TRP B 399 -14.04 17.22 -6.63
C TRP B 399 -13.42 16.08 -7.43
N LEU B 400 -12.61 16.40 -8.44
CA LEU B 400 -11.88 15.38 -9.18
C LEU B 400 -10.52 15.16 -8.52
N ASN B 401 -10.13 13.89 -8.39
CA ASN B 401 -8.84 13.52 -7.82
C ASN B 401 -7.93 13.13 -8.98
N GLY B 402 -7.18 14.11 -9.49
CA GLY B 402 -6.45 13.94 -10.72
C GLY B 402 -4.94 14.00 -10.53
N ILE B 403 -4.23 13.23 -11.35
CA ILE B 403 -2.78 13.30 -11.47
C ILE B 403 -2.49 13.80 -12.89
N LYS B 404 -1.87 14.98 -12.99
CA LYS B 404 -1.58 15.57 -14.29
C LYS B 404 -0.36 14.93 -14.93
N HIS B 405 0.69 14.67 -14.15
CA HIS B 405 1.95 14.17 -14.69
C HIS B 405 2.63 13.32 -13.64
N TRP B 406 3.42 12.35 -14.09
CA TRP B 406 4.15 11.47 -13.18
C TRP B 406 5.29 10.85 -13.95
N GLN B 407 6.53 11.22 -13.61
CA GLN B 407 7.70 10.75 -14.33
C GLN B 407 8.12 9.38 -13.81
N VAL B 408 8.30 8.44 -14.74
CA VAL B 408 8.55 7.04 -14.38
C VAL B 408 9.65 6.47 -15.27
N ASP B 409 10.47 5.60 -14.68
CA ASP B 409 11.48 4.84 -15.40
C ASP B 409 10.89 3.45 -15.70
N TYR B 410 10.52 3.23 -16.96
CA TYR B 410 9.75 2.03 -17.29
C TYR B 410 10.60 0.76 -17.22
N THR B 411 11.90 0.86 -17.41
CA THR B 411 12.77 -0.31 -17.54
C THR B 411 13.74 -0.47 -16.39
N GLY B 412 14.35 0.63 -15.93
CA GLY B 412 15.34 0.56 -14.88
C GLY B 412 16.74 0.85 -15.38
N SER C 4 -4.62 5.89 21.88
CA SER C 4 -3.82 5.80 20.66
C SER C 4 -4.36 6.78 19.62
N PRO C 5 -3.49 7.60 19.04
CA PRO C 5 -3.96 8.64 18.12
C PRO C 5 -4.50 8.02 16.84
N ASN C 6 -5.36 8.79 16.16
CA ASN C 6 -6.05 8.32 14.96
C ASN C 6 -5.17 8.56 13.73
N LEU C 7 -4.18 7.70 13.58
CA LEU C 7 -3.24 7.77 12.47
C LEU C 7 -3.24 6.45 11.69
N PRO C 8 -2.88 6.48 10.41
CA PRO C 8 -2.76 5.24 9.66
C PRO C 8 -1.65 4.38 10.26
N PRO C 9 -1.81 3.05 10.22
CA PRO C 9 -0.75 2.19 10.76
C PRO C 9 0.59 2.47 10.08
N GLY C 10 1.64 2.54 10.90
CA GLY C 10 2.98 2.71 10.39
C GLY C 10 3.37 4.13 10.02
N PHE C 11 2.50 5.11 10.31
CA PHE C 11 2.82 6.50 10.00
C PHE C 11 4.13 6.92 10.65
N ASP C 12 4.97 7.62 9.90
CA ASP C 12 6.25 8.10 10.38
C ASP C 12 6.37 9.58 10.07
N PHE C 13 6.45 10.39 11.13
CA PHE C 13 6.46 11.85 10.98
C PHE C 13 7.77 12.37 10.40
N THR C 14 8.80 11.53 10.23
CA THR C 14 10.03 11.94 9.57
C THR C 14 10.12 11.44 8.13
N ASP C 15 9.05 10.85 7.62
CA ASP C 15 9.02 10.26 6.28
C ASP C 15 9.21 11.33 5.23
N PRO C 16 10.33 11.36 4.50
CA PRO C 16 10.51 12.43 3.49
C PRO C 16 9.41 12.46 2.45
N ALA C 17 8.78 11.31 2.18
CA ALA C 17 7.72 11.26 1.18
C ALA C 17 6.52 12.10 1.58
N ILE C 18 6.27 12.23 2.89
CA ILE C 18 5.19 13.10 3.35
C ILE C 18 5.49 14.53 2.99
N TYR C 19 6.68 15.01 3.32
CA TYR C 19 7.00 16.42 3.15
C TYR C 19 7.23 16.80 1.70
N ALA C 20 7.50 15.82 0.83
CA ALA C 20 7.54 16.10 -0.60
C ALA C 20 6.17 16.49 -1.12
N GLU C 21 5.11 16.08 -0.44
CA GLU C 21 3.73 16.39 -0.81
C GLU C 21 3.13 17.53 0.01
N ARG C 22 3.37 17.52 1.32
CA ARG C 22 2.60 18.39 2.21
C ARG C 22 3.31 18.51 3.54
N LEU C 23 2.89 19.52 4.30
CA LEU C 23 3.15 19.51 5.73
C LEU C 23 2.02 18.78 6.43
N PRO C 24 2.30 17.79 7.28
CA PRO C 24 1.19 16.99 7.86
C PRO C 24 0.51 17.71 9.02
N VAL C 25 -0.16 18.82 8.68
CA VAL C 25 -0.74 19.69 9.71
C VAL C 25 -1.76 18.93 10.53
N ALA C 26 -2.66 18.21 9.86
CA ALA C 26 -3.75 17.54 10.56
C ALA C 26 -3.24 16.43 11.45
N GLU C 27 -2.25 15.67 10.97
CA GLU C 27 -1.67 14.60 11.77
C GLU C 27 -0.98 15.15 13.02
N PHE C 28 -0.23 16.26 12.87
CA PHE C 28 0.34 16.91 14.04
C PHE C 28 -0.76 17.32 15.01
N ALA C 29 -1.86 17.88 14.49
CA ALA C 29 -2.94 18.31 15.38
C ALA C 29 -3.58 17.14 16.11
N GLU C 30 -3.60 15.96 15.47
CA GLU C 30 -4.18 14.78 16.13
C GLU C 30 -3.30 14.29 17.28
N LEU C 31 -1.98 14.38 17.11
CA LEU C 31 -1.08 14.02 18.21
C LEU C 31 -1.21 15.00 19.38
N ARG C 32 -1.24 16.30 19.09
CA ARG C 32 -1.40 17.27 20.17
C ARG C 32 -2.68 16.99 20.95
N SER C 33 -3.74 16.58 20.26
CA SER C 33 -5.02 16.35 20.91
C SER C 33 -5.06 15.02 21.65
N ALA C 34 -4.52 13.96 21.04
CA ALA C 34 -4.72 12.61 21.53
C ALA C 34 -3.48 11.95 22.12
N ALA C 35 -2.28 12.40 21.75
CA ALA C 35 -1.06 11.80 22.27
C ALA C 35 0.09 12.78 22.09
N PRO C 36 0.17 13.82 22.92
CA PRO C 36 1.17 14.87 22.67
C PRO C 36 2.60 14.37 22.65
N ILE C 37 2.90 13.31 23.38
CA ILE C 37 4.19 12.62 23.29
C ILE C 37 3.89 11.20 22.86
N TRP C 38 4.30 10.84 21.65
CA TRP C 38 3.89 9.60 21.01
C TRP C 38 5.11 8.86 20.49
N TRP C 39 5.19 7.57 20.80
CA TRP C 39 6.26 6.75 20.27
C TRP C 39 6.03 6.50 18.77
N ASN C 40 6.96 6.96 17.95
CA ASN C 40 6.91 6.83 16.49
C ASN C 40 7.80 5.66 16.12
N GLY C 41 7.22 4.47 16.03
CA GLY C 41 7.99 3.29 15.69
C GLY C 41 8.44 3.30 14.24
N GLN C 42 9.62 2.74 14.00
CA GLN C 42 10.22 2.70 12.68
C GLN C 42 10.70 1.29 12.37
N ASP C 43 10.27 0.75 11.23
CA ASP C 43 10.64 -0.61 10.86
C ASP C 43 12.15 -0.71 10.64
N PRO C 44 12.69 -1.93 10.65
CA PRO C 44 14.13 -2.09 10.42
C PRO C 44 14.53 -1.56 9.04
N GLY C 45 15.65 -0.84 9.00
CA GLY C 45 16.11 -0.26 7.76
C GLY C 45 15.33 0.93 7.28
N LYS C 46 14.33 1.39 8.03
CA LYS C 46 13.49 2.52 7.63
C LYS C 46 13.58 3.66 8.64
N GLY C 47 14.68 3.73 9.38
CA GLY C 47 14.88 4.75 10.40
C GLY C 47 15.69 5.94 9.96
N GLY C 48 15.91 6.13 8.65
CA GLY C 48 16.68 7.26 8.17
C GLY C 48 18.10 7.29 8.70
N GLY C 49 18.76 6.13 8.75
CA GLY C 49 20.13 6.05 9.22
C GLY C 49 20.25 5.65 10.68
N PHE C 50 19.16 5.67 11.42
CA PHE C 50 19.14 5.24 12.82
C PHE C 50 18.43 3.90 12.91
N HIS C 51 18.90 3.06 13.81
CA HIS C 51 18.43 1.68 13.90
C HIS C 51 18.07 1.34 15.34
N ASP C 52 17.39 2.27 16.01
CA ASP C 52 17.00 2.09 17.40
C ASP C 52 15.50 1.79 17.57
N GLY C 53 14.79 1.59 16.48
CA GLY C 53 13.39 1.20 16.53
C GLY C 53 12.39 2.33 16.48
N GLY C 54 12.82 3.58 16.64
CA GLY C 54 11.92 4.71 16.55
C GLY C 54 12.38 5.85 17.41
N PHE C 55 11.45 6.76 17.67
CA PHE C 55 11.74 7.97 18.43
C PHE C 55 10.44 8.47 19.05
N TRP C 56 10.58 9.32 20.06
CA TRP C 56 9.43 10.00 20.66
C TRP C 56 9.12 11.26 19.88
N ALA C 57 7.90 11.35 19.34
CA ALA C 57 7.44 12.56 18.68
C ALA C 57 7.02 13.58 19.72
N ILE C 58 7.64 14.75 19.70
CA ILE C 58 7.34 15.84 20.62
C ILE C 58 6.57 16.90 19.84
N THR C 59 5.32 17.17 20.27
CA THR C 59 4.41 17.99 19.49
C THR C 59 3.95 19.26 20.20
N LYS C 60 4.21 19.41 21.49
CA LYS C 60 3.76 20.57 22.26
C LYS C 60 4.93 21.51 22.54
N LEU C 61 4.63 22.81 22.53
CA LEU C 61 5.70 23.79 22.57
C LEU C 61 6.44 23.76 23.92
N ASN C 62 5.70 23.64 25.03
CA ASN C 62 6.35 23.61 26.33
C ASN C 62 7.30 22.42 26.45
N ASP C 63 6.93 21.27 25.87
CA ASP C 63 7.82 20.11 25.86
C ASP C 63 9.05 20.39 25.00
N VAL C 64 8.86 20.98 23.83
CA VAL C 64 10.00 21.35 22.99
C VAL C 64 10.96 22.23 23.77
N LYS C 65 10.43 23.25 24.45
CA LYS C 65 11.28 24.16 25.22
C LYS C 65 11.98 23.44 26.36
N GLU C 66 11.26 22.55 27.06
CA GLU C 66 11.85 21.86 28.21
C GLU C 66 13.01 20.97 27.77
N ILE C 67 12.86 20.27 26.65
CA ILE C 67 13.98 19.49 26.12
C ILE C 67 15.13 20.41 25.76
N SER C 68 14.84 21.55 25.12
CA SER C 68 15.90 22.43 24.63
C SER C 68 16.71 23.03 25.77
N ARG C 69 16.06 23.39 26.88
CA ARG C 69 16.80 24.01 27.98
C ARG C 69 17.49 22.97 28.86
N HIS C 70 17.01 21.73 28.87
CA HIS C 70 17.66 20.65 29.60
C HIS C 70 18.70 19.97 28.71
N SER C 71 19.68 20.77 28.29
CA SER C 71 20.76 20.26 27.46
C SER C 71 21.63 19.24 28.19
N ASP C 72 21.65 19.29 29.52
CA ASP C 72 22.46 18.35 30.28
C ASP C 72 22.00 16.91 30.09
N VAL C 73 20.72 16.71 29.75
CA VAL C 73 20.15 15.38 29.60
C VAL C 73 19.91 15.04 28.15
N PHE C 74 19.46 16.00 27.35
CA PHE C 74 19.09 15.76 25.95
C PHE C 74 20.23 16.23 25.07
N SER C 75 20.99 15.27 24.55
CA SER C 75 22.24 15.55 23.88
C SER C 75 22.06 15.79 22.39
N SER C 76 22.78 16.78 21.89
CA SER C 76 22.87 16.97 20.44
C SER C 76 23.96 16.09 19.83
N TYR C 77 24.97 15.71 20.62
CA TYR C 77 26.17 15.05 20.10
C TYR C 77 25.95 13.56 19.88
N GLU C 78 25.22 12.90 20.77
CA GLU C 78 25.15 11.43 20.75
C GLU C 78 24.73 10.90 19.38
N ASN C 79 23.73 11.52 18.77
CA ASN C 79 23.25 11.08 17.47
C ASN C 79 23.07 12.23 16.50
N GLY C 80 23.58 13.42 16.82
CA GLY C 80 23.34 14.58 16.01
C GLY C 80 21.90 15.03 16.14
N VAL C 81 21.57 16.16 15.54
CA VAL C 81 20.24 16.76 15.67
C VAL C 81 19.40 16.59 14.43
N ILE C 82 19.95 16.13 13.32
CA ILE C 82 19.17 15.86 12.12
C ILE C 82 18.49 14.51 12.30
N PRO C 83 17.16 14.44 12.24
CA PRO C 83 16.47 13.18 12.55
C PRO C 83 16.32 12.23 11.38
N ARG C 84 16.75 12.59 10.17
CA ARG C 84 16.49 11.75 9.01
C ARG C 84 17.53 11.96 7.94
N PHE C 85 18.21 10.88 7.56
CA PHE C 85 19.08 10.82 6.40
C PHE C 85 18.57 9.73 5.44
N LYS C 86 19.34 9.49 4.39
CA LYS C 86 19.08 8.31 3.55
C LYS C 86 19.19 7.06 4.40
N ASN C 87 18.25 6.12 4.21
CA ASN C 87 18.20 4.94 5.06
C ASN C 87 19.52 4.17 5.07
N ASP C 88 20.30 4.28 3.99
CA ASP C 88 21.53 3.50 3.83
C ASP C 88 22.78 4.26 4.25
N ILE C 89 22.64 5.29 5.08
CA ILE C 89 23.79 6.11 5.46
C ILE C 89 24.64 5.35 6.47
N ALA C 90 25.96 5.43 6.30
CA ALA C 90 26.88 4.78 7.23
C ALA C 90 26.95 5.57 8.53
N ARG C 91 27.04 4.84 9.64
CA ARG C 91 27.10 5.50 10.94
C ARG C 91 28.23 6.52 11.01
N GLU C 92 29.34 6.27 10.31
CA GLU C 92 30.44 7.21 10.32
C GLU C 92 30.04 8.55 9.71
N ASP C 93 29.26 8.51 8.63
CA ASP C 93 28.81 9.74 7.98
C ASP C 93 27.86 10.54 8.86
N ILE C 94 27.20 9.90 9.82
CA ILE C 94 26.44 10.64 10.82
C ILE C 94 27.36 11.24 11.87
N GLU C 95 28.34 10.47 12.33
CA GLU C 95 29.20 10.92 13.42
C GLU C 95 30.14 12.03 12.99
N VAL C 96 30.47 12.13 11.69
CA VAL C 96 31.31 13.23 11.24
C VAL C 96 30.61 14.56 11.40
N GLN C 97 29.28 14.57 11.50
CA GLN C 97 28.57 15.81 11.76
C GLN C 97 28.89 16.40 13.13
N ARG C 98 29.56 15.64 14.00
CA ARG C 98 29.92 16.15 15.31
C ARG C 98 30.99 17.22 15.26
N PHE C 99 31.62 17.42 14.10
CA PHE C 99 32.68 18.42 13.97
C PHE C 99 32.14 19.84 13.88
N VAL C 100 30.84 20.02 13.67
CA VAL C 100 30.23 21.35 13.62
C VAL C 100 29.49 21.60 14.93
N MET C 101 29.49 22.87 15.35
CA MET C 101 29.00 23.25 16.67
C MET C 101 27.60 22.73 16.95
N LEU C 102 26.76 22.63 15.92
CA LEU C 102 25.37 22.25 16.12
C LEU C 102 25.24 20.89 16.80
N ASN C 103 26.18 19.97 16.55
CA ASN C 103 26.10 18.63 17.07
C ASN C 103 27.13 18.38 18.18
N MET C 104 27.46 19.41 18.94
CA MET C 104 28.37 19.31 20.06
C MET C 104 27.62 19.55 21.37
N ASP C 105 28.11 18.93 22.44
CA ASP C 105 27.61 19.14 23.78
C ASP C 105 28.65 19.90 24.60
N ALA C 106 28.20 20.50 25.70
CA ALA C 106 29.13 21.14 26.61
C ALA C 106 30.17 20.12 27.07
N PRO C 107 31.40 20.56 27.38
CA PRO C 107 31.88 21.94 27.30
C PRO C 107 32.35 22.35 25.91
N HIS C 108 32.54 21.38 25.00
CA HIS C 108 33.01 21.70 23.66
C HIS C 108 32.15 22.79 23.03
N HIS C 109 30.83 22.58 22.99
CA HIS C 109 29.94 23.56 22.40
C HIS C 109 30.09 24.92 23.07
N THR C 110 30.19 24.93 24.41
CA THR C 110 30.24 26.20 25.13
C THR C 110 31.42 27.05 24.68
N ARG C 111 32.58 26.43 24.45
CA ARG C 111 33.75 27.18 24.02
C ARG C 111 33.55 27.77 22.63
N LEU C 112 33.19 26.94 21.65
CA LEU C 112 33.00 27.43 20.30
C LEU C 112 31.93 28.52 20.25
N ARG C 113 30.76 28.23 20.84
CA ARG C 113 29.67 29.21 20.82
C ARG C 113 30.13 30.56 21.34
N LYS C 114 30.99 30.57 22.36
CA LYS C 114 31.47 31.83 22.91
C LYS C 114 32.26 32.62 21.88
N ILE C 115 33.18 31.96 21.17
CA ILE C 115 34.00 32.65 20.19
C ILE C 115 33.15 33.06 18.99
N ILE C 116 32.29 32.16 18.52
CA ILE C 116 31.49 32.47 17.33
C ILE C 116 30.53 33.63 17.62
N SER C 117 30.04 33.72 18.85
CA SER C 117 29.07 34.77 19.18
C SER C 117 29.59 36.15 18.82
N ARG C 118 30.93 36.34 18.85
CA ARG C 118 31.49 37.64 18.48
C ARG C 118 31.03 38.07 17.10
N GLY C 119 30.84 37.12 16.18
CA GLY C 119 30.44 37.42 14.82
C GLY C 119 28.96 37.66 14.61
N PHE C 120 28.15 37.61 15.67
CA PHE C 120 26.70 37.72 15.56
C PHE C 120 26.11 38.70 16.57
N THR C 121 26.90 39.66 17.04
CA THR C 121 26.38 40.71 17.88
C THR C 121 25.41 41.57 17.09
N PRO C 122 24.54 42.32 17.77
CA PRO C 122 23.68 43.27 17.05
C PRO C 122 24.48 44.18 16.12
N ARG C 123 25.69 44.55 16.52
CA ARG C 123 26.51 45.45 15.72
C ARG C 123 27.06 44.72 14.48
N ALA C 124 27.58 43.50 14.67
CA ALA C 124 28.09 42.75 13.54
C ALA C 124 27.02 42.57 12.47
N VAL C 125 25.80 42.23 12.90
CA VAL C 125 24.69 42.08 11.97
C VAL C 125 24.31 43.42 11.38
N GLY C 126 24.22 44.45 12.21
CA GLY C 126 23.90 45.78 11.70
C GLY C 126 24.85 46.23 10.62
N ARG C 127 26.14 45.88 10.75
CA ARG C 127 27.13 46.29 9.77
CA ARG C 127 27.14 46.27 9.77
C ARG C 127 26.80 45.78 8.37
N LEU C 128 26.00 44.73 8.25
CA LEU C 128 25.62 44.20 6.95
C LEU C 128 24.33 44.82 6.42
N HIS C 129 23.66 45.66 7.19
CA HIS C 129 22.37 46.19 6.78
C HIS C 129 22.45 46.86 5.41
N ASP C 130 23.40 47.78 5.24
CA ASP C 130 23.43 48.61 4.04
C ASP C 130 23.65 47.76 2.79
N GLU C 131 24.67 46.91 2.80
CA GLU C 131 24.96 46.10 1.62
C GLU C 131 23.84 45.11 1.32
N LEU C 132 23.19 44.58 2.36
CA LEU C 132 22.08 43.67 2.11
C LEU C 132 20.82 44.43 1.69
N GLN C 133 20.63 45.65 2.19
CA GLN C 133 19.49 46.44 1.74
C GLN C 133 19.62 46.79 0.27
N GLU C 134 20.81 47.20 -0.17
CA GLU C 134 21.03 47.49 -1.58
C GLU C 134 20.84 46.24 -2.43
N ARG C 135 21.37 45.11 -1.98
CA ARG C 135 21.21 43.86 -2.70
C ARG C 135 19.75 43.47 -2.82
N ALA C 136 19.01 43.56 -1.71
CA ALA C 136 17.59 43.19 -1.73
C ALA C 136 16.81 44.05 -2.70
N GLN C 137 17.12 45.35 -2.76
CA GLN C 137 16.42 46.23 -3.70
C GLN C 137 16.75 45.84 -5.14
N LYS C 138 18.01 45.50 -5.42
CA LYS C 138 18.37 45.06 -6.75
C LYS C 138 17.72 43.73 -7.12
N ILE C 139 17.68 42.79 -6.17
CA ILE C 139 17.03 41.50 -6.41
C ILE C 139 15.58 41.71 -6.80
N ALA C 140 14.86 42.51 -6.01
CA ALA C 140 13.45 42.74 -6.26
C ALA C 140 13.23 43.46 -7.59
N ALA C 141 14.09 44.44 -7.90
CA ALA C 141 13.96 45.16 -9.16
C ALA C 141 14.15 44.22 -10.33
N GLU C 142 15.18 43.37 -10.28
CA GLU C 142 15.44 42.46 -11.40
CA GLU C 142 15.44 42.46 -11.40
C GLU C 142 14.31 41.46 -11.56
N ALA C 143 13.73 40.98 -10.45
CA ALA C 143 12.60 40.08 -10.55
C ALA C 143 11.39 40.79 -11.17
N ALA C 144 11.11 42.02 -10.70
CA ALA C 144 9.96 42.74 -11.24
C ALA C 144 10.09 42.93 -12.75
N ALA C 145 11.30 43.23 -13.22
CA ALA C 145 11.51 43.47 -14.64
C ALA C 145 11.34 42.19 -15.46
N ALA C 146 11.59 41.03 -14.86
CA ALA C 146 11.35 39.76 -15.55
C ALA C 146 9.87 39.48 -15.75
N GLY C 147 8.99 40.19 -15.05
CA GLY C 147 7.57 40.00 -15.23
C GLY C 147 7.02 38.82 -14.45
N SER C 148 7.58 37.64 -14.70
CA SER C 148 7.16 36.41 -14.01
C SER C 148 8.33 35.45 -14.00
N GLY C 149 8.27 34.49 -13.06
CA GLY C 149 9.33 33.51 -12.98
C GLY C 149 9.26 32.73 -11.68
N ASP C 150 10.34 32.02 -11.40
CA ASP C 150 10.45 31.17 -10.20
C ASP C 150 10.84 32.04 -9.02
N PHE C 151 9.86 32.32 -8.15
CA PHE C 151 10.10 33.16 -6.98
C PHE C 151 11.29 32.63 -6.17
N VAL C 152 11.37 31.32 -5.97
CA VAL C 152 12.45 30.76 -5.17
C VAL C 152 13.81 31.19 -5.73
N GLU C 153 14.02 30.95 -7.03
CA GLU C 153 15.33 31.26 -7.61
C GLU C 153 15.55 32.76 -7.72
N GLN C 154 14.52 33.52 -8.07
CA GLN C 154 14.68 34.92 -8.41
C GLN C 154 14.57 35.86 -7.23
N VAL C 155 14.04 35.41 -6.09
CA VAL C 155 13.82 36.32 -4.97
C VAL C 155 14.36 35.75 -3.67
N SER C 156 14.13 34.47 -3.41
CA SER C 156 14.43 33.92 -2.10
C SER C 156 15.89 33.48 -1.95
N CYS C 157 16.51 33.01 -3.04
CA CYS C 157 17.74 32.25 -2.91
CA CYS C 157 17.75 32.26 -2.91
C CYS C 157 18.96 33.14 -2.64
N GLU C 158 19.05 34.30 -3.27
CA GLU C 158 20.35 34.99 -3.26
C GLU C 158 20.62 35.71 -1.95
N LEU C 159 19.62 36.33 -1.34
CA LEU C 159 19.96 37.24 -0.24
C LEU C 159 20.51 36.47 0.95
N PRO C 160 19.92 35.34 1.35
CA PRO C 160 20.57 34.52 2.39
C PRO C 160 22.03 34.23 2.09
N LEU C 161 22.36 33.94 0.83
CA LEU C 161 23.74 33.62 0.47
C LEU C 161 24.63 34.86 0.51
N GLN C 162 24.11 36.00 0.04
CA GLN C 162 24.87 37.24 0.15
C GLN C 162 25.05 37.64 1.61
N ALA C 163 24.13 37.24 2.48
CA ALA C 163 24.32 37.51 3.91
C ALA C 163 25.51 36.74 4.46
N ILE C 164 25.64 35.47 4.08
CA ILE C 164 26.76 34.65 4.52
C ILE C 164 28.07 35.17 3.94
N ALA C 165 28.07 35.51 2.65
CA ALA C 165 29.30 36.01 2.03
C ALA C 165 29.73 37.33 2.67
N GLY C 166 28.76 38.20 2.97
CA GLY C 166 29.11 39.47 3.59
C GLY C 166 29.62 39.30 5.01
N LEU C 167 29.01 38.40 5.76
CA LEU C 167 29.49 38.10 7.11
C LEU C 167 30.95 37.68 7.06
N LEU C 168 31.31 36.81 6.13
CA LEU C 168 32.66 36.28 6.03
C LEU C 168 33.60 37.17 5.23
N GLY C 169 33.09 38.21 4.57
CA GLY C 169 33.95 39.09 3.80
C GLY C 169 34.48 38.46 2.54
N VAL C 170 33.70 37.61 1.89
CA VAL C 170 34.15 36.85 0.73
C VAL C 170 34.25 37.79 -0.48
N PRO C 171 35.42 37.90 -1.12
CA PRO C 171 35.51 38.75 -2.31
C PRO C 171 34.46 38.35 -3.35
N GLN C 172 34.02 39.34 -4.12
CA GLN C 172 32.89 39.12 -5.03
C GLN C 172 33.22 38.03 -6.05
N GLU C 173 34.47 37.97 -6.51
CA GLU C 173 34.83 37.01 -7.55
C GLU C 173 34.72 35.57 -7.07
N ASP C 174 34.66 35.34 -5.76
CA ASP C 174 34.62 34.01 -5.19
C ASP C 174 33.23 33.60 -4.73
N ARG C 175 32.23 34.47 -4.85
CA ARG C 175 30.92 34.17 -4.29
C ARG C 175 30.17 33.14 -5.11
N GLY C 176 30.34 33.13 -6.43
CA GLY C 176 29.73 32.08 -7.23
C GLY C 176 30.15 30.69 -6.76
N LYS C 177 31.44 30.50 -6.54
CA LYS C 177 31.97 29.23 -6.06
C LYS C 177 31.44 28.89 -4.68
N LEU C 178 31.35 29.88 -3.79
CA LEU C 178 30.84 29.64 -2.44
C LEU C 178 29.35 29.31 -2.48
N PHE C 179 28.57 30.06 -3.27
CA PHE C 179 27.15 29.77 -3.36
C PHE C 179 26.92 28.36 -3.90
N HIS C 180 27.76 27.91 -4.81
CA HIS C 180 27.56 26.61 -5.43
C HIS C 180 27.67 25.49 -4.40
N TRP C 181 28.76 25.46 -3.65
CA TRP C 181 28.94 24.40 -2.66
C TRP C 181 27.95 24.54 -1.50
N SER C 182 27.60 25.77 -1.13
CA SER C 182 26.62 25.96 -0.06
C SER C 182 25.26 25.41 -0.45
N ASN C 183 24.90 25.52 -1.72
CA ASN C 183 23.64 24.95 -2.19
C ASN C 183 23.73 23.45 -2.39
N GLU C 184 24.89 22.94 -2.78
CA GLU C 184 25.05 21.51 -3.03
C GLU C 184 25.11 20.69 -1.75
N MET C 185 24.95 21.33 -0.58
CA MET C 185 24.70 20.62 0.68
C MET C 185 23.20 20.58 0.99
N THR C 186 22.37 20.62 -0.05
CA THR C 186 20.94 20.84 0.09
C THR C 186 20.17 19.85 -0.78
N GLY C 187 19.05 19.37 -0.25
CA GLY C 187 18.13 18.56 -1.04
C GLY C 187 18.70 17.23 -1.48
N ASN C 188 19.64 16.67 -0.73
CA ASN C 188 20.29 15.42 -1.14
C ASN C 188 19.27 14.30 -1.37
N GLU C 189 18.16 14.31 -0.65
CA GLU C 189 17.18 13.23 -0.72
C GLU C 189 16.05 13.50 -1.70
N ASP C 190 16.11 14.60 -2.44
CA ASP C 190 15.08 14.91 -3.44
C ASP C 190 15.54 14.45 -4.82
N PRO C 191 14.66 13.83 -5.61
CA PRO C 191 15.11 13.33 -6.92
C PRO C 191 15.71 14.41 -7.82
N GLU C 192 15.30 15.67 -7.63
CA GLU C 192 15.86 16.74 -8.45
C GLU C 192 17.34 16.98 -8.16
N TYR C 193 17.79 16.64 -6.96
CA TYR C 193 19.16 16.89 -6.53
C TYR C 193 19.89 15.60 -6.17
N ALA C 194 19.60 14.52 -6.89
CA ALA C 194 20.29 13.25 -6.64
C ALA C 194 21.79 13.35 -6.91
N HIS C 195 22.24 14.40 -7.58
CA HIS C 195 23.64 14.52 -7.97
C HIS C 195 24.52 15.15 -6.91
N ILE C 196 23.95 15.93 -5.99
CA ILE C 196 24.76 16.64 -5.02
C ILE C 196 25.28 15.65 -3.96
N ASP C 197 26.48 15.94 -3.45
CA ASP C 197 27.14 15.09 -2.46
C ASP C 197 27.58 15.95 -1.29
N PRO C 198 26.94 15.85 -0.13
CA PRO C 198 27.37 16.69 1.01
C PRO C 198 28.83 16.50 1.38
N LYS C 199 29.34 15.28 1.32
CA LYS C 199 30.73 15.03 1.73
C LYS C 199 31.70 15.77 0.81
N ALA C 200 31.38 15.84 -0.49
CA ALA C 200 32.28 16.50 -1.44
C ALA C 200 32.21 18.02 -1.31
N SER C 201 31.01 18.57 -1.11
CA SER C 201 30.87 20.01 -0.97
C SER C 201 31.54 20.50 0.31
N SER C 202 31.29 19.82 1.43
CA SER C 202 31.93 20.20 2.69
C SER C 202 33.44 20.28 2.53
N ALA C 203 34.04 19.30 1.87
CA ALA C 203 35.48 19.32 1.66
C ALA C 203 35.91 20.55 0.89
N GLU C 204 35.12 20.96 -0.11
CA GLU C 204 35.47 22.14 -0.89
C GLU C 204 35.35 23.41 -0.04
N LEU C 205 34.29 23.50 0.77
CA LEU C 205 34.13 24.66 1.65
C LEU C 205 35.28 24.73 2.66
N ILE C 206 35.63 23.60 3.27
CA ILE C 206 36.74 23.56 4.20
C ILE C 206 38.02 24.06 3.52
N GLY C 207 38.27 23.61 2.30
CA GLY C 207 39.47 24.02 1.59
C GLY C 207 39.51 25.53 1.36
N TYR C 208 38.38 26.10 0.94
CA TYR C 208 38.34 27.54 0.71
C TYR C 208 38.54 28.30 2.02
N ALA C 209 37.83 27.90 3.07
CA ALA C 209 37.99 28.55 4.37
C ALA C 209 39.43 28.44 4.86
N MET C 210 40.08 27.31 4.59
CA MET C 210 41.48 27.15 4.96
C MET C 210 42.36 28.17 4.24
N LYS C 211 42.12 28.38 2.95
CA LYS C 211 42.87 29.39 2.21
C LYS C 211 42.56 30.79 2.74
N MET C 212 41.31 31.03 3.15
CA MET C 212 40.94 32.34 3.68
C MET C 212 41.57 32.59 5.04
N ALA C 213 41.57 31.57 5.91
CA ALA C 213 42.20 31.73 7.22
C ALA C 213 43.70 31.91 7.10
N GLU C 214 44.33 31.20 6.16
CA GLU C 214 45.78 31.34 5.97
C GLU C 214 46.12 32.72 5.45
N GLU C 215 45.29 33.26 4.55
CA GLU C 215 45.58 34.58 3.98
C GLU C 215 45.29 35.69 4.98
N LYS C 216 44.23 35.54 5.79
CA LYS C 216 43.90 36.57 6.76
C LYS C 216 44.92 36.61 7.89
N ALA C 217 45.56 35.47 8.20
CA ALA C 217 46.62 35.46 9.20
C ALA C 217 47.82 36.29 8.76
N LYS C 218 48.00 36.47 7.45
CA LYS C 218 49.09 37.30 6.93
C LYS C 218 48.62 38.69 6.53
N ASN C 219 47.33 38.90 6.29
CA ASN C 219 46.77 40.20 5.96
C ASN C 219 45.58 40.49 6.89
N PRO C 220 45.83 40.74 8.16
CA PRO C 220 44.72 41.02 9.09
C PRO C 220 43.90 42.21 8.65
N ALA C 221 42.61 42.16 8.97
CA ALA C 221 41.66 43.22 8.60
C ALA C 221 40.63 43.36 9.72
N ASP C 222 39.75 44.35 9.56
CA ASP C 222 38.68 44.61 10.53
C ASP C 222 37.37 43.95 10.10
N ASP C 223 37.44 42.63 9.91
CA ASP C 223 36.28 41.83 9.55
C ASP C 223 36.16 40.67 10.52
N ILE C 224 35.13 39.85 10.31
CA ILE C 224 34.81 38.80 11.30
C ILE C 224 35.77 37.63 11.19
N VAL C 225 36.24 37.30 9.98
CA VAL C 225 37.20 36.21 9.84
C VAL C 225 38.45 36.48 10.66
N THR C 226 39.00 37.69 10.56
CA THR C 226 40.21 38.01 11.31
C THR C 226 39.97 37.97 12.80
N GLN C 227 38.80 38.44 13.26
CA GLN C 227 38.51 38.41 14.68
C GLN C 227 38.40 36.98 15.21
N LEU C 228 37.94 36.04 14.38
CA LEU C 228 37.74 34.67 14.86
C LEU C 228 39.05 33.89 14.94
N ILE C 229 40.00 34.16 14.04
CA ILE C 229 41.27 33.45 14.05
C ILE C 229 42.37 34.19 14.81
N GLN C 230 42.14 35.45 15.18
CA GLN C 230 43.07 36.17 16.04
C GLN C 230 42.80 35.82 17.49
N ALA C 231 43.86 35.55 18.26
CA ALA C 231 43.71 35.32 19.68
C ALA C 231 43.14 36.57 20.35
N ASP C 232 42.09 36.39 21.14
CA ASP C 232 41.48 37.53 21.83
C ASP C 232 42.28 37.84 23.09
N ILE C 233 41.77 38.74 23.92
CA ILE C 233 42.48 39.13 25.13
C ILE C 233 42.67 37.94 26.05
N ASP C 234 41.76 36.96 26.00
CA ASP C 234 41.86 35.75 26.80
C ASP C 234 42.55 34.61 26.06
N GLY C 235 43.25 34.91 24.97
CA GLY C 235 43.95 33.87 24.23
C GLY C 235 43.07 32.86 23.55
N GLU C 236 41.79 33.16 23.38
CA GLU C 236 40.85 32.25 22.72
C GLU C 236 40.81 32.55 21.23
N LYS C 237 40.66 31.50 20.42
CA LYS C 237 40.54 31.63 18.98
C LYS C 237 40.19 30.28 18.39
N LEU C 238 39.64 30.30 17.19
CA LEU C 238 39.39 29.08 16.45
C LEU C 238 40.67 28.55 15.82
N SER C 239 40.87 27.24 15.88
CA SER C 239 41.91 26.63 15.08
C SER C 239 41.55 26.71 13.61
N ASP C 240 42.52 26.45 12.74
CA ASP C 240 42.25 26.43 11.32
C ASP C 240 41.11 25.47 11.00
N ASP C 241 41.18 24.25 11.54
CA ASP C 241 40.12 23.27 11.30
C ASP C 241 38.78 23.78 11.83
N GLU C 242 38.77 24.38 13.01
CA GLU C 242 37.52 24.85 13.60
C GLU C 242 36.89 25.93 12.72
N PHE C 243 37.72 26.79 12.11
CA PHE C 243 37.18 27.79 11.21
C PHE C 243 36.60 27.17 9.95
N GLY C 244 37.23 26.10 9.46
CA GLY C 244 36.65 25.38 8.34
C GLY C 244 35.29 24.80 8.67
N PHE C 245 35.15 24.22 9.87
CA PHE C 245 33.87 23.65 10.27
C PHE C 245 32.84 24.74 10.58
N PHE C 246 33.29 25.92 10.99
CA PHE C 246 32.37 27.04 11.18
C PHE C 246 31.78 27.49 9.85
N VAL C 247 32.62 27.68 8.84
CA VAL C 247 32.11 28.03 7.52
C VAL C 247 31.13 26.97 7.03
N VAL C 248 31.47 25.70 7.21
CA VAL C 248 30.54 24.64 6.81
C VAL C 248 29.22 24.77 7.55
N MET C 249 29.27 25.09 8.85
CA MET C 249 28.04 25.24 9.63
CA MET C 249 28.05 25.24 9.63
C MET C 249 27.17 26.36 9.08
N LEU C 250 27.78 27.52 8.83
CA LEU C 250 27.00 28.63 8.28
C LEU C 250 26.36 28.23 6.95
N ALA C 251 27.20 27.79 6.00
CA ALA C 251 26.69 27.42 4.68
C ALA C 251 25.49 26.48 4.78
N VAL C 252 25.50 25.58 5.75
CA VAL C 252 24.39 24.64 5.90
C VAL C 252 23.30 25.17 6.82
N ALA C 253 23.57 26.21 7.61
CA ALA C 253 22.65 26.67 8.63
C ALA C 253 21.88 27.92 8.25
N GLY C 254 22.48 28.83 7.48
CA GLY C 254 21.85 30.10 7.21
C GLY C 254 21.50 30.31 5.76
N ASN C 255 21.25 29.23 5.04
CA ASN C 255 20.96 29.34 3.62
C ASN C 255 19.53 28.92 3.32
N GLU C 256 19.32 27.63 3.15
CA GLU C 256 17.97 27.12 2.87
C GLU C 256 16.96 27.61 3.89
N THR C 257 17.35 27.68 5.16
CA THR C 257 16.41 28.08 6.20
C THR C 257 15.79 29.43 5.89
N THR C 258 16.63 30.46 5.73
CA THR C 258 16.12 31.80 5.46
C THR C 258 15.42 31.84 4.11
N ARG C 259 16.01 31.20 3.10
CA ARG C 259 15.35 31.08 1.80
C ARG C 259 13.92 30.62 1.95
N ASN C 260 13.70 29.54 2.70
CA ASN C 260 12.37 28.97 2.80
C ASN C 260 11.45 29.82 3.65
N SER C 261 12.00 30.60 4.59
CA SER C 261 11.17 31.57 5.30
CA SER C 261 11.17 31.56 5.30
C SER C 261 10.67 32.66 4.36
N ILE C 262 11.47 33.03 3.36
CA ILE C 262 11.05 34.05 2.41
C ILE C 262 9.96 33.50 1.50
N THR C 263 10.21 32.34 0.89
CA THR C 263 9.22 31.75 0.00
C THR C 263 7.90 31.51 0.73
N GLN C 264 7.95 30.89 1.90
CA GLN C 264 6.72 30.56 2.60
C GLN C 264 6.10 31.77 3.27
N GLY C 265 6.90 32.78 3.59
CA GLY C 265 6.32 34.05 3.99
C GLY C 265 5.51 34.68 2.89
N MET C 266 6.00 34.59 1.65
CA MET C 266 5.26 35.20 0.55
C MET C 266 4.06 34.35 0.16
N MET C 267 4.14 33.03 0.31
CA MET C 267 2.94 32.22 0.14
C MET C 267 1.89 32.58 1.18
N ALA C 268 2.32 32.83 2.41
CA ALA C 268 1.37 33.26 3.44
C ALA C 268 0.72 34.57 3.05
N PHE C 269 1.52 35.52 2.53
CA PHE C 269 0.95 36.80 2.12
C PHE C 269 -0.05 36.64 0.98
N ALA C 270 0.25 35.76 0.02
CA ALA C 270 -0.69 35.55 -1.09
C ALA C 270 -1.98 34.91 -0.59
N GLU C 271 -1.88 34.01 0.39
CA GLU C 271 -3.06 33.37 0.95
C GLU C 271 -3.84 34.30 1.89
N HIS C 272 -3.19 35.33 2.43
CA HIS C 272 -3.82 36.26 3.36
C HIS C 272 -3.60 37.69 2.87
N PRO C 273 -4.29 38.08 1.80
CA PRO C 273 -4.01 39.40 1.20
C PRO C 273 -4.16 40.56 2.17
N ASP C 274 -5.01 40.44 3.19
CA ASP C 274 -5.14 41.52 4.16
C ASP C 274 -3.84 41.75 4.92
N GLN C 275 -3.05 40.69 5.13
CA GLN C 275 -1.77 40.83 5.83
C GLN C 275 -0.69 41.41 4.93
N TRP C 276 -0.74 41.11 3.63
CA TRP C 276 0.19 41.74 2.70
C TRP C 276 -0.08 43.22 2.55
N GLU C 277 -1.36 43.60 2.45
CA GLU C 277 -1.70 45.02 2.36
C GLU C 277 -1.27 45.75 3.63
N LEU C 278 -1.45 45.12 4.78
CA LEU C 278 -0.99 45.71 6.03
C LEU C 278 0.53 45.81 6.07
N TYR C 279 1.22 44.77 5.58
CA TYR C 279 2.68 44.83 5.58
C TYR C 279 3.18 45.99 4.73
N LYS C 280 2.70 46.09 3.48
CA LYS C 280 3.12 47.17 2.61
C LYS C 280 2.86 48.54 3.23
N LYS C 281 1.80 48.65 4.02
CA LYS C 281 1.46 49.94 4.62
C LYS C 281 2.35 50.26 5.82
N VAL C 282 2.61 49.27 6.67
CA VAL C 282 3.18 49.52 7.98
C VAL C 282 4.60 48.97 8.13
N ARG C 283 4.97 47.94 7.38
CA ARG C 283 6.27 47.29 7.50
C ARG C 283 6.59 46.99 8.97
N PRO C 284 5.74 46.21 9.65
CA PRO C 284 5.90 46.06 11.10
C PRO C 284 7.09 45.19 11.47
N GLU C 285 7.77 45.55 12.55
CA GLU C 285 8.91 44.77 13.05
C GLU C 285 8.49 43.44 13.64
N THR C 286 7.20 43.19 13.81
CA THR C 286 6.71 41.89 14.25
C THR C 286 6.53 40.91 13.10
N ALA C 287 6.63 41.37 11.85
CA ALA C 287 6.31 40.52 10.72
C ALA C 287 7.31 39.38 10.55
N ALA C 288 8.60 39.67 10.71
CA ALA C 288 9.61 38.64 10.51
C ALA C 288 9.33 37.42 11.39
N ASP C 289 9.00 37.66 12.67
CA ASP C 289 8.82 36.54 13.58
C ASP C 289 7.57 35.74 13.26
N GLU C 290 6.52 36.39 12.78
CA GLU C 290 5.34 35.64 12.37
C GLU C 290 5.64 34.86 11.09
N ILE C 291 6.43 35.45 10.18
CA ILE C 291 6.84 34.74 8.98
C ILE C 291 7.62 33.49 9.34
N VAL C 292 8.49 33.58 10.34
CA VAL C 292 9.28 32.42 10.72
C VAL C 292 8.42 31.38 11.42
N ARG C 293 7.43 31.82 12.22
CA ARG C 293 6.53 30.85 12.84
C ARG C 293 5.72 30.11 11.79
N TRP C 294 5.18 30.86 10.82
CA TRP C 294 4.35 30.27 9.78
C TRP C 294 5.17 29.38 8.85
N ALA C 295 6.40 29.79 8.56
CA ALA C 295 7.23 29.03 7.63
C ALA C 295 7.92 27.86 8.31
N THR C 296 8.30 28.00 9.61
CA THR C 296 9.03 26.95 10.33
C THR C 296 9.94 26.18 9.39
N PRO C 297 11.00 26.82 8.87
CA PRO C 297 11.82 26.17 7.83
C PRO C 297 12.49 24.89 8.29
N VAL C 298 12.81 24.76 9.57
CA VAL C 298 13.26 23.50 10.14
C VAL C 298 12.05 22.84 10.79
N THR C 299 11.57 21.77 10.18
CA THR C 299 10.40 21.08 10.74
C THR C 299 10.73 20.49 12.10
N ALA C 300 11.92 19.88 12.23
CA ALA C 300 12.25 19.18 13.46
C ALA C 300 13.75 18.98 13.60
N PHE C 301 14.24 19.11 14.82
CA PHE C 301 15.56 18.67 15.24
C PHE C 301 15.39 17.69 16.39
N GLN C 302 16.36 16.78 16.56
CA GLN C 302 16.26 15.74 17.56
C GLN C 302 17.32 15.91 18.65
N ARG C 303 17.10 15.21 19.76
CA ARG C 303 18.08 15.05 20.82
C ARG C 303 18.07 13.60 21.27
N THR C 304 19.08 13.22 22.04
CA THR C 304 19.19 11.87 22.60
C THR C 304 19.28 11.96 24.11
N ALA C 305 18.49 11.13 24.80
CA ALA C 305 18.46 11.16 26.25
C ALA C 305 19.71 10.49 26.81
N LEU C 306 20.48 11.23 27.60
CA LEU C 306 21.66 10.71 28.26
C LEU C 306 21.33 9.99 29.58
N ARG C 307 20.08 10.02 30.00
CA ARG C 307 19.64 9.32 31.20
C ARG C 307 18.12 9.31 31.19
N ASP C 308 17.55 8.38 31.95
CA ASP C 308 16.10 8.36 32.14
C ASP C 308 15.61 9.74 32.52
N TYR C 309 14.50 10.16 31.92
CA TYR C 309 13.93 11.49 32.16
C TYR C 309 12.44 11.41 31.92
N GLU C 310 11.66 11.88 32.89
CA GLU C 310 10.20 11.89 32.77
C GLU C 310 9.76 13.23 32.21
N LEU C 311 9.13 13.20 31.04
CA LEU C 311 8.73 14.40 30.31
C LEU C 311 7.21 14.43 30.19
N SER C 312 6.57 15.32 30.95
CA SER C 312 5.12 15.49 30.92
C SER C 312 4.42 14.15 31.10
N GLY C 313 4.86 13.39 32.11
CA GLY C 313 4.25 12.14 32.45
C GLY C 313 4.69 10.95 31.64
N VAL C 314 5.51 11.14 30.61
CA VAL C 314 6.01 10.05 29.79
C VAL C 314 7.45 9.75 30.20
N GLN C 315 7.79 8.47 30.30
CA GLN C 315 9.12 8.07 30.74
C GLN C 315 10.01 7.91 29.50
N ILE C 316 10.96 8.83 29.34
CA ILE C 316 11.99 8.73 28.32
C ILE C 316 13.15 7.93 28.88
N LYS C 317 13.56 6.90 28.16
CA LYS C 317 14.64 6.03 28.61
C LYS C 317 15.97 6.47 28.01
N LYS C 318 17.04 6.20 28.76
CA LYS C 318 18.39 6.51 28.30
C LYS C 318 18.64 5.93 26.91
N GLY C 319 19.28 6.71 26.05
CA GLY C 319 19.61 6.28 24.71
C GLY C 319 18.52 6.45 23.68
N GLN C 320 17.31 6.80 24.10
CA GLN C 320 16.23 7.00 23.15
C GLN C 320 16.26 8.41 22.58
N ARG C 321 15.78 8.55 21.35
CA ARG C 321 15.73 9.83 20.68
C ARG C 321 14.39 10.50 20.93
N VAL C 322 14.42 11.82 21.08
CA VAL C 322 13.23 12.66 21.06
C VAL C 322 13.37 13.60 19.87
N VAL C 323 12.34 13.68 19.04
CA VAL C 323 12.32 14.57 17.89
C VAL C 323 11.37 15.73 18.21
N MET C 324 11.91 16.94 18.22
CA MET C 324 11.13 18.14 18.50
C MET C 324 10.53 18.65 17.20
N PHE C 325 9.21 18.55 17.06
CA PHE C 325 8.54 19.00 15.84
C PHE C 325 8.14 20.46 16.00
N TYR C 326 9.07 21.34 15.64
CA TYR C 326 8.78 22.78 15.65
C TYR C 326 7.52 23.08 14.85
N ARG C 327 7.30 22.36 13.75
CA ARG C 327 6.12 22.59 12.92
C ARG C 327 4.84 22.39 13.74
N SER C 328 4.84 21.42 14.63
CA SER C 328 3.68 21.24 15.50
C SER C 328 3.65 22.28 16.61
N ALA C 329 4.78 22.51 17.29
CA ALA C 329 4.79 23.43 18.42
C ALA C 329 4.37 24.83 18.01
N ASN C 330 4.69 25.24 16.77
CA ASN C 330 4.39 26.60 16.37
C ASN C 330 2.91 26.82 16.10
N PHE C 331 2.10 25.77 16.16
CA PHE C 331 0.65 25.85 16.03
C PHE C 331 -0.04 25.21 17.21
N ASP C 332 0.62 25.24 18.36
CA ASP C 332 0.07 24.71 19.61
C ASP C 332 -1.11 25.56 20.06
N GLU C 333 -2.30 24.93 20.08
CA GLU C 333 -3.52 25.65 20.40
C GLU C 333 -3.52 26.19 21.84
N GLU C 334 -2.79 25.53 22.74
CA GLU C 334 -2.74 26.00 24.13
C GLU C 334 -1.83 27.20 24.33
N VAL C 335 -0.93 27.46 23.40
CA VAL C 335 0.00 28.58 23.50
C VAL C 335 -0.50 29.79 22.72
N PHE C 336 -1.01 29.58 21.52
CA PHE C 336 -1.61 30.62 20.70
C PHE C 336 -3.12 30.46 20.73
N GLN C 337 -3.84 31.57 20.84
CA GLN C 337 -5.29 31.49 20.78
C GLN C 337 -5.76 31.19 19.36
N ASP C 338 -5.06 31.70 18.36
CA ASP C 338 -5.41 31.54 16.95
C ASP C 338 -4.18 31.11 16.17
N PRO C 339 -3.69 29.88 16.42
CA PRO C 339 -2.44 29.45 15.77
C PRO C 339 -2.53 29.45 14.25
N PHE C 340 -3.69 29.14 13.69
CA PHE C 340 -3.84 29.07 12.25
C PHE C 340 -4.16 30.43 11.63
N THR C 341 -4.12 31.50 12.42
CA THR C 341 -4.22 32.84 11.88
C THR C 341 -2.81 33.38 11.61
N PHE C 342 -2.60 33.91 10.40
CA PHE C 342 -1.38 34.61 10.06
C PHE C 342 -1.55 36.07 10.45
N ASN C 343 -0.83 36.49 11.50
CA ASN C 343 -0.98 37.83 12.08
C ASN C 343 0.40 38.46 12.21
N ILE C 344 0.76 39.32 11.24
CA ILE C 344 2.09 39.92 11.24
C ILE C 344 2.30 40.91 12.38
N LEU C 345 1.26 41.22 13.14
CA LEU C 345 1.38 42.03 14.35
C LEU C 345 1.42 41.19 15.61
N ARG C 346 1.53 39.86 15.48
CA ARG C 346 1.51 39.00 16.65
C ARG C 346 2.59 39.40 17.64
N ASN C 347 2.19 39.53 18.91
CA ASN C 347 3.05 40.10 19.94
C ASN C 347 2.35 39.95 21.28
N PRO C 348 2.88 39.12 22.20
CA PRO C 348 4.13 38.34 22.12
C PRO C 348 4.01 37.19 21.13
N ASN C 349 5.15 36.70 20.64
CA ASN C 349 5.21 35.60 19.68
C ASN C 349 6.23 34.60 20.19
N PRO C 350 5.81 33.65 21.03
CA PRO C 350 6.79 32.71 21.59
C PRO C 350 7.08 31.52 20.69
N HIS C 351 7.08 31.75 19.37
CA HIS C 351 7.32 30.65 18.44
C HIS C 351 8.71 30.07 18.64
N VAL C 352 8.87 28.81 18.21
CA VAL C 352 10.15 28.12 18.35
C VAL C 352 10.70 27.79 16.96
N GLY C 353 10.43 28.67 15.99
CA GLY C 353 11.01 28.51 14.67
C GLY C 353 12.53 28.57 14.69
N PHE C 354 13.10 29.35 15.60
CA PHE C 354 14.53 29.36 15.82
C PHE C 354 14.96 28.35 16.87
N GLY C 355 14.06 27.45 17.26
CA GLY C 355 14.32 26.47 18.29
C GLY C 355 13.72 26.90 19.62
N GLY C 356 13.89 26.03 20.61
CA GLY C 356 13.54 26.39 21.97
C GLY C 356 14.69 27.14 22.63
N THR C 357 14.34 28.17 23.39
CA THR C 357 15.35 28.91 24.14
C THR C 357 16.23 27.92 24.89
N GLY C 358 17.55 28.07 24.72
CA GLY C 358 18.48 27.13 25.31
C GLY C 358 19.87 27.37 24.77
N ALA C 359 20.74 26.38 25.03
CA ALA C 359 22.15 26.54 24.68
C ALA C 359 22.35 26.65 23.17
N HIS C 360 21.49 26.01 22.38
CA HIS C 360 21.72 25.92 20.94
C HIS C 360 20.84 26.90 20.14
N TYR C 361 20.13 27.80 20.81
CA TYR C 361 19.23 28.72 20.12
C TYR C 361 19.94 29.39 18.96
N CYS C 362 19.23 29.48 17.83
CA CYS C 362 19.81 29.98 16.60
C CYS C 362 20.57 31.29 16.80
N ILE C 363 21.89 31.23 16.64
CA ILE C 363 22.73 32.40 16.85
C ILE C 363 22.56 33.42 15.74
N GLY C 364 22.04 33.01 14.59
CA GLY C 364 21.86 33.94 13.48
C GLY C 364 20.45 34.47 13.36
N ALA C 365 19.67 34.34 14.42
CA ALA C 365 18.25 34.69 14.34
C ALA C 365 18.07 36.16 13.97
N ASN C 366 18.89 37.04 14.54
CA ASN C 366 18.80 38.45 14.19
C ASN C 366 19.21 38.68 12.73
N LEU C 367 20.20 37.93 12.24
CA LEU C 367 20.59 38.06 10.84
C LEU C 367 19.49 37.56 9.92
N ALA C 368 18.81 36.49 10.31
CA ALA C 368 17.70 35.97 9.52
C ALA C 368 16.54 36.98 9.47
N ARG C 369 16.19 37.55 10.63
CA ARG C 369 15.11 38.52 10.66
C ARG C 369 15.45 39.73 9.77
N MET C 370 16.70 40.20 9.81
CA MET C 370 17.05 41.34 8.98
C MET C 370 17.01 40.97 7.50
N THR C 371 17.47 39.77 7.15
CA THR C 371 17.35 39.31 5.77
C THR C 371 15.89 39.32 5.35
N ILE C 372 15.02 38.74 6.18
CA ILE C 372 13.59 38.69 5.87
C ILE C 372 13.04 40.10 5.73
N ASN C 373 13.30 40.97 6.71
CA ASN C 373 12.77 42.32 6.65
C ASN C 373 13.26 43.05 5.40
N LEU C 374 14.52 42.86 5.05
CA LEU C 374 15.08 43.58 3.90
C LEU C 374 14.49 43.07 2.58
N ILE C 375 14.34 41.76 2.43
CA ILE C 375 13.82 41.26 1.16
C ILE C 375 12.34 41.59 1.03
N PHE C 376 11.57 41.46 2.11
CA PHE C 376 10.14 41.76 1.99
C PHE C 376 9.88 43.25 1.82
N ASN C 377 10.69 44.11 2.44
CA ASN C 377 10.59 45.54 2.14
C ASN C 377 10.85 45.78 0.64
N ALA C 378 11.83 45.07 0.07
CA ALA C 378 12.16 45.25 -1.33
C ALA C 378 11.05 44.70 -2.23
N VAL C 379 10.47 43.55 -1.87
CA VAL C 379 9.32 43.04 -2.61
C VAL C 379 8.18 44.05 -2.57
N ALA C 380 7.88 44.57 -1.37
CA ALA C 380 6.81 45.56 -1.26
C ALA C 380 7.05 46.75 -2.17
N ASP C 381 8.31 47.20 -2.26
CA ASP C 381 8.62 48.41 -3.01
C ASP C 381 8.49 48.20 -4.51
N HIS C 382 8.89 47.03 -5.01
CA HIS C 382 9.08 46.84 -6.45
C HIS C 382 7.99 46.00 -7.11
N MET C 383 7.30 45.14 -6.38
CA MET C 383 6.25 44.29 -6.94
C MET C 383 5.14 44.15 -5.91
N PRO C 384 4.49 45.26 -5.56
CA PRO C 384 3.44 45.21 -4.53
C PRO C 384 2.23 44.38 -4.92
N ASP C 385 2.06 44.08 -6.20
CA ASP C 385 0.85 43.41 -6.69
C ASP C 385 1.12 42.00 -7.20
N LEU C 386 2.23 41.38 -6.80
CA LEU C 386 2.54 40.05 -7.29
C LEU C 386 1.51 39.04 -6.80
N LYS C 387 1.25 38.05 -7.62
CA LYS C 387 0.27 37.00 -7.37
C LYS C 387 0.84 35.68 -7.88
N PRO C 388 0.54 34.57 -7.21
CA PRO C 388 1.07 33.29 -7.68
C PRO C 388 0.37 32.84 -8.96
N ILE C 389 1.13 32.11 -9.78
CA ILE C 389 0.61 31.51 -11.00
C ILE C 389 0.19 30.06 -10.76
N SER C 390 1.07 29.29 -10.13
CA SER C 390 0.86 27.86 -9.94
C SER C 390 1.34 27.47 -8.55
N ALA C 391 1.12 26.21 -8.20
CA ALA C 391 1.38 25.72 -6.85
C ALA C 391 2.86 25.48 -6.62
N PRO C 392 3.33 25.66 -5.39
CA PRO C 392 4.74 25.43 -5.10
C PRO C 392 5.11 23.94 -5.19
N GLU C 393 6.35 23.68 -5.56
CA GLU C 393 6.92 22.34 -5.57
C GLU C 393 7.72 22.14 -4.29
N ARG C 394 7.27 21.22 -3.45
CA ARG C 394 7.88 21.03 -2.15
C ARG C 394 9.12 20.14 -2.24
N LEU C 395 9.98 20.24 -1.23
CA LEU C 395 11.24 19.50 -1.16
C LEU C 395 11.05 18.21 -0.40
N ARG C 396 11.55 17.11 -0.99
CA ARG C 396 11.52 15.80 -0.32
C ARG C 396 12.61 15.80 0.74
N SER C 397 12.20 15.94 2.01
CA SER C 397 13.13 15.92 3.12
C SER C 397 12.36 15.49 4.37
N GLY C 398 13.06 14.82 5.27
CA GLY C 398 12.45 14.39 6.51
C GLY C 398 12.55 15.35 7.66
N TRP C 399 13.14 16.53 7.47
CA TRP C 399 13.33 17.44 8.57
C TRP C 399 13.38 18.90 8.13
N LEU C 400 13.69 19.14 6.87
CA LEU C 400 13.66 20.49 6.32
C LEU C 400 12.35 20.72 5.57
N ASN C 401 11.75 21.87 5.81
CA ASN C 401 10.50 22.27 5.15
C ASN C 401 10.89 23.18 3.99
N GLY C 402 11.00 22.59 2.79
CA GLY C 402 11.62 23.26 1.66
C GLY C 402 10.67 23.46 0.50
N ILE C 403 10.84 24.58 -0.20
CA ILE C 403 10.14 24.88 -1.44
C ILE C 403 11.17 24.99 -2.54
N LYS C 404 11.11 24.08 -3.51
CA LYS C 404 12.08 24.09 -4.60
C LYS C 404 11.75 25.16 -5.64
N HIS C 405 10.47 25.31 -5.99
CA HIS C 405 10.07 26.18 -7.07
C HIS C 405 8.67 26.71 -6.81
N TRP C 406 8.41 27.94 -7.27
CA TRP C 406 7.11 28.57 -7.10
C TRP C 406 6.97 29.64 -8.18
N GLN C 407 6.09 29.41 -9.15
CA GLN C 407 5.92 30.34 -10.26
C GLN C 407 4.98 31.46 -9.85
N VAL C 408 5.41 32.71 -10.05
CA VAL C 408 4.62 33.86 -9.65
C VAL C 408 4.68 34.93 -10.73
N ASP C 409 3.59 35.68 -10.84
CA ASP C 409 3.50 36.87 -11.69
C ASP C 409 3.89 38.07 -10.83
N TYR C 410 5.10 38.59 -11.05
CA TYR C 410 5.61 39.64 -10.18
C TYR C 410 4.84 40.95 -10.35
N THR C 411 4.33 41.23 -11.55
CA THR C 411 3.71 42.50 -11.84
C THR C 411 2.20 42.49 -11.70
N GLY C 412 1.58 41.31 -11.56
CA GLY C 412 0.15 41.22 -11.61
C GLY C 412 -0.45 41.36 -12.99
N ARG C 413 0.37 41.63 -14.00
CA ARG C 413 -0.07 41.76 -15.38
C ARG C 413 0.64 40.78 -16.30
N CYS C 414 1.23 39.73 -15.74
CA CYS C 414 1.90 38.67 -16.51
C CYS C 414 1.48 37.33 -15.94
N PRO C 415 0.23 36.92 -16.16
CA PRO C 415 -0.28 35.68 -15.56
C PRO C 415 0.23 34.40 -16.22
N VAL C 416 1.16 34.48 -17.16
CA VAL C 416 1.68 33.31 -17.85
C VAL C 416 3.02 32.93 -17.23
N ALA C 417 3.17 31.65 -16.88
CA ALA C 417 4.39 31.17 -16.24
C ALA C 417 5.59 31.31 -17.17
CAE 2QC D . -1.66 -30.89 -0.31
CAE 2QC D . -1.48 -30.94 -0.30
CAF 2QC D . -0.80 -31.78 0.30
CAF 2QC D . -0.67 -31.85 0.35
CAK 2QC D . -1.31 -32.83 1.05
CAK 2QC D . -1.24 -32.87 1.09
CAL 2QC D . -0.37 -33.82 1.72
CAL 2QC D . -0.34 -33.88 1.80
NAM 2QC D . 0.29 -33.21 2.86
NAM 2QC D . 0.30 -33.29 2.96
CAJ 2QC D . -2.68 -32.98 1.19
CAJ 2QC D . -2.62 -32.98 1.18
CAI 2QC D . -3.54 -32.07 0.58
CAI 2QC D . -3.42 -32.07 0.53
CAD 2QC D . -3.02 -31.03 -0.17
CAD 2QC D . -2.86 -31.04 -0.21
CAC 2QC D . -3.90 -30.14 -0.78
CAC 2QC D . -3.65 -30.13 -0.87
NAB 2QC D . -5.15 -30.03 -0.39
NAB 2QC D . -3.16 -29.30 -1.78
NAA 2QC D . -5.91 -29.12 -1.06
NAA 2QC D . -4.03 -28.44 -2.37
SAG 2QC D . -4.92 -28.44 -2.24
SAG 2QC D . -5.54 -28.76 -1.69
CAH 2QC D . -3.50 -29.33 -1.83
CAH 2QC D . -5.02 -30.01 -0.63
H1 2QC D . -1.31 -30.18 -0.82
H1 2QC D . -1.10 -30.25 -0.80
H2 2QC D . 0.13 -31.69 0.20
H2 2QC D . 0.26 -31.78 0.29
H3 2QC D . 0.29 -34.10 1.10
H3 2QC D . -0.86 -34.61 2.08
H4 2QC D . -0.85 -34.57 2.00
H4 2QC D . 0.32 -34.17 1.21
H5 2QC D . 0.33 -33.79 3.51
H5 2QC D . 1.11 -33.06 2.76
H6 2QC D . 1.08 -32.95 2.65
H6 2QC D . 0.31 -33.86 3.61
H8 2QC D . -3.02 -33.68 1.70
H8 2QC D . -2.99 -33.67 1.68
H9 2QC D . -4.46 -32.18 0.68
H9 2QC D . -4.35 -32.14 0.59
H11 2QC D . -2.67 -29.28 -2.24
H11 2QC D . -5.53 -30.51 -0.04
CHA HEM E . 3.87 -33.49 0.53
CHB HEM E . 1.16 -36.88 2.71
CHC HEM E . 1.16 -34.35 6.81
CHD HEM E . 3.47 -30.77 4.53
C1A HEM E . 3.14 -34.62 0.76
C2A HEM E . 2.88 -35.68 -0.19
C3A HEM E . 2.14 -36.61 0.42
C4A HEM E . 1.90 -36.18 1.78
CMA HEM E . 1.60 -37.91 -0.19
CAA HEM E . 3.39 -35.72 -1.65
CBA HEM E . 4.72 -36.44 -1.63
CGA HEM E . 5.20 -36.75 -3.03
O1A HEM E . 4.53 -36.30 -4.00
O2A HEM E . 6.25 -37.44 -3.17
C1B HEM E . 0.93 -36.50 4.01
C2B HEM E . 0.20 -37.26 5.00
C3B HEM E . 0.18 -36.55 6.13
C4B HEM E . 0.94 -35.33 5.89
CMB HEM E . -0.48 -38.63 4.73
CAB HEM E . -0.43 -36.90 7.50
CBB HEM E . -0.50 -38.16 7.93
C1C HEM E . 1.81 -33.17 6.55
C2C HEM E . 2.04 -32.10 7.51
C3C HEM E . 2.68 -31.12 6.89
C4C HEM E . 2.86 -31.51 5.51
CMC HEM E . 1.61 -32.19 8.99
CAC HEM E . 3.15 -29.77 7.47
CBC HEM E . 2.61 -29.26 8.60
C1D HEM E . 3.74 -31.18 3.25
C2D HEM E . 4.34 -30.36 2.21
C3D HEM E . 4.45 -31.10 1.10
C4D HEM E . 3.92 -32.43 1.40
CMD HEM E . 4.72 -28.88 2.40
CAD HEM E . 5.01 -30.68 -0.27
CBD HEM E . 6.49 -31.03 -0.32
CGD HEM E . 7.07 -30.71 -1.68
O1D HEM E . 6.28 -30.61 -2.66
O2D HEM E . 8.32 -30.58 -1.80
NA HEM E . 2.53 -34.96 1.96
NB HEM E . 1.37 -35.34 4.60
NC HEM E . 2.32 -32.77 5.32
ND HEM E . 3.51 -32.43 2.72
FE HEM E . 2.57 -33.95 3.72
HHB HEM E . 0.76 -37.73 2.41
HHC HEM E . 0.86 -34.50 7.72
HHD HEM E . 3.74 -29.85 4.76
HMA HEM E . 1.10 -38.41 0.49
HMAA HEM E . 2.35 -38.47 -0.50
HMAB HEM E . 1.01 -37.71 -0.94
HAA HEM E . 3.50 -34.82 -1.99
HAAA HEM E . 2.76 -36.19 -2.22
HBA HEM E . 4.63 -37.28 -1.15
HBAA HEM E . 5.39 -35.88 -1.19
HMB HEM E . -0.99 -38.58 3.92
HMBA HEM E . -1.07 -38.85 5.47
HMBB HEM E . 0.21 -39.31 4.65
HAB HEM E . -0.78 -36.21 8.05
HBB HEM E . -0.89 -38.37 8.79
HBBA HEM E . -0.14 -38.87 7.38
HMC HEM E . 2.22 -31.66 9.53
HMCA HEM E . 1.64 -33.11 9.29
HMCB HEM E . 0.71 -31.84 9.10
HAC HEM E . 3.84 -29.27 7.02
HBC HEM E . 2.92 -28.41 8.94
HBCA HEM E . 1.91 -29.75 9.06
HMD HEM E . 5.39 -28.63 1.73
HMDA HEM E . 5.11 -28.75 3.29
HMDB HEM E . 3.93 -28.32 2.30
HAD HEM E . 4.90 -29.72 -0.39
HADA HEM E . 4.54 -31.15 -0.97
HBD HEM E . 6.60 -31.97 -0.14
HBDA HEM E . 6.97 -30.52 0.35
HHA HEM E . 4.38 -33.43 -0.30
S SO4 F . -7.12 -53.43 -20.82
O1 SO4 F . -6.96 -52.06 -20.34
O2 SO4 F . -6.68 -53.51 -22.21
O3 SO4 F . -8.54 -53.80 -20.75
O4 SO4 F . -6.34 -54.34 -19.99
S SO4 G . 12.81 -45.31 -21.42
O1 SO4 G . 13.76 -46.06 -22.23
O2 SO4 G . 13.35 -43.98 -21.14
O3 SO4 G . 11.54 -45.20 -22.13
O4 SO4 G . 12.59 -45.99 -20.14
S SO4 H . 14.90 -32.20 2.11
O1 SO4 H . 14.20 -30.93 2.21
O2 SO4 H . 16.14 -32.13 2.86
O3 SO4 H . 14.05 -33.27 2.65
O4 SO4 H . 15.19 -32.49 0.70
S SO4 I . -7.06 -58.14 16.39
O1 SO4 I . -7.60 -58.02 15.04
O2 SO4 I . -5.93 -57.24 16.55
O3 SO4 I . -6.59 -59.52 16.60
O4 SO4 I . -8.09 -57.83 17.37
CL CL J . 6.00 -55.69 6.35
CL CL K . -20.79 -33.21 -12.68
CL CL L . -6.37 -31.62 -19.73
CAE 2QC M . -16.56 13.23 -14.00
CAE 2QC M . -16.55 13.28 -14.04
CAF 2QC M . -16.70 11.94 -13.51
CAF 2QC M . -16.68 11.98 -13.56
CAK 2QC M . -17.84 11.20 -13.81
CAK 2QC M . -17.81 11.25 -13.86
CAL 2QC M . -18.00 9.78 -13.28
CAL 2QC M . -17.97 9.82 -13.35
NAM 2QC M . -17.66 8.81 -14.30
NAM 2QC M . -17.66 8.86 -14.40
CAJ 2QC M . -18.83 11.77 -14.60
CAJ 2QC M . -18.82 11.81 -14.64
CAI 2QC M . -18.68 13.06 -15.09
CAI 2QC M . -18.68 13.11 -15.11
CAD 2QC M . -17.55 13.79 -14.78
CAD 2QC M . -17.56 13.84 -14.81
CAC 2QC M . -17.40 15.08 -15.27
CAC 2QC M . -17.43 15.15 -15.28
NAB 2QC M . -18.44 15.90 -15.43
NAB 2QC M . -16.26 15.66 -15.65
NAA 2QC M . -18.16 17.14 -15.90
NAA 2QC M . -16.27 16.95 -16.08
SAG 2QC M . -16.49 17.22 -16.13
SAG 2QC M . -17.88 17.47 -16.00
CAH 2QC M . -16.16 15.61 -15.60
CAH 2QC M . -18.52 15.99 -15.39
H1 2QC M . -15.80 13.72 -13.79
H1 2QC M . -15.79 13.78 -13.83
H2 2QC M . -16.04 11.57 -12.98
H2 2QC M . -16.01 11.61 -13.05
H3 2QC M . -17.44 9.67 -12.54
H3 2QC M . -17.37 9.69 -12.63
H4 2QC M . -18.89 9.65 -13.02
H4 2QC M . -18.85 9.69 -13.05
H5 2QC M . -18.39 8.45 -14.62
H5 2QC M . -17.21 8.20 -14.07
H6 2QC M . -17.17 8.18 -13.95
H6 2QC M . -18.40 8.57 -14.74
H8 2QC M . -19.60 11.28 -14.81
H8 2QC M . -19.58 11.32 -14.84
H9 2QC M . -19.35 13.43 -15.62
H9 2QC M . -19.36 13.48 -15.63
H11 2QC M . -15.33 15.19 -15.55
H11 2QC M . -19.41 15.80 -15.18
CHA HEM N . -21.68 7.76 -13.20
CHB HEM N . -17.33 6.92 -11.26
CHC HEM N . -15.78 5.08 -15.48
CHD HEM N . -19.88 6.64 -17.55
C1A HEM N . -20.65 7.68 -12.30
C2A HEM N . -20.71 8.06 -10.91
C3A HEM N . -19.51 7.82 -10.37
C4A HEM N . -18.64 7.29 -11.41
CMA HEM N . -19.13 8.09 -8.90
CAA HEM N . -21.95 8.63 -10.19
CBA HEM N . -22.60 7.49 -9.42
CGA HEM N . -23.75 7.98 -8.57
O1A HEM N . -24.39 7.13 -7.89
O2A HEM N . -24.01 9.21 -8.56
C1B HEM N . -16.54 6.33 -12.22
C2B HEM N . -15.19 5.84 -12.03
C3B HEM N . -14.75 5.36 -13.21
C4B HEM N . -15.83 5.49 -14.16
CMB HEM N . -14.41 5.93 -10.70
CAB HEM N . -13.39 4.70 -13.52
CBB HEM N . -12.67 4.11 -12.57
C1C HEM N . -16.75 5.34 -16.42
C2C HEM N . -16.70 5.00 -17.82
C3C HEM N . -17.83 5.43 -18.39
C4C HEM N . -18.64 6.07 -17.38
CMC HEM N . -15.50 4.26 -18.46
CAC HEM N . -18.29 5.33 -19.88
CBC HEM N . -17.46 4.95 -20.84
C1D HEM N . -20.73 7.09 -16.57
C2D HEM N . -22.05 7.67 -16.75
C3D HEM N . -22.55 7.97 -15.55
C4D HEM N . -21.56 7.61 -14.56
CMD HEM N . -22.77 7.87 -18.11
CAD HEM N . -23.93 8.60 -15.24
CBD HEM N . -24.93 7.51 -14.89
CGD HEM N . -26.26 8.11 -14.49
O1D HEM N . -26.29 9.28 -14.05
O2D HEM N . -27.30 7.40 -14.59
NA HEM N . -19.37 7.21 -12.58
NB HEM N . -16.90 6.09 -13.54
NC HEM N . -17.95 5.99 -16.18
ND HEM N . -20.46 7.09 -15.22
FE HEM N . -18.69 6.53 -14.37
HHB HEM N . -16.91 7.10 -10.39
HHC HEM N . -15.00 4.57 -15.77
HHD HEM N . -20.19 6.74 -18.48
HMA HEM N . -18.19 7.85 -8.75
HMAA HEM N . -19.70 7.56 -8.31
HMAB HEM N . -19.25 9.05 -8.70
HAA HEM N . -22.57 8.99 -10.84
HAAA HEM N . -21.67 9.33 -9.57
HBA HEM N . -21.93 7.08 -8.84
HBAA HEM N . -22.93 6.83 -10.05
HMB HEM N . -14.66 6.75 -10.23
HMBA HEM N . -13.47 5.94 -10.88
HMBB HEM N . -14.63 5.16 -10.14
HAB HEM N . -13.06 4.72 -14.42
HBB HEM N . -11.82 3.71 -12.79
HBBA HEM N . -13.00 4.09 -11.66
HMC HEM N . -15.82 3.70 -19.18
HMCA HEM N . -15.07 3.70 -17.80
HMCB HEM N . -14.87 4.90 -18.81
HAC HEM N . -19.19 5.55 -20.10
HBC HEM N . -17.77 4.90 -21.76
HBCA HEM N . -16.53 4.72 -20.63
HMD HEM N . -22.21 8.44 -18.69
HMDA HEM N . -23.63 8.32 -17.97
HMDB HEM N . -22.91 7.01 -18.54
HAD HEM N . -24.23 9.10 -16.01
HADA HEM N . -23.84 9.21 -14.48
HBD HEM N . -24.59 6.97 -14.16
HBDA HEM N . -25.07 6.94 -15.68
HHA HEM N . -22.57 7.96 -12.85
S SO4 O . -5.85 28.68 -5.14
O1 SO4 O . -5.62 29.81 -6.03
O2 SO4 O . -5.06 28.83 -3.93
O3 SO4 O . -7.27 28.62 -4.80
O4 SO4 O . -5.46 27.43 -5.81
S SO4 P . -11.57 30.32 -7.58
O1 SO4 P . -11.88 31.71 -7.28
O2 SO4 P . -10.11 30.14 -7.59
O3 SO4 P . -12.16 29.44 -6.57
O4 SO4 P . -12.11 29.98 -8.90
S SO4 Q . -3.57 3.74 -34.80
O1 SO4 Q . -3.35 4.47 -36.04
O2 SO4 Q . -3.93 4.70 -33.75
O3 SO4 Q . -2.34 3.05 -34.43
O4 SO4 Q . -4.65 2.78 -34.97
CAE 2QC R . 20.52 23.10 8.79
CAE 2QC R . 20.34 23.23 8.69
CAF 2QC R . 19.88 24.12 9.48
CAF 2QC R . 19.68 24.23 9.39
CAK 2QC R . 20.45 24.65 10.61
CAK 2QC R . 20.20 24.70 10.58
CAL 2QC R . 19.74 25.77 11.37
CAL 2QC R . 19.48 25.80 11.35
NAM 2QC R . 20.59 26.94 11.45
NAM 2QC R . 20.36 26.95 11.50
CAJ 2QC R . 21.66 24.16 11.08
CAJ 2QC R . 21.39 24.19 11.06
CAI 2QC R . 22.30 23.14 10.39
CAI 2QC R . 22.06 23.19 10.37
CAD 2QC R . 21.73 22.60 9.25
CAD 2QC R . 21.53 22.70 9.18
CAC 2QC R . 22.37 21.58 8.57
CAC 2QC R . 22.20 21.71 8.49
NAB 2QC R . 22.11 21.31 7.29
NAB 2QC R . 23.23 21.08 9.02
NAA 2QC R . 22.79 20.28 6.73
NAA 2QC R . 23.81 20.11 8.25
SAG 2QC R . 23.80 19.66 7.93
SAG 2QC R . 22.95 20.06 6.81
CAH 2QC R . 23.31 20.76 9.17
CAH 2QC R . 21.83 21.31 7.21
H1 2QC R . 20.14 22.74 8.03
H1 2QC R . 19.99 22.91 7.89
H2 2QC R . 19.07 24.45 9.16
H2 2QC R . 18.88 24.58 9.05
H3 2QC R . 18.94 25.99 10.93
H3 2QC R . 18.71 26.06 10.89
H4 2QC R . 19.54 25.48 12.25
H4 2QC R . 19.25 25.48 12.20
H5 2QC R . 20.82 27.18 10.64
H5 2QC R . 20.85 27.03 10.78
H6 2QC R . 20.16 27.59 11.82
H6 2QC R . 19.88 27.66 11.61
H8 2QC R . 22.04 24.51 11.85
H8 2QC R . 21.74 24.51 11.86
H9 2QC R . 23.11 22.81 10.71
H9 2QC R . 22.85 22.84 10.70
H11 2QC R . 23.62 20.80 10.04
H11 2QC R . 21.13 21.64 6.69
CHA HEM S . 20.78 26.82 14.98
CHB HEM S . 16.58 27.75 12.72
CHC HEM S . 18.81 31.20 10.13
CHD HEM S . 23.07 29.98 12.08
C1A HEM S . 19.45 26.79 14.63
C2A HEM S . 18.43 25.96 15.22
C3A HEM S . 17.27 26.21 14.59
C4A HEM S . 17.51 27.22 13.57
CMA HEM S . 15.90 25.56 14.88
CAA HEM S . 18.63 24.94 16.37
CBA HEM S . 18.20 25.59 17.69
CGA HEM S . 18.28 24.59 18.83
O1A HEM S . 17.92 24.99 19.97
O2A HEM S . 18.71 23.43 18.61
C1B HEM S . 16.81 28.78 11.83
C2B HEM S . 15.82 29.43 10.98
C3B HEM S . 16.45 30.38 10.25
C4B HEM S . 17.84 30.36 10.64
CMB HEM S . 14.32 29.06 10.92
CAB HEM S . 15.88 31.38 9.23
CBB HEM S . 14.59 31.76 9.23
C1C HEM S . 20.14 31.17 10.43
C2C HEM S . 21.16 32.04 9.86
C3C HEM S . 22.34 31.70 10.40
C4C HEM S . 22.11 30.60 11.32
CMC HEM S . 20.86 33.15 8.82
CAC HEM S . 23.73 32.30 10.12
CBC HEM S . 23.97 33.02 9.03
C1D HEM S . 22.84 29.01 13.02
C2D HEM S . 23.83 28.34 13.83
C3D HEM S . 23.21 27.47 14.64
C4D HEM S . 21.78 27.56 14.36
CMD HEM S . 25.36 28.59 13.78
CAD HEM S . 23.85 26.53 15.67
CBD HEM S . 23.79 27.20 17.04
CGD HEM S . 24.34 26.32 18.12
O1D HEM S . 24.62 26.84 19.23
O2D HEM S . 24.50 25.09 17.88
NA HEM S . 18.85 27.54 13.63
NB HEM S . 18.02 29.38 11.59
NC HEM S . 20.76 30.32 11.32
ND HEM S . 21.60 28.51 13.37
FE HEM S . 19.80 29.02 12.60
HHB HEM S . 15.68 27.37 12.74
HHC HEM S . 18.51 31.88 9.49
HHD HEM S . 24.00 30.24 11.92
HMA HEM S . 15.23 25.94 14.27
HMAA HEM S . 15.64 25.75 15.81
HMAB HEM S . 15.96 24.60 14.74
HAA HEM S . 19.56 24.69 16.43
HAAA HEM S . 18.09 24.15 16.21
HBA HEM S . 17.29 25.90 17.61
HBAA HEM S . 18.78 26.34 17.88
HMB HEM S . 14.23 28.10 10.94
HMBA HEM S . 13.92 29.42 10.12
HMBB HEM S . 13.87 29.44 11.70
HAB HEM S . 16.45 31.74 8.55
HBB HEM S . 14.27 32.39 8.57
HBBA HEM S . 13.99 31.41 9.91
HMC HEM S . 21.49 33.87 8.93
HMCA HEM S . 19.96 33.48 8.95
HMCB HEM S . 20.94 32.78 7.93
HAC HEM S . 24.44 32.16 10.75
HBC HEM S . 24.85 33.39 8.87
HBCA HEM S . 23.26 33.18 8.38
HMD HEM S . 25.81 28.08 14.47
HMDA HEM S . 25.54 29.55 13.90
HMDB HEM S . 25.71 28.32 12.90
HAD HEM S . 24.77 26.36 15.43
HADA HEM S . 23.37 25.69 15.71
HBD HEM S . 22.86 27.41 17.24
HBDA HEM S . 24.31 28.02 17.01
HHA HEM S . 21.05 26.27 15.74
S SO4 T . 9.48 8.32 -2.02
O1 SO4 T . 9.61 9.78 -1.96
O2 SO4 T . 10.16 7.83 -3.21
O3 SO4 T . 8.06 7.96 -2.07
O4 SO4 T . 10.10 7.73 -0.83
CL CL U . 16.09 6.76 1.62
#